data_5D4A
# 
_entry.id   5D4A 
# 
_audit_conform.dict_name       mmcif_pdbx.dic 
_audit_conform.dict_version    5.380 
_audit_conform.dict_location   http://mmcif.pdb.org/dictionaries/ascii/mmcif_pdbx.dic 
# 
loop_
_database_2.database_id 
_database_2.database_code 
_database_2.pdbx_database_accession 
_database_2.pdbx_DOI 
PDB   5D4A         pdb_00005d4a 10.2210/pdb5d4a/pdb 
WWPDB D_1000212644 ?            ?                   
# 
loop_
_pdbx_database_related.db_name 
_pdbx_database_related.details 
_pdbx_database_related.db_id 
_pdbx_database_related.content_type 
PDB . 5D45 unspecified 
PDB . 5D47 unspecified 
PDB . 5D48 unspecified 
# 
_pdbx_database_status.status_code                     REL 
_pdbx_database_status.status_code_sf                  REL 
_pdbx_database_status.status_code_mr                  ? 
_pdbx_database_status.entry_id                        5D4A 
_pdbx_database_status.recvd_initial_deposition_date   2015-08-07 
_pdbx_database_status.SG_entry                        N 
_pdbx_database_status.deposit_site                    RCSB 
_pdbx_database_status.process_site                    PDBJ 
_pdbx_database_status.status_code_cs                  ? 
_pdbx_database_status.methods_development_category    ? 
_pdbx_database_status.pdb_format_compatible           Y 
_pdbx_database_status.status_code_nmr_data            ? 
# 
loop_
_audit_author.name 
_audit_author.pdbx_ordinal 
'Tagami, U.'    1  
'Takahashi, K.' 2  
'Igarashi, S.'  3  
'Ejima, C.'     4  
'Yoshida, T.'   5  
'Takeshita, S.' 6  
'Miyanaga, W.'  7  
'Sugiki, M.'    8  
'Tokumasu, M.'  9  
'Hatanaka, T.'  10 
'Kashiwagi, T.' 11 
'Ishikawa, K.'  12 
'Miyano, H.'    13 
'Mizukoshi, T.' 14 
# 
_citation.abstract                  ? 
_citation.abstract_id_CAS           ? 
_citation.book_id_ISBN              ? 
_citation.book_publisher            ? 
_citation.book_publisher_city       ? 
_citation.book_title                ? 
_citation.coordinate_linkage        ? 
_citation.country                   US 
_citation.database_id_Medline       ? 
_citation.details                   ? 
_citation.id                        primary 
_citation.journal_abbrev            'Acs Med.Chem.Lett.' 
_citation.journal_id_ASTM           ? 
_citation.journal_id_CSD            ? 
_citation.journal_id_ISSN           1948-5875 
_citation.journal_full              ? 
_citation.journal_issue             ? 
_citation.journal_volume            7 
_citation.language                  ? 
_citation.page_first                435 
_citation.page_last                 439 
_citation.title                     
'Interaction Analysis of FABP4 Inhibitors by X-ray Crystallography and Fragment Molecular Orbital Analysis' 
_citation.year                      2016 
_citation.database_id_CSD           ? 
_citation.pdbx_database_id_DOI      10.1021/acsmedchemlett.6b00040 
_citation.pdbx_database_id_PubMed   27096055 
_citation.unpublished_flag          ? 
# 
loop_
_citation_author.citation_id 
_citation_author.name 
_citation_author.ordinal 
_citation_author.identifier_ORCID 
primary 'Tagami, U.'    1  ? 
primary 'Takahashi, K.' 2  ? 
primary 'Igarashi, S.'  3  ? 
primary 'Ejima, C.'     4  ? 
primary 'Yoshida, T.'   5  ? 
primary 'Takeshita, S.' 6  ? 
primary 'Miyanaga, W.'  7  ? 
primary 'Sugiki, M.'    8  ? 
primary 'Tokumasu, M.'  9  ? 
primary 'Hatanaka, T.'  10 ? 
primary 'Kashiwagi, T.' 11 ? 
primary 'Ishikawa, K.'  12 ? 
primary 'Miyano, H.'    13 ? 
primary 'Mizukoshi, T.' 14 ? 
# 
_cell.entry_id           5D4A 
_cell.length_a           32.161 
_cell.length_b           53.719 
_cell.length_c           74.291 
_cell.angle_alpha        90.00 
_cell.angle_beta         90.00 
_cell.angle_gamma        90.00 
_cell.Z_PDB              4 
_cell.pdbx_unique_axis   ? 
# 
_symmetry.entry_id                         5D4A 
_symmetry.space_group_name_H-M             'P 21 21 21' 
_symmetry.pdbx_full_space_group_name_H-M   ? 
_symmetry.cell_setting                     ? 
_symmetry.Int_Tables_number                19 
# 
loop_
_entity.id 
_entity.type 
_entity.src_method 
_entity.pdbx_description 
_entity.formula_weight 
_entity.pdbx_number_of_molecules 
_entity.pdbx_ec 
_entity.pdbx_mutation 
_entity.pdbx_fragment 
_entity.details 
1 polymer     man 'Fatty acid-binding protein, adipocyte'    16911.268 1   ? ? ? ? 
2 non-polymer syn '3-(2-phenyl-1H-indol-1-yl)propanoic acid' 265.306   1   ? ? ? ? 
3 water       nat water                                      18.015    113 ? ? ? ? 
# 
_entity_name_com.entity_id   1 
_entity_name_com.name        
'Adipocyte lipid-binding protein,ALBP,Adipocyte-type fatty acid-binding protein,AFABP,Fatty acid-binding protein 4' 
# 
_entity_poly.entity_id                      1 
_entity_poly.type                           'polypeptide(L)' 
_entity_poly.nstd_linkage                   no 
_entity_poly.nstd_monomer                   no 
_entity_poly.pdbx_seq_one_letter_code       
;MGSSHHHHHHSSGLVPRGSHMCDAFVGTWKLVSSENFDDYMKEVGVGFATRKVAGMAKPNMIISVNGDVITIKSESTFKN
TEISFILGQEFDEVTADDRKVKSTITLDGGVLVHVQKWDGKSTTIKRKREDDKLVVECVMKGVTSTRVYERA
;
_entity_poly.pdbx_seq_one_letter_code_can   
;MGSSHHHHHHSSGLVPRGSHMCDAFVGTWKLVSSENFDDYMKEVGVGFATRKVAGMAKPNMIISVNGDVITIKSESTFKN
TEISFILGQEFDEVTADDRKVKSTITLDGGVLVHVQKWDGKSTTIKRKREDDKLVVECVMKGVTSTRVYERA
;
_entity_poly.pdbx_strand_id                 A 
_entity_poly.pdbx_target_identifier         ? 
# 
loop_
_entity_poly_seq.entity_id 
_entity_poly_seq.num 
_entity_poly_seq.mon_id 
_entity_poly_seq.hetero 
1 1   MET n 
1 2   GLY n 
1 3   SER n 
1 4   SER n 
1 5   HIS n 
1 6   HIS n 
1 7   HIS n 
1 8   HIS n 
1 9   HIS n 
1 10  HIS n 
1 11  SER n 
1 12  SER n 
1 13  GLY n 
1 14  LEU n 
1 15  VAL n 
1 16  PRO n 
1 17  ARG n 
1 18  GLY n 
1 19  SER n 
1 20  HIS n 
1 21  MET n 
1 22  CYS n 
1 23  ASP n 
1 24  ALA n 
1 25  PHE n 
1 26  VAL n 
1 27  GLY n 
1 28  THR n 
1 29  TRP n 
1 30  LYS n 
1 31  LEU n 
1 32  VAL n 
1 33  SER n 
1 34  SER n 
1 35  GLU n 
1 36  ASN n 
1 37  PHE n 
1 38  ASP n 
1 39  ASP n 
1 40  TYR n 
1 41  MET n 
1 42  LYS n 
1 43  GLU n 
1 44  VAL n 
1 45  GLY n 
1 46  VAL n 
1 47  GLY n 
1 48  PHE n 
1 49  ALA n 
1 50  THR n 
1 51  ARG n 
1 52  LYS n 
1 53  VAL n 
1 54  ALA n 
1 55  GLY n 
1 56  MET n 
1 57  ALA n 
1 58  LYS n 
1 59  PRO n 
1 60  ASN n 
1 61  MET n 
1 62  ILE n 
1 63  ILE n 
1 64  SER n 
1 65  VAL n 
1 66  ASN n 
1 67  GLY n 
1 68  ASP n 
1 69  VAL n 
1 70  ILE n 
1 71  THR n 
1 72  ILE n 
1 73  LYS n 
1 74  SER n 
1 75  GLU n 
1 76  SER n 
1 77  THR n 
1 78  PHE n 
1 79  LYS n 
1 80  ASN n 
1 81  THR n 
1 82  GLU n 
1 83  ILE n 
1 84  SER n 
1 85  PHE n 
1 86  ILE n 
1 87  LEU n 
1 88  GLY n 
1 89  GLN n 
1 90  GLU n 
1 91  PHE n 
1 92  ASP n 
1 93  GLU n 
1 94  VAL n 
1 95  THR n 
1 96  ALA n 
1 97  ASP n 
1 98  ASP n 
1 99  ARG n 
1 100 LYS n 
1 101 VAL n 
1 102 LYS n 
1 103 SER n 
1 104 THR n 
1 105 ILE n 
1 106 THR n 
1 107 LEU n 
1 108 ASP n 
1 109 GLY n 
1 110 GLY n 
1 111 VAL n 
1 112 LEU n 
1 113 VAL n 
1 114 HIS n 
1 115 VAL n 
1 116 GLN n 
1 117 LYS n 
1 118 TRP n 
1 119 ASP n 
1 120 GLY n 
1 121 LYS n 
1 122 SER n 
1 123 THR n 
1 124 THR n 
1 125 ILE n 
1 126 LYS n 
1 127 ARG n 
1 128 LYS n 
1 129 ARG n 
1 130 GLU n 
1 131 ASP n 
1 132 ASP n 
1 133 LYS n 
1 134 LEU n 
1 135 VAL n 
1 136 VAL n 
1 137 GLU n 
1 138 CYS n 
1 139 VAL n 
1 140 MET n 
1 141 LYS n 
1 142 GLY n 
1 143 VAL n 
1 144 THR n 
1 145 SER n 
1 146 THR n 
1 147 ARG n 
1 148 VAL n 
1 149 TYR n 
1 150 GLU n 
1 151 ARG n 
1 152 ALA n 
# 
_entity_src_gen.entity_id                          1 
_entity_src_gen.pdbx_src_id                        1 
_entity_src_gen.pdbx_alt_source_flag               sample 
_entity_src_gen.pdbx_seq_type                      'Biological sequence' 
_entity_src_gen.pdbx_beg_seq_num                   1 
_entity_src_gen.pdbx_end_seq_num                   152 
_entity_src_gen.gene_src_common_name               Human 
_entity_src_gen.gene_src_genus                     ? 
_entity_src_gen.pdbx_gene_src_gene                 FABP4 
_entity_src_gen.gene_src_species                   ? 
_entity_src_gen.gene_src_strain                    ? 
_entity_src_gen.gene_src_tissue                    ? 
_entity_src_gen.gene_src_tissue_fraction           ? 
_entity_src_gen.gene_src_details                   ? 
_entity_src_gen.pdbx_gene_src_fragment             ? 
_entity_src_gen.pdbx_gene_src_scientific_name      'Homo sapiens' 
_entity_src_gen.pdbx_gene_src_ncbi_taxonomy_id     9606 
_entity_src_gen.pdbx_gene_src_variant              ? 
_entity_src_gen.pdbx_gene_src_cell_line            ? 
_entity_src_gen.pdbx_gene_src_atcc                 ? 
_entity_src_gen.pdbx_gene_src_organ                ? 
_entity_src_gen.pdbx_gene_src_organelle            ? 
_entity_src_gen.pdbx_gene_src_cell                 ? 
_entity_src_gen.pdbx_gene_src_cellular_location    ? 
_entity_src_gen.host_org_common_name               ? 
_entity_src_gen.pdbx_host_org_scientific_name      'Escherichia coli' 
_entity_src_gen.pdbx_host_org_ncbi_taxonomy_id     562 
_entity_src_gen.host_org_genus                     ? 
_entity_src_gen.pdbx_host_org_gene                 ? 
_entity_src_gen.pdbx_host_org_organ                ? 
_entity_src_gen.host_org_species                   ? 
_entity_src_gen.pdbx_host_org_tissue               ? 
_entity_src_gen.pdbx_host_org_tissue_fraction      ? 
_entity_src_gen.pdbx_host_org_strain               ? 
_entity_src_gen.pdbx_host_org_variant              ? 
_entity_src_gen.pdbx_host_org_cell_line            ? 
_entity_src_gen.pdbx_host_org_atcc                 ? 
_entity_src_gen.pdbx_host_org_culture_collection   ? 
_entity_src_gen.pdbx_host_org_cell                 ? 
_entity_src_gen.pdbx_host_org_organelle            ? 
_entity_src_gen.pdbx_host_org_cellular_location    ? 
_entity_src_gen.pdbx_host_org_vector_type          ? 
_entity_src_gen.pdbx_host_org_vector               ? 
_entity_src_gen.host_org_details                   ? 
_entity_src_gen.expression_system_id               ? 
_entity_src_gen.plasmid_name                       ? 
_entity_src_gen.plasmid_details                    ? 
_entity_src_gen.pdbx_description                   ? 
# 
_struct_ref.id                         1 
_struct_ref.db_name                    UNP 
_struct_ref.db_code                    FABP4_HUMAN 
_struct_ref.pdbx_db_accession          P15090 
_struct_ref.pdbx_db_isoform            ? 
_struct_ref.entity_id                  1 
_struct_ref.pdbx_seq_one_letter_code   
;MCDAFVGTWKLVSSENFDDYMKEVGVGFATRKVAGMAKPNMIISVNGDVITIKSESTFKNTEISFILGQEFDEVTADDRK
VKSTITLDGGVLVHVQKWDGKSTTIKRKREDDKLVVECVMKGVTSTRVYERA
;
_struct_ref.pdbx_align_begin           1 
# 
_struct_ref_seq.align_id                      1 
_struct_ref_seq.ref_id                        1 
_struct_ref_seq.pdbx_PDB_id_code              5D4A 
_struct_ref_seq.pdbx_strand_id                A 
_struct_ref_seq.seq_align_beg                 21 
_struct_ref_seq.pdbx_seq_align_beg_ins_code   ? 
_struct_ref_seq.seq_align_end                 152 
_struct_ref_seq.pdbx_seq_align_end_ins_code   ? 
_struct_ref_seq.pdbx_db_accession             P15090 
_struct_ref_seq.db_align_beg                  1 
_struct_ref_seq.pdbx_db_align_beg_ins_code    ? 
_struct_ref_seq.db_align_end                  132 
_struct_ref_seq.pdbx_db_align_end_ins_code    ? 
_struct_ref_seq.pdbx_auth_seq_align_beg       0 
_struct_ref_seq.pdbx_auth_seq_align_end       131 
# 
loop_
_struct_ref_seq_dif.align_id 
_struct_ref_seq_dif.pdbx_pdb_id_code 
_struct_ref_seq_dif.mon_id 
_struct_ref_seq_dif.pdbx_pdb_strand_id 
_struct_ref_seq_dif.seq_num 
_struct_ref_seq_dif.pdbx_pdb_ins_code 
_struct_ref_seq_dif.pdbx_seq_db_name 
_struct_ref_seq_dif.pdbx_seq_db_accession_code 
_struct_ref_seq_dif.db_mon_id 
_struct_ref_seq_dif.pdbx_seq_db_seq_num 
_struct_ref_seq_dif.details 
_struct_ref_seq_dif.pdbx_auth_seq_num 
_struct_ref_seq_dif.pdbx_ordinal 
1 5D4A MET A 1  ? UNP P15090 ? ? 'expression tag' -20 1  
1 5D4A GLY A 2  ? UNP P15090 ? ? 'expression tag' -19 2  
1 5D4A SER A 3  ? UNP P15090 ? ? 'expression tag' -18 3  
1 5D4A SER A 4  ? UNP P15090 ? ? 'expression tag' -17 4  
1 5D4A HIS A 5  ? UNP P15090 ? ? 'expression tag' -16 5  
1 5D4A HIS A 6  ? UNP P15090 ? ? 'expression tag' -15 6  
1 5D4A HIS A 7  ? UNP P15090 ? ? 'expression tag' -14 7  
1 5D4A HIS A 8  ? UNP P15090 ? ? 'expression tag' -13 8  
1 5D4A HIS A 9  ? UNP P15090 ? ? 'expression tag' -12 9  
1 5D4A HIS A 10 ? UNP P15090 ? ? 'expression tag' -11 10 
1 5D4A SER A 11 ? UNP P15090 ? ? 'expression tag' -10 11 
1 5D4A SER A 12 ? UNP P15090 ? ? 'expression tag' -9  12 
1 5D4A GLY A 13 ? UNP P15090 ? ? 'expression tag' -8  13 
1 5D4A LEU A 14 ? UNP P15090 ? ? 'expression tag' -7  14 
1 5D4A VAL A 15 ? UNP P15090 ? ? 'expression tag' -6  15 
1 5D4A PRO A 16 ? UNP P15090 ? ? 'expression tag' -5  16 
1 5D4A ARG A 17 ? UNP P15090 ? ? 'expression tag' -4  17 
1 5D4A GLY A 18 ? UNP P15090 ? ? 'expression tag' -3  18 
1 5D4A SER A 19 ? UNP P15090 ? ? 'expression tag' -2  19 
1 5D4A HIS A 20 ? UNP P15090 ? ? 'expression tag' -1  20 
# 
loop_
_chem_comp.id 
_chem_comp.type 
_chem_comp.mon_nstd_flag 
_chem_comp.name 
_chem_comp.pdbx_synonyms 
_chem_comp.formula 
_chem_comp.formula_weight 
57Q non-polymer         . '3-(2-phenyl-1H-indol-1-yl)propanoic acid' ? 'C17 H15 N O2'   265.306 
ALA 'L-peptide linking' y ALANINE                                    ? 'C3 H7 N O2'     89.093  
ARG 'L-peptide linking' y ARGININE                                   ? 'C6 H15 N4 O2 1' 175.209 
ASN 'L-peptide linking' y ASPARAGINE                                 ? 'C4 H8 N2 O3'    132.118 
ASP 'L-peptide linking' y 'ASPARTIC ACID'                            ? 'C4 H7 N O4'     133.103 
CYS 'L-peptide linking' y CYSTEINE                                   ? 'C3 H7 N O2 S'   121.158 
GLN 'L-peptide linking' y GLUTAMINE                                  ? 'C5 H10 N2 O3'   146.144 
GLU 'L-peptide linking' y 'GLUTAMIC ACID'                            ? 'C5 H9 N O4'     147.129 
GLY 'peptide linking'   y GLYCINE                                    ? 'C2 H5 N O2'     75.067  
HIS 'L-peptide linking' y HISTIDINE                                  ? 'C6 H10 N3 O2 1' 156.162 
HOH non-polymer         . WATER                                      ? 'H2 O'           18.015  
ILE 'L-peptide linking' y ISOLEUCINE                                 ? 'C6 H13 N O2'    131.173 
LEU 'L-peptide linking' y LEUCINE                                    ? 'C6 H13 N O2'    131.173 
LYS 'L-peptide linking' y LYSINE                                     ? 'C6 H15 N2 O2 1' 147.195 
MET 'L-peptide linking' y METHIONINE                                 ? 'C5 H11 N O2 S'  149.211 
PHE 'L-peptide linking' y PHENYLALANINE                              ? 'C9 H11 N O2'    165.189 
PRO 'L-peptide linking' y PROLINE                                    ? 'C5 H9 N O2'     115.130 
SER 'L-peptide linking' y SERINE                                     ? 'C3 H7 N O3'     105.093 
THR 'L-peptide linking' y THREONINE                                  ? 'C4 H9 N O3'     119.119 
TRP 'L-peptide linking' y TRYPTOPHAN                                 ? 'C11 H12 N2 O2'  204.225 
TYR 'L-peptide linking' y TYROSINE                                   ? 'C9 H11 N O3'    181.189 
VAL 'L-peptide linking' y VALINE                                     ? 'C5 H11 N O2'    117.146 
# 
_exptl.absorpt_coefficient_mu     ? 
_exptl.absorpt_correction_T_max   ? 
_exptl.absorpt_correction_T_min   ? 
_exptl.absorpt_correction_type    ? 
_exptl.absorpt_process_details    ? 
_exptl.entry_id                   5D4A 
_exptl.crystals_number            1 
_exptl.details                    ? 
_exptl.method                     'X-RAY DIFFRACTION' 
_exptl.method_details             ? 
# 
_exptl_crystal.colour                      ? 
_exptl_crystal.density_diffrn              ? 
_exptl_crystal.density_Matthews            1.90 
_exptl_crystal.density_method              ? 
_exptl_crystal.density_percent_sol         35.17 
_exptl_crystal.description                 ? 
_exptl_crystal.F_000                       ? 
_exptl_crystal.id                          1 
_exptl_crystal.preparation                 ? 
_exptl_crystal.size_max                    ? 
_exptl_crystal.size_mid                    ? 
_exptl_crystal.size_min                    ? 
_exptl_crystal.size_rad                    ? 
_exptl_crystal.colour_lustre               ? 
_exptl_crystal.colour_modifier             ? 
_exptl_crystal.colour_primary              ? 
_exptl_crystal.density_meas                ? 
_exptl_crystal.density_meas_esd            ? 
_exptl_crystal.density_meas_gt             ? 
_exptl_crystal.density_meas_lt             ? 
_exptl_crystal.density_meas_temp           ? 
_exptl_crystal.density_meas_temp_esd       ? 
_exptl_crystal.density_meas_temp_gt        ? 
_exptl_crystal.density_meas_temp_lt        ? 
_exptl_crystal.pdbx_crystal_image_url      ? 
_exptl_crystal.pdbx_crystal_image_format   ? 
_exptl_crystal.pdbx_mosaicity              ? 
_exptl_crystal.pdbx_mosaicity_esd          ? 
# 
_exptl_crystal_grow.apparatus       ? 
_exptl_crystal_grow.atmosphere      ? 
_exptl_crystal_grow.crystal_id      1 
_exptl_crystal_grow.details         ? 
_exptl_crystal_grow.method          'VAPOR DIFFUSION, SITTING DROP' 
_exptl_crystal_grow.method_ref      ? 
_exptl_crystal_grow.pH              ? 
_exptl_crystal_grow.pressure        ? 
_exptl_crystal_grow.pressure_esd    ? 
_exptl_crystal_grow.seeding         ? 
_exptl_crystal_grow.seeding_ref     ? 
_exptl_crystal_grow.temp            296 
_exptl_crystal_grow.temp_details    ? 
_exptl_crystal_grow.temp_esd        ? 
_exptl_crystal_grow.time            ? 
_exptl_crystal_grow.pdbx_details    '2.4 M NaH2PO4/K2HPO4' 
_exptl_crystal_grow.pdbx_pH_range   ? 
# 
_diffrn.ambient_environment    ? 
_diffrn.ambient_temp           100 
_diffrn.ambient_temp_details   ? 
_diffrn.ambient_temp_esd       ? 
_diffrn.crystal_id             1 
_diffrn.crystal_support        ? 
_diffrn.crystal_treatment      ? 
_diffrn.details                ? 
_diffrn.id                     1 
_diffrn.ambient_pressure       ? 
_diffrn.ambient_pressure_esd   ? 
_diffrn.ambient_pressure_gt    ? 
_diffrn.ambient_pressure_lt    ? 
_diffrn.ambient_temp_gt        ? 
_diffrn.ambient_temp_lt        ? 
# 
_diffrn_detector.details                      ? 
_diffrn_detector.detector                     CCD 
_diffrn_detector.diffrn_id                    1 
_diffrn_detector.type                         'RIGAKU JUPITER 210' 
_diffrn_detector.area_resol_mean              ? 
_diffrn_detector.dtime                        ? 
_diffrn_detector.pdbx_frames_total            ? 
_diffrn_detector.pdbx_collection_time_total   ? 
_diffrn_detector.pdbx_collection_date         2011-05-18 
# 
_diffrn_radiation.collimation                      ? 
_diffrn_radiation.diffrn_id                        1 
_diffrn_radiation.filter_edge                      ? 
_diffrn_radiation.inhomogeneity                    ? 
_diffrn_radiation.monochromator                    ? 
_diffrn_radiation.polarisn_norm                    ? 
_diffrn_radiation.polarisn_ratio                   ? 
_diffrn_radiation.probe                            ? 
_diffrn_radiation.type                             ? 
_diffrn_radiation.xray_symbol                      ? 
_diffrn_radiation.wavelength_id                    1 
_diffrn_radiation.pdbx_monochromatic_or_laue_m_l   M 
_diffrn_radiation.pdbx_wavelength_list             ? 
_diffrn_radiation.pdbx_wavelength                  ? 
_diffrn_radiation.pdbx_diffrn_protocol             'SINGLE WAVELENGTH' 
_diffrn_radiation.pdbx_analyzer                    ? 
_diffrn_radiation.pdbx_scattering_type             x-ray 
# 
_diffrn_radiation_wavelength.id           1 
_diffrn_radiation_wavelength.wavelength   1.0 
_diffrn_radiation_wavelength.wt           1.0 
# 
_diffrn_source.current                     ? 
_diffrn_source.details                     ? 
_diffrn_source.diffrn_id                   1 
_diffrn_source.power                       ? 
_diffrn_source.size                        ? 
_diffrn_source.source                      SYNCHROTRON 
_diffrn_source.target                      ? 
_diffrn_source.type                        'SPRING-8 BEAMLINE BL32B2' 
_diffrn_source.voltage                     ? 
_diffrn_source.take-off_angle              ? 
_diffrn_source.pdbx_wavelength_list        1.0 
_diffrn_source.pdbx_wavelength             ? 
_diffrn_source.pdbx_synchrotron_beamline   BL32B2 
_diffrn_source.pdbx_synchrotron_site       SPring-8 
# 
_reflns.B_iso_Wilson_estimate            ? 
_reflns.entry_id                         5D4A 
_reflns.data_reduction_details           ? 
_reflns.data_reduction_method            ? 
_reflns.d_resolution_high                1.600 
_reflns.d_resolution_low                 50.000 
_reflns.details                          ? 
_reflns.limit_h_max                      ? 
_reflns.limit_h_min                      ? 
_reflns.limit_k_max                      ? 
_reflns.limit_k_min                      ? 
_reflns.limit_l_max                      ? 
_reflns.limit_l_min                      ? 
_reflns.number_all                       ? 
_reflns.number_obs                       16778 
_reflns.observed_criterion               ? 
_reflns.observed_criterion_F_max         ? 
_reflns.observed_criterion_F_min         ? 
_reflns.observed_criterion_I_max         ? 
_reflns.observed_criterion_I_min         ? 
_reflns.observed_criterion_sigma_F       ? 
_reflns.observed_criterion_sigma_I       ? 
_reflns.percent_possible_obs             95.200 
_reflns.R_free_details                   ? 
_reflns.Rmerge_F_all                     ? 
_reflns.Rmerge_F_obs                     ? 
_reflns.Friedel_coverage                 ? 
_reflns.number_gt                        ? 
_reflns.threshold_expression             ? 
_reflns.pdbx_redundancy                  6.400 
_reflns.pdbx_Rmerge_I_obs                0.064 
_reflns.pdbx_Rmerge_I_all                ? 
_reflns.pdbx_Rsym_value                  ? 
_reflns.pdbx_netI_over_av_sigmaI         39.656 
_reflns.pdbx_netI_over_sigmaI            15.300 
_reflns.pdbx_res_netI_over_av_sigmaI_2   ? 
_reflns.pdbx_res_netI_over_sigmaI_2      ? 
_reflns.pdbx_chi_squared                 1.846 
_reflns.pdbx_scaling_rejects             ? 
_reflns.pdbx_d_res_high_opt              ? 
_reflns.pdbx_d_res_low_opt               ? 
_reflns.pdbx_d_res_opt_method            ? 
_reflns.phase_calculation_details        ? 
_reflns.pdbx_Rrim_I_all                  ? 
_reflns.pdbx_Rpim_I_all                  ? 
_reflns.pdbx_d_opt                       ? 
_reflns.pdbx_number_measured_all         106879 
_reflns.pdbx_diffrn_id                   1 
_reflns.pdbx_ordinal                     1 
_reflns.pdbx_CC_half                     ? 
_reflns.pdbx_R_split                     ? 
# 
loop_
_reflns_shell.d_res_high 
_reflns_shell.d_res_low 
_reflns_shell.meanI_over_sigI_all 
_reflns_shell.meanI_over_sigI_obs 
_reflns_shell.number_measured_all 
_reflns_shell.number_measured_obs 
_reflns_shell.number_possible 
_reflns_shell.number_unique_all 
_reflns_shell.number_unique_obs 
_reflns_shell.percent_possible_all 
_reflns_shell.percent_possible_obs 
_reflns_shell.Rmerge_F_all 
_reflns_shell.Rmerge_F_obs 
_reflns_shell.Rmerge_I_all 
_reflns_shell.Rmerge_I_obs 
_reflns_shell.meanI_over_sigI_gt 
_reflns_shell.meanI_over_uI_all 
_reflns_shell.meanI_over_uI_gt 
_reflns_shell.number_measured_gt 
_reflns_shell.number_unique_gt 
_reflns_shell.percent_possible_gt 
_reflns_shell.Rmerge_F_gt 
_reflns_shell.Rmerge_I_gt 
_reflns_shell.pdbx_redundancy 
_reflns_shell.pdbx_Rsym_value 
_reflns_shell.pdbx_chi_squared 
_reflns_shell.pdbx_netI_over_sigmaI_all 
_reflns_shell.pdbx_netI_over_sigmaI_obs 
_reflns_shell.pdbx_Rrim_I_all 
_reflns_shell.pdbx_Rpim_I_all 
_reflns_shell.pdbx_rejects 
_reflns_shell.pdbx_ordinal 
_reflns_shell.pdbx_diffrn_id 
_reflns_shell.pdbx_CC_half 
_reflns_shell.pdbx_R_split 
1.600 1.660  ? ? ? ? ? 1422 ? 83.400  ? ? ? ? 0.325 ? ? ? ? ? ? ? ? 5.000 ? 0.701 ? ? ? ? 0 1  1 ? ? 
1.660 1.720  ? ? ? ? ? 1523 ? 87.600  ? ? ? ? 0.275 ? ? ? ? ? ? ? ? 5.600 ? 0.784 ? ? ? ? 0 2  1 ? ? 
1.720 1.800  ? ? ? ? ? 1595 ? 92.500  ? ? ? ? 0.245 ? ? ? ? ? ? ? ? 6.200 ? 0.946 ? ? ? ? 0 3  1 ? ? 
1.800 1.900  ? ? ? ? ? 1697 ? 97.100  ? ? ? ? 0.196 ? ? ? ? ? ? ? ? 6.400 ? 1.234 ? ? ? ? 0 4  1 ? ? 
1.900 2.020  ? ? ? ? ? 1681 ? 96.900  ? ? ? ? 0.145 ? ? ? ? ? ? ? ? 6.500 ? 1.732 ? ? ? ? 0 5  1 ? ? 
2.020 2.170  ? ? ? ? ? 1681 ? 96.900  ? ? ? ? 0.118 ? ? ? ? ? ? ? ? 6.600 ? 2.104 ? ? ? ? 0 6  1 ? ? 
2.170 2.390  ? ? ? ? ? 1725 ? 98.600  ? ? ? ? 0.097 ? ? ? ? ? ? ? ? 6.600 ? 2.441 ? ? ? ? 0 7  1 ? ? 
2.390 2.740  ? ? ? ? ? 1768 ? 99.700  ? ? ? ? 0.080 ? ? ? ? ? ? ? ? 6.800 ? 2.496 ? ? ? ? 0 8  1 ? ? 
2.740 3.450  ? ? ? ? ? 1796 ? 100.000 ? ? ? ? 0.058 ? ? ? ? ? ? ? ? 7.000 ? 2.665 ? ? ? ? 0 9  1 ? ? 
3.450 50.000 ? ? ? ? ? 1890 ? 98.700  ? ? ? ? 0.039 ? ? ? ? ? ? ? ? 6.700 ? 2.257 ? ? ? ? 0 10 1 ? ? 
# 
_refine.pdbx_refine_id                           'X-RAY DIFFRACTION' 
_refine.entry_id                                 5D4A 
_refine.pdbx_diffrn_id                           1 
_refine.pdbx_TLS_residual_ADP_flag               ? 
_refine.ls_number_reflns_obs                     13577 
_refine.ls_number_reflns_all                     ? 
_refine.pdbx_ls_sigma_I                          ? 
_refine.pdbx_ls_sigma_F                          0.000 
_refine.pdbx_data_cutoff_high_absF               ? 
_refine.pdbx_data_cutoff_low_absF                ? 
_refine.pdbx_data_cutoff_high_rms_absF           ? 
_refine.ls_d_res_low                             43.53 
_refine.ls_d_res_high                            1.70 
_refine.ls_percent_reflns_obs                    97.0 
_refine.ls_R_factor_obs                          0.187 
_refine.ls_R_factor_all                          ? 
_refine.ls_R_factor_R_work                       0.185 
_refine.ls_R_factor_R_free                       0.223 
_refine.ls_R_factor_R_free_error                 ? 
_refine.ls_R_factor_R_free_error_details         ? 
_refine.ls_percent_reflns_R_free                 5.000 
_refine.ls_number_reflns_R_free                  716 
_refine.ls_number_parameters                     ? 
_refine.ls_number_restraints                     ? 
_refine.occupancy_min                            ? 
_refine.occupancy_max                            ? 
_refine.correlation_coeff_Fo_to_Fc               0.956 
_refine.correlation_coeff_Fo_to_Fc_free          0.949 
_refine.B_iso_mean                               22.07 
_refine.aniso_B[1][1]                            2.57000 
_refine.aniso_B[2][2]                            -0.98000 
_refine.aniso_B[3][3]                            -1.59000 
_refine.aniso_B[1][2]                            0.00000 
_refine.aniso_B[1][3]                            0.00000 
_refine.aniso_B[2][3]                            0.00000 
_refine.solvent_model_details                    MASK 
_refine.solvent_model_param_ksol                 ? 
_refine.solvent_model_param_bsol                 ? 
_refine.pdbx_solvent_vdw_probe_radii             1.20 
_refine.pdbx_solvent_ion_probe_radii             0.80 
_refine.pdbx_solvent_shrinkage_radii             0.80 
_refine.pdbx_ls_cross_valid_method               THROUGHOUT 
_refine.details                                  
'HYDROGENS HAVE BEEN USED IF PRESENT IN THE INPUT U VALUES      : REFINED INDIVIDUALLY' 
_refine.pdbx_starting_model                      2HNX 
_refine.pdbx_method_to_determine_struct          'MOLECULAR REPLACEMENT' 
_refine.pdbx_isotropic_thermal_model             ? 
_refine.pdbx_stereochemistry_target_values       'MAXIMUM LIKELIHOOD' 
_refine.pdbx_stereochem_target_val_spec_case     ? 
_refine.pdbx_R_Free_selection_details            RANDOM 
_refine.pdbx_overall_ESU_R                       0.119 
_refine.pdbx_overall_ESU_R_Free                  0.115 
_refine.overall_SU_ML                            0.071 
_refine.pdbx_overall_phase_error                 ? 
_refine.overall_SU_B                             2.113 
_refine.overall_SU_R_Cruickshank_DPI             ? 
_refine.pdbx_overall_SU_R_free_Cruickshank_DPI   ? 
_refine.pdbx_overall_SU_R_Blow_DPI               ? 
_refine.pdbx_overall_SU_R_free_Blow_DPI          ? 
# 
_refine_hist.pdbx_refine_id                   'X-RAY DIFFRACTION' 
_refine_hist.cycle_id                         LAST 
_refine_hist.pdbx_number_atoms_protein        1061 
_refine_hist.pdbx_number_atoms_nucleic_acid   0 
_refine_hist.pdbx_number_atoms_ligand         20 
_refine_hist.number_atoms_solvent             113 
_refine_hist.number_atoms_total               1194 
_refine_hist.d_res_high                       1.70 
_refine_hist.d_res_low                        43.53 
# 
loop_
_refine_ls_restr.type 
_refine_ls_restr.dev_ideal 
_refine_ls_restr.dev_ideal_target 
_refine_ls_restr.weight 
_refine_ls_restr.number 
_refine_ls_restr.pdbx_refine_id 
_refine_ls_restr.pdbx_restraint_function 
r_bond_refined_d             0.025  0.020  ? 1097 'X-RAY DIFFRACTION' ? 
r_bond_other_d               ?      ?      ? ?    'X-RAY DIFFRACTION' ? 
r_angle_refined_deg          2.478  1.969  ? 1474 'X-RAY DIFFRACTION' ? 
r_angle_other_deg            ?      ?      ? ?    'X-RAY DIFFRACTION' ? 
r_dihedral_angle_1_deg       6.344  5.000  ? 135  'X-RAY DIFFRACTION' ? 
r_dihedral_angle_2_deg       33.458 24.222 ? 45   'X-RAY DIFFRACTION' ? 
r_dihedral_angle_3_deg       16.897 15.000 ? 208  'X-RAY DIFFRACTION' ? 
r_dihedral_angle_4_deg       13.301 15.000 ? 7    'X-RAY DIFFRACTION' ? 
r_chiral_restr               0.381  0.200  ? 167  'X-RAY DIFFRACTION' ? 
r_gen_planes_refined         0.015  0.020  ? 797  'X-RAY DIFFRACTION' ? 
r_gen_planes_other           ?      ?      ? ?    'X-RAY DIFFRACTION' ? 
r_nbd_refined                ?      ?      ? ?    'X-RAY DIFFRACTION' ? 
r_nbd_other                  ?      ?      ? ?    'X-RAY DIFFRACTION' ? 
r_nbtor_refined              ?      ?      ? ?    'X-RAY DIFFRACTION' ? 
r_nbtor_other                ?      ?      ? ?    'X-RAY DIFFRACTION' ? 
r_xyhbond_nbd_refined        ?      ?      ? ?    'X-RAY DIFFRACTION' ? 
r_xyhbond_nbd_other          ?      ?      ? ?    'X-RAY DIFFRACTION' ? 
r_metal_ion_refined          ?      ?      ? ?    'X-RAY DIFFRACTION' ? 
r_metal_ion_other            ?      ?      ? ?    'X-RAY DIFFRACTION' ? 
r_symmetry_vdw_refined       ?      ?      ? ?    'X-RAY DIFFRACTION' ? 
r_symmetry_vdw_other         ?      ?      ? ?    'X-RAY DIFFRACTION' ? 
r_symmetry_hbond_refined     ?      ?      ? ?    'X-RAY DIFFRACTION' ? 
r_symmetry_hbond_other       ?      ?      ? ?    'X-RAY DIFFRACTION' ? 
r_symmetry_metal_ion_refined ?      ?      ? ?    'X-RAY DIFFRACTION' ? 
r_symmetry_metal_ion_other   ?      ?      ? ?    'X-RAY DIFFRACTION' ? 
r_mcbond_it                  ?      ?      ? ?    'X-RAY DIFFRACTION' ? 
r_mcbond_other               ?      ?      ? ?    'X-RAY DIFFRACTION' ? 
r_mcangle_it                 ?      ?      ? ?    'X-RAY DIFFRACTION' ? 
r_mcangle_other              ?      ?      ? ?    'X-RAY DIFFRACTION' ? 
r_scbond_it                  ?      ?      ? ?    'X-RAY DIFFRACTION' ? 
r_scbond_other               ?      ?      ? ?    'X-RAY DIFFRACTION' ? 
r_scangle_it                 ?      ?      ? ?    'X-RAY DIFFRACTION' ? 
r_scangle_other              ?      ?      ? ?    'X-RAY DIFFRACTION' ? 
r_long_range_B_refined       ?      ?      ? ?    'X-RAY DIFFRACTION' ? 
r_long_range_B_other         ?      ?      ? ?    'X-RAY DIFFRACTION' ? 
r_rigid_bond_restr           ?      ?      ? ?    'X-RAY DIFFRACTION' ? 
r_sphericity_free            ?      ?      ? ?    'X-RAY DIFFRACTION' ? 
r_sphericity_bonded          ?      ?      ? ?    'X-RAY DIFFRACTION' ? 
# 
_refine_ls_shell.pdbx_refine_id                   'X-RAY DIFFRACTION' 
_refine_ls_shell.pdbx_total_number_of_bins_used   20 
_refine_ls_shell.d_res_high                       1.70 
_refine_ls_shell.d_res_low                        1.74 
_refine_ls_shell.number_reflns_R_work             815 
_refine_ls_shell.R_factor_R_work                  0.2340 
_refine_ls_shell.percent_reflns_obs               89.87 
_refine_ls_shell.R_factor_R_free                  0.2400 
_refine_ls_shell.R_factor_R_free_error            ? 
_refine_ls_shell.percent_reflns_R_free            ? 
_refine_ls_shell.number_reflns_R_free             46 
_refine_ls_shell.number_reflns_all                ? 
_refine_ls_shell.R_factor_all                     ? 
_refine_ls_shell.R_factor_obs                     ? 
_refine_ls_shell.number_reflns_obs                ? 
# 
_struct.entry_id                     5D4A 
_struct.title                        'Crystal Structure of FABP4 in complex with 3-(2-phenyl-1H-indol-1-yl)propanoic acid' 
_struct.pdbx_model_details           ? 
_struct.pdbx_formula_weight          ? 
_struct.pdbx_formula_weight_method   ? 
_struct.pdbx_model_type_details      ? 
_struct.pdbx_CASP_flag               ? 
# 
_struct_keywords.entry_id        5D4A 
_struct_keywords.text            'FATTY ACID BINDING PROTEIN, LIPID BINDING PROTEIN' 
_struct_keywords.pdbx_keywords   'LIPID BINDING PROTEIN' 
# 
loop_
_struct_asym.id 
_struct_asym.pdbx_blank_PDB_chainid_flag 
_struct_asym.pdbx_modified 
_struct_asym.entity_id 
_struct_asym.details 
A N N 1 ? 
B N N 2 ? 
C N N 3 ? 
# 
loop_
_struct_conf.conf_type_id 
_struct_conf.id 
_struct_conf.pdbx_PDB_helix_id 
_struct_conf.beg_label_comp_id 
_struct_conf.beg_label_asym_id 
_struct_conf.beg_label_seq_id 
_struct_conf.pdbx_beg_PDB_ins_code 
_struct_conf.end_label_comp_id 
_struct_conf.end_label_asym_id 
_struct_conf.end_label_seq_id 
_struct_conf.pdbx_end_PDB_ins_code 
_struct_conf.beg_auth_comp_id 
_struct_conf.beg_auth_asym_id 
_struct_conf.beg_auth_seq_id 
_struct_conf.end_auth_comp_id 
_struct_conf.end_auth_asym_id 
_struct_conf.end_auth_seq_id 
_struct_conf.pdbx_PDB_helix_class 
_struct_conf.details 
_struct_conf.pdbx_PDB_helix_length 
HELX_P HELX_P1 AA1 HIS A 20 ? VAL A 26 ? HIS A -1 VAL A 5  5 ? 7  
HELX_P HELX_P2 AA2 ASN A 36 ? GLY A 45 ? ASN A 15 GLY A 24 1 ? 10 
HELX_P HELX_P3 AA3 GLY A 47 ? ALA A 57 ? GLY A 26 ALA A 36 1 ? 11 
# 
_struct_conf_type.id          HELX_P 
_struct_conf_type.criteria    ? 
_struct_conf_type.reference   ? 
# 
_struct_sheet.id               AA1 
_struct_sheet.type             ? 
_struct_sheet.number_strands   10 
_struct_sheet.details          ? 
# 
loop_
_struct_sheet_order.sheet_id 
_struct_sheet_order.range_id_1 
_struct_sheet_order.range_id_2 
_struct_sheet_order.offset 
_struct_sheet_order.sense 
AA1 1 2  ? anti-parallel 
AA1 2 3  ? anti-parallel 
AA1 3 4  ? anti-parallel 
AA1 4 5  ? anti-parallel 
AA1 5 6  ? anti-parallel 
AA1 6 7  ? anti-parallel 
AA1 7 8  ? anti-parallel 
AA1 8 9  ? anti-parallel 
AA1 9 10 ? anti-parallel 
# 
loop_
_struct_sheet_range.sheet_id 
_struct_sheet_range.id 
_struct_sheet_range.beg_label_comp_id 
_struct_sheet_range.beg_label_asym_id 
_struct_sheet_range.beg_label_seq_id 
_struct_sheet_range.pdbx_beg_PDB_ins_code 
_struct_sheet_range.end_label_comp_id 
_struct_sheet_range.end_label_asym_id 
_struct_sheet_range.end_label_seq_id 
_struct_sheet_range.pdbx_end_PDB_ins_code 
_struct_sheet_range.beg_auth_comp_id 
_struct_sheet_range.beg_auth_asym_id 
_struct_sheet_range.beg_auth_seq_id 
_struct_sheet_range.end_auth_comp_id 
_struct_sheet_range.end_auth_asym_id 
_struct_sheet_range.end_auth_seq_id 
AA1 1  THR A 81  ? ILE A 86  ? THR A 60  ILE A 65  
AA1 2  VAL A 69  ? GLU A 75  ? VAL A 48  GLU A 54  
AA1 3  ASN A 60  ? ASN A 66  ? ASN A 39  ASN A 45  
AA1 4  GLY A 27  ? GLU A 35  ? GLY A 6   GLU A 14  
AA1 5  VAL A 143 ? ARG A 151 ? VAL A 122 ARG A 130 
AA1 6  LYS A 133 ? MET A 140 ? LYS A 112 MET A 119 
AA1 7  LYS A 121 ? GLU A 130 ? LYS A 100 GLU A 109 
AA1 8  VAL A 111 ? TRP A 118 ? VAL A 90  TRP A 97  
AA1 9  LYS A 100 ? ASP A 108 ? LYS A 79  ASP A 87  
AA1 10 PHE A 91  ? VAL A 94  ? PHE A 70  VAL A 73  
# 
loop_
_pdbx_struct_sheet_hbond.sheet_id 
_pdbx_struct_sheet_hbond.range_id_1 
_pdbx_struct_sheet_hbond.range_id_2 
_pdbx_struct_sheet_hbond.range_1_label_atom_id 
_pdbx_struct_sheet_hbond.range_1_label_comp_id 
_pdbx_struct_sheet_hbond.range_1_label_asym_id 
_pdbx_struct_sheet_hbond.range_1_label_seq_id 
_pdbx_struct_sheet_hbond.range_1_PDB_ins_code 
_pdbx_struct_sheet_hbond.range_1_auth_atom_id 
_pdbx_struct_sheet_hbond.range_1_auth_comp_id 
_pdbx_struct_sheet_hbond.range_1_auth_asym_id 
_pdbx_struct_sheet_hbond.range_1_auth_seq_id 
_pdbx_struct_sheet_hbond.range_2_label_atom_id 
_pdbx_struct_sheet_hbond.range_2_label_comp_id 
_pdbx_struct_sheet_hbond.range_2_label_asym_id 
_pdbx_struct_sheet_hbond.range_2_label_seq_id 
_pdbx_struct_sheet_hbond.range_2_PDB_ins_code 
_pdbx_struct_sheet_hbond.range_2_auth_atom_id 
_pdbx_struct_sheet_hbond.range_2_auth_comp_id 
_pdbx_struct_sheet_hbond.range_2_auth_asym_id 
_pdbx_struct_sheet_hbond.range_2_auth_seq_id 
AA1 1 2  O ILE A 83  ? O ILE A 62  N ILE A 72  ? N ILE A 51  
AA1 2 3  O THR A 71  ? O THR A 50  N SER A 64  ? N SER A 43  
AA1 3 4  O MET A 61  ? O MET A 40  N TRP A 29  ? N TRP A 8   
AA1 4 5  N VAL A 32  ? N VAL A 11  O VAL A 148 ? O VAL A 127 
AA1 5 6  O ARG A 147 ? O ARG A 126 N VAL A 136 ? N VAL A 115 
AA1 6 7  O GLU A 137 ? O GLU A 116 N LYS A 126 ? N LYS A 105 
AA1 7 8  O LYS A 121 ? O LYS A 100 N TRP A 118 ? N TRP A 97  
AA1 8 9  O VAL A 113 ? O VAL A 92  N THR A 106 ? N THR A 85  
AA1 9 10 O SER A 103 ? O SER A 82  N PHE A 91  ? N PHE A 70  
# 
_struct_site.id                   AC1 
_struct_site.pdbx_evidence_code   Software 
_struct_site.pdbx_auth_asym_id    A 
_struct_site.pdbx_auth_comp_id    57Q 
_struct_site.pdbx_auth_seq_id     201 
_struct_site.pdbx_auth_ins_code   ? 
_struct_site.pdbx_num_residues    10 
_struct_site.details              'binding site for residue 57Q A 201' 
# 
loop_
_struct_site_gen.id 
_struct_site_gen.site_id 
_struct_site_gen.pdbx_num_res 
_struct_site_gen.label_comp_id 
_struct_site_gen.label_asym_id 
_struct_site_gen.label_seq_id 
_struct_site_gen.pdbx_auth_ins_code 
_struct_site_gen.auth_comp_id 
_struct_site_gen.auth_asym_id 
_struct_site_gen.auth_seq_id 
_struct_site_gen.label_atom_id 
_struct_site_gen.label_alt_id 
_struct_site_gen.symmetry 
_struct_site_gen.details 
1  AC1 10 PHE A 37  ? PHE A 16  . ? 1_555 ? 
2  AC1 10 TYR A 40  ? TYR A 19  . ? 1_555 ? 
3  AC1 10 PRO A 59  ? PRO A 38  . ? 1_555 ? 
4  AC1 10 PHE A 78  ? PHE A 57  . ? 1_555 ? 
5  AC1 10 ASP A 97  ? ASP A 76  . ? 1_555 ? 
6  AC1 10 ARG A 99  ? ARG A 78  . ? 1_555 ? 
7  AC1 10 ARG A 147 ? ARG A 126 . ? 1_555 ? 
8  AC1 10 TYR A 149 ? TYR A 128 . ? 1_555 ? 
9  AC1 10 HOH C .   ? HOH A 326 . ? 1_555 ? 
10 AC1 10 HOH C .   ? HOH A 344 . ? 1_555 ? 
# 
_atom_sites.entry_id                    5D4A 
_atom_sites.fract_transf_matrix[1][1]   -0.01263055 
_atom_sites.fract_transf_matrix[1][2]   -0.00926163 
_atom_sites.fract_transf_matrix[1][3]   0.02686128 
_atom_sites.fract_transf_matrix[2][1]   0.01645223 
_atom_sites.fract_transf_matrix[2][2]   -0.00685376 
_atom_sites.fract_transf_matrix[2][3]   0.00537293 
_atom_sites.fract_transf_matrix[3][1]   0.00312420 
_atom_sites.fract_transf_matrix[3][2]   0.01185577 
_atom_sites.fract_transf_matrix[3][3]   0.00555685 
_atom_sites.fract_transf_vector[1]      0.237697 
_atom_sites.fract_transf_vector[2]      0.189138 
_atom_sites.fract_transf_vector[3]      0.194594 
# 
loop_
_atom_type.symbol 
C 
N 
O 
S 
# 
loop_
_atom_site.group_PDB 
_atom_site.id 
_atom_site.type_symbol 
_atom_site.label_atom_id 
_atom_site.label_alt_id 
_atom_site.label_comp_id 
_atom_site.label_asym_id 
_atom_site.label_entity_id 
_atom_site.label_seq_id 
_atom_site.pdbx_PDB_ins_code 
_atom_site.Cartn_x 
_atom_site.Cartn_y 
_atom_site.Cartn_z 
_atom_site.occupancy 
_atom_site.B_iso_or_equiv 
_atom_site.pdbx_formal_charge 
_atom_site.auth_seq_id 
_atom_site.auth_comp_id 
_atom_site.auth_asym_id 
_atom_site.auth_atom_id 
_atom_site.pdbx_PDB_model_num 
ATOM   1    N N   . ARG A 1 17  ? 9.236   -22.240 -5.720  1.00 52.61 ? -4  ARG A N   1 
ATOM   2    C CA  . ARG A 1 17  ? 8.850   -22.763 -7.053  1.00 55.89 ? -4  ARG A CA  1 
ATOM   3    C C   . ARG A 1 17  ? 7.323   -23.004 -7.186  1.00 58.48 ? -4  ARG A C   1 
ATOM   4    O O   . ARG A 1 17  ? 6.725   -22.616 -8.207  1.00 62.40 ? -4  ARG A O   1 
ATOM   5    C CB  . ARG A 1 17  ? 9.668   -24.019 -7.424  1.00 60.58 ? -4  ARG A CB  1 
ATOM   6    C CG  . ARG A 1 17  ? 9.534   -24.490 -8.887  1.00 65.07 ? -4  ARG A CG  1 
ATOM   7    C CD  . ARG A 1 17  ? 10.888  -24.874 -9.498  1.00 67.99 ? -4  ARG A CD  1 
ATOM   8    N NE  . ARG A 1 17  ? 11.791  -25.399 -8.469  1.00 77.58 ? -4  ARG A NE  1 
ATOM   9    C CZ  . ARG A 1 17  ? 12.956  -26.020 -8.687  1.00 87.26 ? -4  ARG A CZ  1 
ATOM   10   N NH1 . ARG A 1 17  ? 13.425  -26.196 -9.922  1.00 87.14 ? -4  ARG A NH1 1 
ATOM   11   N NH2 . ARG A 1 17  ? 13.667  -26.473 -7.656  1.00 84.36 ? -4  ARG A NH2 1 
ATOM   12   N N   . GLY A 1 18  ? 6.688   -23.633 -6.185  1.00 52.87 ? -3  GLY A N   1 
ATOM   13   C CA  . GLY A 1 18  ? 5.225   -23.901 -6.242  1.00 42.52 ? -3  GLY A CA  1 
ATOM   14   C C   . GLY A 1 18  ? 4.337   -22.783 -5.661  1.00 39.95 ? -3  GLY A C   1 
ATOM   15   O O   . GLY A 1 18  ? 4.848   -21.754 -5.174  1.00 41.21 ? -3  GLY A O   1 
ATOM   16   N N   . SER A 1 19  ? 3.019   -22.989 -5.709  1.00 34.91 ? -2  SER A N   1 
ATOM   17   C CA  . SER A 1 19  ? 2.003   -21.973 -5.290  1.00 34.64 ? -2  SER A CA  1 
ATOM   18   C C   . SER A 1 19  ? 2.124   -21.591 -3.807  1.00 35.02 ? -2  SER A C   1 
ATOM   19   O O   . SER A 1 19  ? 2.356   -22.438 -2.933  1.00 34.24 ? -2  SER A O   1 
ATOM   20   C CB  . SER A 1 19  ? 0.582   -22.492 -5.477  1.00 38.34 ? -2  SER A CB  1 
ATOM   21   O OG  . SER A 1 19  ? 0.290   -22.716 -6.844  1.00 45.07 ? -2  SER A OG  1 
ATOM   22   N N   . HIS A 1 20  ? 1.892   -20.322 -3.521  1.00 27.76 ? -1  HIS A N   1 
ATOM   23   C CA  . HIS A 1 20  ? 1.800   -19.882 -2.114  1.00 24.81 ? -1  HIS A CA  1 
ATOM   24   C C   . HIS A 1 20  ? 0.483   -19.109 -1.937  1.00 23.68 ? -1  HIS A C   1 
ATOM   25   O O   . HIS A 1 20  ? -0.109  -18.612 -2.913  1.00 25.25 ? -1  HIS A O   1 
ATOM   26   C CB  . HIS A 1 20  ? 3.007   -19.010 -1.824  1.00 29.57 ? -1  HIS A CB  1 
ATOM   27   C CG  . HIS A 1 20  ? 4.267   -19.743 -1.292  1.00 43.88 ? -1  HIS A CG  1 
ATOM   28   N ND1 . HIS A 1 20  ? 5.024   -20.590 -2.055  1.00 49.11 ? -1  HIS A ND1 1 
ATOM   29   C CD2 . HIS A 1 20  ? 4.921   -19.672 -0.023  1.00 41.52 ? -1  HIS A CD2 1 
ATOM   30   C CE1 . HIS A 1 20  ? 6.074   -21.051 -1.320  1.00 47.45 ? -1  HIS A CE1 1 
ATOM   31   N NE2 . HIS A 1 20  ? 6.009   -20.486 -0.081  1.00 50.13 ? -1  HIS A NE2 1 
ATOM   32   N N   . MET A 1 21  ? -0.011  -18.967 -0.709  1.00 22.08 ? 0   MET A N   1 
ATOM   33   C CA  . MET A 1 21  ? -1.237  -18.198 -0.502  1.00 18.40 ? 0   MET A CA  1 
ATOM   34   C C   . MET A 1 21  ? -1.127  -16.731 -1.076  1.00 19.59 ? 0   MET A C   1 
ATOM   35   O O   . MET A 1 21  ? -2.128  -16.256 -1.624  1.00 21.69 ? 0   MET A O   1 
ATOM   36   C CB  . MET A 1 21  ? -1.585  -18.196 1.013   1.00 21.00 ? 0   MET A CB  1 
ATOM   37   C CG  . MET A 1 21  ? -2.815  -17.398 1.382   0.50 15.60 ? 0   MET A CG  1 
ATOM   38   S SD  . MET A 1 21  ? -2.462  -15.676 1.775   0.50 16.88 ? 0   MET A SD  1 
ATOM   39   C CE  . MET A 1 21  ? -4.092  -15.047 1.476   0.50 17.64 ? 0   MET A CE  1 
ATOM   40   N N   . CYS A 1 22  ? 0.053   -16.103 -0.863  1.00 20.58 ? 1   CYS A N   1 
ATOM   41   C CA  . CYS A 1 22  ? 0.523   -14.768 -1.359  1.00 26.03 ? 1   CYS A CA  1 
ATOM   42   C C   . CYS A 1 22  ? 0.018   -14.624 -2.852  1.00 21.83 ? 1   CYS A C   1 
ATOM   43   O O   . CYS A 1 22  ? -0.217  -13.518 -3.348  1.00 24.81 ? 1   CYS A O   1 
ATOM   44   C CB  . CYS A 1 22  ? 2.162   -14.643 -1.282  1.00 25.59 ? 1   CYS A CB  1 
ATOM   45   S SG  . CYS A 1 22  ? 3.149   -15.617 -0.016  1.00 43.25 ? 1   CYS A SG  1 
ATOM   46   N N   . ASP A 1 23  ? -0.094  -15.716 -3.608  1.00 23.21 ? 2   ASP A N   1 
ATOM   47   C CA  . ASP A 1 23  ? -0.487  -15.621 -5.031  1.00 27.46 ? 2   ASP A CA  1 
ATOM   48   C C   . ASP A 1 23  ? -1.883  -15.020 -5.330  1.00 27.10 ? 2   ASP A C   1 
ATOM   49   O O   . ASP A 1 23  ? -2.063  -14.544 -6.433  1.00 25.10 ? 2   ASP A O   1 
ATOM   50   C CB  . ASP A 1 23  ? -0.342  -16.988 -5.757  1.00 30.68 ? 2   ASP A CB  1 
ATOM   51   C CG  . ASP A 1 23  ? 1.121   -17.490 -5.827  1.00 33.29 ? 2   ASP A CG  1 
ATOM   52   O OD1 . ASP A 1 23  ? 2.124   -16.765 -5.736  1.00 33.77 ? 2   ASP A OD1 1 
ATOM   53   O OD2 . ASP A 1 23  ? 1.274   -18.734 -5.932  1.00 44.76 ? 2   ASP A OD2 1 
ATOM   54   N N   . ALA A 1 24  ? -2.814  -15.008 -4.348  1.00 22.46 ? 3   ALA A N   1 
ATOM   55   C CA  . ALA A 1 24  ? -4.139  -14.359 -4.384  1.00 22.30 ? 3   ALA A CA  1 
ATOM   56   C C   . ALA A 1 24  ? -3.969  -12.814 -4.639  1.00 19.34 ? 3   ALA A C   1 
ATOM   57   O O   . ALA A 1 24  ? -4.922  -12.121 -5.058  1.00 22.59 ? 3   ALA A O   1 
ATOM   58   C CB  . ALA A 1 24  ? -4.836  -14.482 -3.040  1.00 21.91 ? 3   ALA A CB  1 
ATOM   59   N N   . PHE A 1 25  ? -2.805  -12.291 -4.251  1.00 15.94 ? 4   PHE A N   1 
ATOM   60   C CA  . PHE A 1 25  ? -2.554  -10.844 -4.392  1.00 15.27 ? 4   PHE A CA  1 
ATOM   61   C C   . PHE A 1 25  ? -1.905  -10.559 -5.708  1.00 16.90 ? 4   PHE A C   1 
ATOM   62   O O   . PHE A 1 25  ? -1.872  -9.394  -6.150  1.00 17.61 ? 4   PHE A O   1 
ATOM   63   C CB  . PHE A 1 25  ? -1.604  -10.312 -3.315  1.00 15.89 ? 4   PHE A CB  1 
ATOM   64   C CG  . PHE A 1 25  ? -2.246  -10.309 -1.935  1.00 14.81 ? 4   PHE A CG  1 
ATOM   65   C CD1 . PHE A 1 25  ? -3.192  -9.286  -1.588  1.00 16.72 ? 4   PHE A CD1 1 
ATOM   66   C CD2 . PHE A 1 25  ? -1.982  -11.328 -1.061  1.00 17.47 ? 4   PHE A CD2 1 
ATOM   67   C CE1 . PHE A 1 25  ? -3.811  -9.298  -0.331  1.00 18.02 ? 4   PHE A CE1 1 
ATOM   68   C CE2 . PHE A 1 25  ? -2.601  -11.339 0.215   1.00 18.23 ? 4   PHE A CE2 1 
ATOM   69   C CZ  . PHE A 1 25  ? -3.517  -10.351 0.567   1.00 17.71 ? 4   PHE A CZ  1 
ATOM   70   N N   . VAL A 1 26  ? -1.355  -11.579 -6.357  1.00 16.85 ? 5   VAL A N   1 
ATOM   71   C CA  . VAL A 1 26  ? -0.565  -11.305 -7.520  1.00 14.57 ? 5   VAL A CA  1 
ATOM   72   C C   . VAL A 1 26  ? -1.358  -10.894 -8.719  1.00 15.98 ? 5   VAL A C   1 
ATOM   73   O O   . VAL A 1 26  ? -2.405  -11.493 -9.031  1.00 16.95 ? 5   VAL A O   1 
ATOM   74   C CB  . VAL A 1 26  ? 0.290   -12.514 -7.893  1.00 16.50 ? 5   VAL A CB  1 
ATOM   75   C CG1 . VAL A 1 26  ? 0.795   -12.426 -9.339  1.00 18.14 ? 5   VAL A CG1 1 
ATOM   76   C CG2 . VAL A 1 26  ? 1.447   -12.703 -6.813  1.00 16.77 ? 5   VAL A CG2 1 
ATOM   77   N N   . GLY A 1 27  ? -0.869  -9.886  -9.440  1.00 15.36 ? 6   GLY A N   1 
ATOM   78   C CA  . GLY A 1 27  ? -1.537  -9.461  -10.670 1.00 16.57 ? 6   GLY A CA  1 
ATOM   79   C C   . GLY A 1 27  ? -1.550  -7.979  -10.862 1.00 15.81 ? 6   GLY A C   1 
ATOM   80   O O   . GLY A 1 27  ? -0.653  -7.302  -10.311 1.00 17.00 ? 6   GLY A O   1 
ATOM   81   N N   . THR A 1 28  ? -2.492  -7.448  -11.670 1.00 17.38 ? 7   THR A N   1 
ATOM   82   C CA  . THR A 1 28  ? -2.459  -6.023  -12.027 1.00 17.71 ? 7   THR A CA  1 
ATOM   83   C C   . THR A 1 28  ? -3.807  -5.511  -11.522 1.00 15.19 ? 7   THR A C   1 
ATOM   84   O O   . THR A 1 28  ? -4.869  -6.063  -11.887 1.00 17.40 ? 7   THR A O   1 
ATOM   85   C CB  . THR A 1 28  ? -2.278  -5.822  -13.573 1.00 18.92 ? 7   THR A CB  1 
ATOM   86   O OG1 . THR A 1 28  ? -1.168  -6.688  -14.006 1.00 21.69 ? 7   THR A OG1 1 
ATOM   87   C CG2 . THR A 1 28  ? -2.037  -4.339  -13.985 1.00 18.62 ? 7   THR A CG2 1 
ATOM   88   N N   . TRP A 1 29  ? -3.777  -4.438  -10.738 1.00 16.94 ? 8   TRP A N   1 
ATOM   89   C CA  . TRP A 1 29  ? -4.950  -3.991  -10.021 1.00 17.00 ? 8   TRP A CA  1 
ATOM   90   C C   . TRP A 1 29  ? -5.086  -2.507  -10.336 1.00 16.42 ? 8   TRP A C   1 
ATOM   91   O O   . TRP A 1 29  ? -4.088  -1.826  -10.463 1.00 18.49 ? 8   TRP A O   1 
ATOM   92   C CB  . TRP A 1 29  ? -4.725  -4.145  -8.545  1.00 16.92 ? 8   TRP A CB  1 
ATOM   93   C CG  . TRP A 1 29  ? -4.553  -5.559  -8.101  1.00 15.28 ? 8   TRP A CG  1 
ATOM   94   C CD1 . TRP A 1 29  ? -3.334  -6.255  -7.910  1.00 15.61 ? 8   TRP A CD1 1 
ATOM   95   C CD2 . TRP A 1 29  ? -5.618  -6.539  -7.810  1.00 14.77 ? 8   TRP A CD2 1 
ATOM   96   N NE1 . TRP A 1 29  ? -3.589  -7.551  -7.514  1.00 15.51 ? 8   TRP A NE1 1 
ATOM   97   C CE2 . TRP A 1 29  ? -4.948  -7.765  -7.449  1.00 15.60 ? 8   TRP A CE2 1 
ATOM   98   C CE3 . TRP A 1 29  ? -7.052  -6.500  -7.812  1.00 15.93 ? 8   TRP A CE3 1 
ATOM   99   C CZ2 . TRP A 1 29  ? -5.661  -8.903  -7.057  1.00 15.85 ? 8   TRP A CZ2 1 
ATOM   100  C CZ3 . TRP A 1 29  ? -7.742  -7.679  -7.393  1.00 18.32 ? 8   TRP A CZ3 1 
ATOM   101  C CH2 . TRP A 1 29  ? -7.058  -8.855  -7.109  1.00 17.54 ? 8   TRP A CH2 1 
ATOM   102  N N   . LYS A 1 30  ? -6.306  -2.060  -10.570 1.00 15.21 ? 9   LYS A N   1 
ATOM   103  C CA  . LYS A 1 30  ? -6.637  -0.601  -10.789 1.00 15.92 ? 9   LYS A CA  1 
ATOM   104  C C   . LYS A 1 30  ? -7.537  -0.058  -9.673  1.00 16.84 ? 9   LYS A C   1 
ATOM   105  O O   . LYS A 1 30  ? -8.461  -0.735  -9.167  1.00 16.37 ? 9   LYS A O   1 
ATOM   106  C CB  . LYS A 1 30  ? -7.252  -0.419  -12.131 1.00 20.04 ? 9   LYS A CB  1 
ATOM   107  C CG  . LYS A 1 30  ? -8.544  -1.108  -12.269 1.00 26.69 ? 9   LYS A CG  1 
ATOM   108  C CD  . LYS A 1 30  ? -9.149  -1.067  -13.674 1.00 34.55 ? 9   LYS A CD  1 
ATOM   109  C CE  . LYS A 1 30  ? -10.217 -2.180  -13.835 1.00 35.85 ? 9   LYS A CE  1 
ATOM   110  N NZ  . LYS A 1 30  ? -11.627 -1.707  -13.679 1.00 42.32 ? 9   LYS A NZ  1 
ATOM   111  N N   . LEU A 1 31  ? -7.208  1.111   -9.170  1.00 15.26 ? 10  LEU A N   1 
ATOM   112  C CA  . LEU A 1 31  ? -8.026  1.749   -8.089  1.00 15.72 ? 10  LEU A CA  1 
ATOM   113  C C   . LEU A 1 31  ? -9.409  2.085   -8.630  1.00 17.98 ? 10  LEU A C   1 
ATOM   114  O O   . LEU A 1 31  ? -9.548  2.754   -9.657  1.00 18.68 ? 10  LEU A O   1 
ATOM   115  C CB  . LEU A 1 31  ? -7.414  3.083   -7.655  1.00 15.43 ? 10  LEU A CB  1 
ATOM   116  C CG  . LEU A 1 31  ? -8.100  3.743   -6.441  1.00 16.50 ? 10  LEU A CG  1 
ATOM   117  C CD1 . LEU A 1 31  ? -7.858  2.931   -5.175  1.00 15.97 ? 10  LEU A CD1 1 
ATOM   118  C CD2 . LEU A 1 31  ? -7.595  5.172   -6.271  1.00 19.28 ? 10  LEU A CD2 1 
ATOM   119  N N   . VAL A 1 32  ? -10.430 1.676   -7.893  1.00 14.76 ? 11  VAL A N   1 
ATOM   120  C CA  . VAL A 1 32  ? -11.804 2.018   -8.260  1.00 17.26 ? 11  VAL A CA  1 
ATOM   121  C C   . VAL A 1 32  ? -12.549 2.883   -7.258  1.00 20.29 ? 11  VAL A C   1 
ATOM   122  O O   . VAL A 1 32  ? -13.549 3.562   -7.643  1.00 24.28 ? 11  VAL A O   1 
ATOM   123  C CB  . VAL A 1 32  ? -12.621 0.824   -8.753  1.00 19.62 ? 11  VAL A CB  1 
ATOM   124  C CG1 . VAL A 1 32  ? -11.925 0.181   -9.947  1.00 19.47 ? 11  VAL A CG1 1 
ATOM   125  C CG2 . VAL A 1 32  ? -12.920 -0.202  -7.645  1.00 21.72 ? 11  VAL A CG2 1 
ATOM   126  N N   . SER A 1 33  ? -12.114 2.866   -6.024  1.00 19.28 ? 12  SER A N   1 
ATOM   127  C CA  . SER A 1 33  ? -12.764 3.753   -5.031  1.00 19.64 ? 12  SER A CA  1 
ATOM   128  C C   . SER A 1 33  ? -11.830 4.105   -3.937  1.00 19.04 ? 12  SER A C   1 
ATOM   129  O O   . SER A 1 33  ? -10.903 3.399   -3.657  1.00 16.98 ? 12  SER A O   1 
ATOM   130  C CB  . SER A 1 33  ? -14.055 3.263   -4.482  1.00 24.15 ? 12  SER A CB  1 
ATOM   131  O OG  . SER A 1 33  ? -13.898 2.112   -3.748  1.00 24.72 ? 12  SER A OG  1 
ATOM   132  N N   . SER A 1 34  ? -12.071 5.307   -3.393  1.00 18.28 ? 13  SER A N   1 
ATOM   133  C CA  . SER A 1 34  ? -11.220 5.842   -2.293  1.00 17.82 ? 13  SER A CA  1 
ATOM   134  C C   . SER A 1 34  ? -12.140 6.608   -1.332  1.00 21.77 ? 13  SER A C   1 
ATOM   135  O O   . SER A 1 34  ? -12.957 7.465   -1.770  1.00 24.47 ? 13  SER A O   1 
ATOM   136  C CB  . SER A 1 34  ? -10.118 6.718   -2.877  1.00 18.67 ? 13  SER A CB  1 
ATOM   137  O OG  . SER A 1 34  ? -9.263  7.281   -1.882  1.00 18.65 ? 13  SER A OG  1 
ATOM   138  N N   . GLU A 1 35  ? -12.144 6.213   -0.083  1.00 17.13 ? 14  GLU A N   1 
ATOM   139  C CA  . GLU A 1 35  ? -12.935 6.944   0.914   1.00 19.54 ? 14  GLU A CA  1 
ATOM   140  C C   . GLU A 1 35  ? -11.973 7.427   2.009   1.00 17.77 ? 14  GLU A C   1 
ATOM   141  O O   . GLU A 1 35  ? -11.141 6.640   2.523   1.00 18.37 ? 14  GLU A O   1 
ATOM   142  C CB  . GLU A 1 35  ? -13.962 5.976   1.546   1.00 21.95 ? 14  GLU A CB  1 
ATOM   143  C CG  . GLU A 1 35  ? -15.089 5.591   0.562   0.50 23.67 ? 14  GLU A CG  1 
ATOM   144  C CD  . GLU A 1 35  ? -15.938 6.785   0.101   0.50 31.30 ? 14  GLU A CD  1 
ATOM   145  O OE1 . GLU A 1 35  ? -16.245 7.682   0.943   0.50 28.38 ? 14  GLU A OE1 1 
ATOM   146  O OE2 . GLU A 1 35  ? -16.275 6.852   -1.112  0.50 32.25 ? 14  GLU A OE2 1 
ATOM   147  N N   . ASN A 1 36  ? -12.170 8.699   2.368   1.00 15.72 ? 15  ASN A N   1 
ATOM   148  C CA  . ASN A 1 36  ? -11.525 9.281   3.573   1.00 15.69 ? 15  ASN A CA  1 
ATOM   149  C C   . ASN A 1 36  ? -10.040 9.379   3.377   1.00 15.15 ? 15  ASN A C   1 
ATOM   150  O O   . ASN A 1 36  ? -9.304  9.567   4.337   1.00 14.50 ? 15  ASN A O   1 
ATOM   151  C CB  . ASN A 1 36  ? -11.894 8.571   4.896   1.00 17.34 ? 15  ASN A CB  1 
ATOM   152  C CG  . ASN A 1 36  ? -11.925 9.534   6.087   0.50 16.41 ? 15  ASN A CG  1 
ATOM   153  O OD1 . ASN A 1 36  ? -12.510 10.640  6.022   0.50 18.21 ? 15  ASN A OD1 1 
ATOM   154  N ND2 . ASN A 1 36  ? -11.309 9.141   7.182   0.50 17.91 ? 15  ASN A ND2 1 
ATOM   155  N N   . PHE A 1 37  ? -9.535  9.343   2.099   1.00 13.90 ? 16  PHE A N   1 
ATOM   156  C CA  . PHE A 1 37  ? -8.111  9.354   1.940   1.00 14.23 ? 16  PHE A CA  1 
ATOM   157  C C   . PHE A 1 37  ? -7.505  10.742  2.210   1.00 15.67 ? 16  PHE A C   1 
ATOM   158  O O   . PHE A 1 37  ? -6.344  10.867  2.692   1.00 14.90 ? 16  PHE A O   1 
ATOM   159  C CB  . PHE A 1 37  ? -7.764  8.901   0.477   1.00 13.08 ? 16  PHE A CB  1 
ATOM   160  C CG  . PHE A 1 37  ? -6.286  8.604   0.256   1.00 17.08 ? 16  PHE A CG  1 
ATOM   161  C CD1 . PHE A 1 37  ? -5.593  7.720   1.059   1.00 17.52 ? 16  PHE A CD1 1 
ATOM   162  C CD2 . PHE A 1 37  ? -5.642  9.168   -0.891  1.00 18.21 ? 16  PHE A CD2 1 
ATOM   163  C CE1 . PHE A 1 37  ? -4.271  7.382   0.798   1.00 18.74 ? 16  PHE A CE1 1 
ATOM   164  C CE2 . PHE A 1 37  ? -4.296  8.857   -1.155  1.00 15.08 ? 16  PHE A CE2 1 
ATOM   165  C CZ  . PHE A 1 37  ? -3.629  8.010   -0.285  1.00 16.32 ? 16  PHE A CZ  1 
ATOM   166  N N   . ASP A 1 38  ? -8.256  11.828  1.922   1.00 17.75 ? 17  ASP A N   1 
ATOM   167  C CA  . ASP A 1 38  ? -7.691  13.131  2.219   1.00 16.88 ? 17  ASP A CA  1 
ATOM   168  C C   . ASP A 1 38  ? -7.479  13.346  3.714   1.00 17.93 ? 17  ASP A C   1 
ATOM   169  O O   . ASP A 1 38  ? -6.404  13.859  4.128   1.00 16.29 ? 17  ASP A O   1 
ATOM   170  C CB  . ASP A 1 38  ? -8.563  14.264  1.644   1.00 17.90 ? 17  ASP A CB  1 
ATOM   171  C CG  . ASP A 1 38  ? -7.884  15.580  1.735   1.00 17.83 ? 17  ASP A CG  1 
ATOM   172  O OD1 . ASP A 1 38  ? -6.917  15.826  1.033   1.00 19.46 ? 17  ASP A OD1 1 
ATOM   173  O OD2 . ASP A 1 38  ? -8.324  16.414  2.515   1.00 22.20 ? 17  ASP A OD2 1 
ATOM   174  N N   . ASP A 1 39  ? -8.451  12.919  4.525   1.00 16.93 ? 18  ASP A N   1 
ATOM   175  C CA  . ASP A 1 39  ? -8.308  13.021  5.977   1.00 19.97 ? 18  ASP A CA  1 
ATOM   176  C C   . ASP A 1 39  ? -7.201  12.123  6.520   1.00 18.07 ? 18  ASP A C   1 
ATOM   177  O O   . ASP A 1 39  ? -6.500  12.510  7.478   1.00 17.08 ? 18  ASP A O   1 
ATOM   178  C CB  . ASP A 1 39  ? -9.625  12.620  6.666   1.00 22.04 ? 18  ASP A CB  1 
ATOM   179  C CG  . ASP A 1 39  ? -10.723 13.800  6.725   1.00 28.90 ? 18  ASP A CG  1 
ATOM   180  O OD1 . ASP A 1 39  ? -11.196 14.233  5.716   1.00 34.38 ? 18  ASP A OD1 1 
ATOM   181  O OD2 . ASP A 1 39  ? -11.202 14.234  7.794   1.00 41.60 ? 18  ASP A OD2 1 
ATOM   182  N N   . TYR A 1 40  ? -7.053  10.909  5.937   1.00 16.25 ? 19  TYR A N   1 
ATOM   183  C CA  . TYR A 1 40  ? -5.951  10.019  6.334   1.00 13.63 ? 19  TYR A CA  1 
ATOM   184  C C   . TYR A 1 40  ? -4.661  10.725  6.000   1.00 12.51 ? 19  TYR A C   1 
ATOM   185  O O   . TYR A 1 40  ? -3.753  10.758  6.827   1.00 13.49 ? 19  TYR A O   1 
ATOM   186  C CB  . TYR A 1 40  ? -6.103  8.640   5.631   1.00 13.75 ? 19  TYR A CB  1 
ATOM   187  C CG  . TYR A 1 40  ? -4.833  7.846   5.732   1.00 14.07 ? 19  TYR A CG  1 
ATOM   188  C CD1 . TYR A 1 40  ? -4.501  7.145   6.833   1.00 14.44 ? 19  TYR A CD1 1 
ATOM   189  C CD2 . TYR A 1 40  ? -3.924  7.839   4.560   1.00 11.82 ? 19  TYR A CD2 1 
ATOM   190  C CE1 . TYR A 1 40  ? -3.272  6.438   6.890   1.00 12.09 ? 19  TYR A CE1 1 
ATOM   191  C CE2 . TYR A 1 40  ? -2.715  7.113   4.576   1.00 11.91 ? 19  TYR A CE2 1 
ATOM   192  C CZ  . TYR A 1 40  ? -2.361  6.461   5.735   1.00 13.28 ? 19  TYR A CZ  1 
ATOM   193  O OH  . TYR A 1 40  ? -1.161  5.761   5.784   1.00 13.67 ? 19  TYR A OH  1 
ATOM   194  N N   . MET A 1 41  ? -4.520  11.256  4.753   1.00 14.11 ? 20  MET A N   1 
ATOM   195  C CA  . MET A 1 41  ? -3.281  11.890  4.507   1.00 15.02 ? 20  MET A CA  1 
ATOM   196  C C   . MET A 1 41  ? -3.035  13.093  5.414   1.00 16.12 ? 20  MET A C   1 
ATOM   197  O O   . MET A 1 41  ? -1.879  13.322  5.797   1.00 16.85 ? 20  MET A O   1 
ATOM   198  C CB  . MET A 1 41  ? -3.151  12.272  3.040   1.00 11.95 ? 20  MET A CB  1 
ATOM   199  C CG  . MET A 1 41  ? -3.111  11.063  2.064   1.00 13.16 ? 20  MET A CG  1 
ATOM   200  S SD  . MET A 1 41  ? -2.677  11.702  0.409   1.00 16.42 ? 20  MET A SD  1 
ATOM   201  C CE  . MET A 1 41  ? -4.210  12.406  -0.104  1.00 14.85 ? 20  MET A CE  1 
ATOM   202  N N   . LYS A 1 42  ? -4.050  13.891  5.706   1.00 15.24 ? 21  LYS A N   1 
ATOM   203  C CA  . LYS A 1 42  ? -3.792  14.967  6.720   1.00 16.50 ? 21  LYS A CA  1 
ATOM   204  C C   . LYS A 1 42  ? -3.218  14.426  8.010   1.00 18.06 ? 21  LYS A C   1 
ATOM   205  O O   . LYS A 1 42  ? -2.273  15.061  8.543   1.00 20.59 ? 21  LYS A O   1 
ATOM   206  C CB  . LYS A 1 42  ? -5.055  15.811  7.011   1.00 19.32 ? 21  LYS A CB  1 
ATOM   207  C CG  . LYS A 1 42  ? -5.564  16.656  5.842   1.00 22.07 ? 21  LYS A CG  1 
ATOM   208  C CD  . LYS A 1 42  ? -6.809  17.403  6.300   1.00 24.11 ? 21  LYS A CD  1 
ATOM   209  C CE  . LYS A 1 42  ? -7.237  18.415  5.291   1.00 30.46 ? 21  LYS A CE  1 
ATOM   210  N NZ  . LYS A 1 42  ? -8.530  18.987  5.817   1.00 33.04 ? 21  LYS A NZ  1 
ATOM   211  N N   . GLU A 1 43  ? -3.748  13.323  8.531   1.00 17.65 ? 22  GLU A N   1 
ATOM   212  C CA  . GLU A 1 43  ? -3.252  12.712  9.779   1.00 19.37 ? 22  GLU A CA  1 
ATOM   213  C C   . GLU A 1 43  ? -1.791  12.297  9.655   1.00 20.68 ? 22  GLU A C   1 
ATOM   214  O O   . GLU A 1 43  ? -0.983  12.468  10.606  1.00 20.68 ? 22  GLU A O   1 
ATOM   215  C CB  . GLU A 1 43  ? -4.109  11.536  10.173  1.00 22.58 ? 22  GLU A CB  1 
ATOM   216  C CG  . GLU A 1 43  ? -4.125  11.249  11.639  1.00 24.73 ? 22  GLU A CG  1 
ATOM   217  C CD  . GLU A 1 43  ? -4.909  12.315  12.428  1.00 34.99 ? 22  GLU A CD  1 
ATOM   218  O OE1 . GLU A 1 43  ? -5.616  13.157  11.834  1.00 31.65 ? 22  GLU A OE1 1 
ATOM   219  O OE2 . GLU A 1 43  ? -4.878  12.272  13.678  1.00 36.14 ? 22  GLU A OE2 1 
ATOM   220  N N   . VAL A 1 44  ? -1.399  11.848  8.467   1.00 21.66 ? 23  VAL A N   1 
ATOM   221  C CA  . VAL A 1 44  ? -0.054  11.407  8.191   1.00 19.47 ? 23  VAL A CA  1 
ATOM   222  C C   . VAL A 1 44  ? 0.847   12.612  8.195   1.00 19.08 ? 23  VAL A C   1 
ATOM   223  O O   . VAL A 1 44  ? 1.986   12.496  8.616   1.00 18.13 ? 23  VAL A O   1 
ATOM   224  C CB  . VAL A 1 44  ? 0.014   10.566  6.897   1.00 18.35 ? 23  VAL A CB  1 
ATOM   225  C CG1 . VAL A 1 44  ? 1.477   10.358  6.466   1.00 17.83 ? 23  VAL A CG1 1 
ATOM   226  C CG2 . VAL A 1 44  ? -0.644  9.208   7.133   1.00 16.89 ? 23  VAL A CG2 1 
ATOM   227  N N   . GLY A 1 45  ? 0.299   13.775  7.805   1.00 17.95 ? 24  GLY A N   1 
ATOM   228  C CA  . GLY A 1 45  ? 1.019   15.007  7.667   1.00 16.42 ? 24  GLY A CA  1 
ATOM   229  C C   . GLY A 1 45  ? 1.430   15.384  6.239   1.00 17.64 ? 24  GLY A C   1 
ATOM   230  O O   . GLY A 1 45  ? 2.269   16.264  6.020   1.00 19.72 ? 24  GLY A O   1 
ATOM   231  N N   . VAL A 1 46  ? 0.728   14.835  5.239   1.00 16.09 ? 25  VAL A N   1 
ATOM   232  C CA  . VAL A 1 46  ? 0.922   15.252  3.851   1.00 15.74 ? 25  VAL A CA  1 
ATOM   233  C C   . VAL A 1 46  ? 0.416   16.709  3.653   1.00 16.47 ? 25  VAL A C   1 
ATOM   234  O O   . VAL A 1 46  ? -0.700  17.023  4.044   1.00 18.12 ? 25  VAL A O   1 
ATOM   235  C CB  . VAL A 1 46  ? 0.116   14.327  2.942   1.00 15.65 ? 25  VAL A CB  1 
ATOM   236  C CG1 . VAL A 1 46  ? 0.483   14.569  1.476   1.00 15.38 ? 25  VAL A CG1 1 
ATOM   237  C CG2 . VAL A 1 46  ? 0.355   12.871  3.376   1.00 17.75 ? 25  VAL A CG2 1 
ATOM   238  N N   . GLY A 1 47  ? 1.237   17.498  2.963   1.00 17.69 ? 26  GLY A N   1 
ATOM   239  C CA  . GLY A 1 47  ? 0.888   18.907  2.744   1.00 20.97 ? 26  GLY A CA  1 
ATOM   240  C C   . GLY A 1 47  ? -0.186  19.000  1.682   1.00 20.16 ? 26  GLY A C   1 
ATOM   241  O O   . GLY A 1 47  ? -0.416  18.026  0.911   1.00 17.72 ? 26  GLY A O   1 
ATOM   242  N N   . PHE A 1 48  ? -0.740  20.216  1.540   1.00 18.21 ? 27  PHE A N   1 
ATOM   243  C CA  . PHE A 1 48  ? -1.929  20.415  0.745   1.00 17.65 ? 27  PHE A CA  1 
ATOM   244  C C   . PHE A 1 48  ? -1.746  20.000  -0.708  1.00 16.28 ? 27  PHE A C   1 
ATOM   245  O O   . PHE A 1 48  ? -2.602  19.206  -1.241  1.00 16.55 ? 27  PHE A O   1 
ATOM   246  C CB  . PHE A 1 48  ? -2.267  21.931  0.781   1.00 18.63 ? 27  PHE A CB  1 
ATOM   247  C CG  . PHE A 1 48  ? -3.504  22.276  0.012   1.00 16.67 ? 27  PHE A CG  1 
ATOM   248  C CD1 . PHE A 1 48  ? -4.783  22.180  0.589   1.00 20.22 ? 27  PHE A CD1 1 
ATOM   249  C CD2 . PHE A 1 48  ? -3.382  22.694  -1.358  1.00 20.95 ? 27  PHE A CD2 1 
ATOM   250  C CE1 . PHE A 1 48  ? -5.946  22.474  -0.215  1.00 20.17 ? 27  PHE A CE1 1 
ATOM   251  C CE2 . PHE A 1 48  ? -4.526  22.993  -2.121  1.00 21.38 ? 27  PHE A CE2 1 
ATOM   252  C CZ  . PHE A 1 48  ? -5.789  22.864  -1.548  1.00 18.60 ? 27  PHE A CZ  1 
ATOM   253  N N   . ALA A 1 49  ? -0.719  20.548  -1.388  1.00 17.61 ? 28  ALA A N   1 
ATOM   254  C CA  . ALA A 1 49  ? -0.619  20.306  -2.823  1.00 17.53 ? 28  ALA A CA  1 
ATOM   255  C C   . ALA A 1 49  ? -0.372  18.844  -3.154  1.00 15.71 ? 28  ALA A C   1 
ATOM   256  O O   . ALA A 1 49  ? -1.013  18.302  -4.064  1.00 17.59 ? 28  ALA A O   1 
ATOM   257  C CB  . ALA A 1 49  ? 0.428   21.153  -3.450  1.00 15.90 ? 28  ALA A CB  1 
ATOM   258  N N   . THR A 1 50  ? 0.515   18.196  -2.432  1.00 16.30 ? 29  THR A N   1 
ATOM   259  C CA  . THR A 1 50  ? 0.664   16.752  -2.526  1.00 16.93 ? 29  THR A CA  1 
ATOM   260  C C   . THR A 1 50  ? -0.665  16.019  -2.275  1.00 16.85 ? 29  THR A C   1 
ATOM   261  O O   . THR A 1 50  ? -0.991  15.128  -3.072  1.00 16.57 ? 29  THR A O   1 
ATOM   262  C CB  . THR A 1 50  ? 1.813   16.223  -1.600  1.00 16.40 ? 29  THR A CB  1 
ATOM   263  O OG1 . THR A 1 50  ? 3.010   16.933  -1.900  1.00 20.44 ? 29  THR A OG1 1 
ATOM   264  C CG2 . THR A 1 50  ? 2.114   14.752  -1.876  1.00 16.42 ? 29  THR A CG2 1 
ATOM   265  N N   . ARG A 1 51  ? -1.424  16.309  -1.187  1.00 16.60 ? 30  ARG A N   1 
ATOM   266  C CA  . ARG A 1 51  ? -2.743  15.665  -1.001  1.00 16.99 ? 30  ARG A CA  1 
ATOM   267  C C   . ARG A 1 51  ? -3.655  15.816  -2.180  1.00 18.01 ? 30  ARG A C   1 
ATOM   268  O O   . ARG A 1 51  ? -4.362  14.847  -2.537  1.00 17.66 ? 30  ARG A O   1 
ATOM   269  C CB  . ARG A 1 51  ? -3.494  16.192  0.219   1.00 16.95 ? 30  ARG A CB  1 
ATOM   270  C CG  . ARG A 1 51  ? -2.853  15.689  1.472   1.00 18.13 ? 30  ARG A CG  1 
ATOM   271  C CD  . ARG A 1 51  ? -3.858  15.805  2.608   1.00 14.75 ? 30  ARG A CD  1 
ATOM   272  N NE  . ARG A 1 51  ? -4.659  17.053  2.535   1.00 14.64 ? 30  ARG A NE  1 
ATOM   273  C CZ  . ARG A 1 51  ? -4.289  18.237  3.035   1.00 17.82 ? 30  ARG A CZ  1 
ATOM   274  N NH1 . ARG A 1 51  ? -3.076  18.425  3.565   1.00 17.65 ? 30  ARG A NH1 1 
ATOM   275  N NH2 . ARG A 1 51  ? -5.153  19.292  2.903   1.00 19.29 ? 30  ARG A NH2 1 
ATOM   276  N N   . LYS A 1 52  ? -3.653  16.990  -2.829  1.00 17.17 ? 31  LYS A N   1 
ATOM   277  C CA  . LYS A 1 52  ? -4.680  17.192  -3.849  1.00 17.34 ? 31  LYS A CA  1 
ATOM   278  C C   . LYS A 1 52  ? -4.304  16.318  -5.037  1.00 16.95 ? 31  LYS A C   1 
ATOM   279  O O   . LYS A 1 52  ? -5.233  15.735  -5.666  1.00 16.53 ? 31  LYS A O   1 
ATOM   280  C CB  . LYS A 1 52  ? -4.730  18.667  -4.300  1.00 19.64 ? 31  LYS A CB  1 
ATOM   281  C CG  . LYS A 1 52  ? -5.256  19.563  -3.196  1.00 22.93 ? 31  LYS A CG  1 
ATOM   282  C CD  . LYS A 1 52  ? -6.704  19.249  -2.846  1.00 25.73 ? 31  LYS A CD  1 
ATOM   283  C CE  . LYS A 1 52  ? -6.846  19.162  -1.353  1.00 27.73 ? 31  LYS A CE  1 
ATOM   284  N NZ  . LYS A 1 52  ? -8.214  18.844  -0.844  1.00 28.13 ? 31  LYS A NZ  1 
ATOM   285  N N   . VAL A 1 53  ? -3.029  16.351  -5.391  1.00 16.39 ? 32  VAL A N   1 
ATOM   286  C CA  . VAL A 1 53  ? -2.544  15.625  -6.621  1.00 16.68 ? 32  VAL A CA  1 
ATOM   287  C C   . VAL A 1 53  ? -2.558  14.076  -6.412  1.00 17.25 ? 32  VAL A C   1 
ATOM   288  O O   . VAL A 1 53  ? -3.081  13.294  -7.233  1.00 16.68 ? 32  VAL A O   1 
ATOM   289  C CB  . VAL A 1 53  ? -1.188  16.189  -7.069  1.00 16.33 ? 32  VAL A CB  1 
ATOM   290  C CG1 . VAL A 1 53  ? -0.620  15.342  -8.216  0.50 13.45 ? 32  VAL A CG1 1 
ATOM   291  C CG2 . VAL A 1 53  ? -1.374  17.629  -7.560  0.50 12.15 ? 32  VAL A CG2 1 
ATOM   292  N N   . ALA A 1 54  ? -2.153  13.660  -5.235  1.00 15.87 ? 33  ALA A N   1 
ATOM   293  C CA  . ALA A 1 54  ? -2.245  12.231  -4.809  1.00 17.13 ? 33  ALA A CA  1 
ATOM   294  C C   . ALA A 1 54  ? -3.661  11.739  -4.754  1.00 18.88 ? 33  ALA A C   1 
ATOM   295  O O   . ALA A 1 54  ? -3.939  10.644  -5.198  1.00 16.76 ? 33  ALA A O   1 
ATOM   296  C CB  . ALA A 1 54  ? -1.583  12.081  -3.468  1.00 16.43 ? 33  ALA A CB  1 
ATOM   297  N N   . GLY A 1 55  ? -4.621  12.528  -4.222  1.00 17.40 ? 34  GLY A N   1 
ATOM   298  C CA  . GLY A 1 55  ? -5.954  12.072  -4.117  1.00 19.10 ? 34  GLY A CA  1 
ATOM   299  C C   . GLY A 1 55  ? -6.671  11.915  -5.442  1.00 18.57 ? 34  GLY A C   1 
ATOM   300  O O   . GLY A 1 55  ? -7.600  11.112  -5.507  1.00 18.64 ? 34  GLY A O   1 
ATOM   301  N N   . MET A 1 56  ? -6.230  12.674  -6.477  1.00 19.05 ? 35  MET A N   1 
ATOM   302  C CA  . MET A 1 56  ? -6.722  12.600  -7.855  1.00 19.16 ? 35  MET A CA  1 
ATOM   303  C C   . MET A 1 56  ? -6.281  11.287  -8.579  1.00 16.31 ? 35  MET A C   1 
ATOM   304  O O   . MET A 1 56  ? -6.985  10.799  -9.428  1.00 18.51 ? 35  MET A O   1 
ATOM   305  C CB  . MET A 1 56  ? -6.298  13.806  -8.702  1.00 19.05 ? 35  MET A CB  1 
ATOM   306  C CG  . MET A 1 56  ? -7.097  15.063  -8.304  1.00 18.26 ? 35  MET A CG  1 
ATOM   307  S SD  . MET A 1 56  ? -8.826  14.907  -8.636  1.00 20.04 ? 35  MET A SD  1 
ATOM   308  C CE  . MET A 1 56  ? -8.890  14.755  -10.381 1.00 19.86 ? 35  MET A CE  1 
ATOM   309  N N   . ALA A 1 57  ? -5.174  10.706  -8.125  1.00 16.65 ? 36  ALA A N   1 
ATOM   310  C CA  . ALA A 1 57  ? -4.575  9.603   -8.867  1.00 16.26 ? 36  ALA A CA  1 
ATOM   311  C C   . ALA A 1 57  ? -5.435  8.328   -8.836  1.00 15.82 ? 36  ALA A C   1 
ATOM   312  O O   . ALA A 1 57  ? -6.161  8.035   -7.853  1.00 17.19 ? 36  ALA A O   1 
ATOM   313  C CB  . ALA A 1 57  ? -3.180  9.340   -8.399  1.00 16.26 ? 36  ALA A CB  1 
ATOM   314  N N   . LYS A 1 58  ? -5.382  7.599   -9.950  1.00 16.65 ? 37  LYS A N   1 
ATOM   315  C CA  . LYS A 1 58  ? -6.061  6.305   -10.108 1.00 19.37 ? 37  LYS A CA  1 
ATOM   316  C C   . LYS A 1 58  ? -4.959  5.269   -10.450 1.00 19.56 ? 37  LYS A C   1 
ATOM   317  O O   . LYS A 1 58  ? -4.795  4.805   -11.565 1.00 17.29 ? 37  LYS A O   1 
ATOM   318  C CB  . LYS A 1 58  ? -7.162  6.415   -11.176 1.00 22.26 ? 37  LYS A CB  1 
ATOM   319  C CG  . LYS A 1 58  ? -8.310  7.315   -10.668 1.00 27.38 ? 37  LYS A CG  1 
ATOM   320  C CD  . LYS A 1 58  ? -9.304  6.557   -9.791  1.00 33.13 ? 37  LYS A CD  1 
ATOM   321  C CE  . LYS A 1 58  ? -10.542 7.414   -9.513  1.00 36.34 ? 37  LYS A CE  1 
ATOM   322  N NZ  . LYS A 1 58  ? -11.685 6.596   -8.957  1.00 42.99 ? 37  LYS A NZ  1 
ATOM   323  N N   . PRO A 1 59  ? -4.121  4.943   -9.453  1.00 18.11 ? 38  PRO A N   1 
ATOM   324  C CA  . PRO A 1 59  ? -2.976  4.080   -9.720  1.00 18.19 ? 38  PRO A CA  1 
ATOM   325  C C   . PRO A 1 59  ? -3.362  2.669   -10.149 1.00 19.45 ? 38  PRO A C   1 
ATOM   326  O O   . PRO A 1 59  ? -4.425  2.141   -9.781  1.00 18.75 ? 38  PRO A O   1 
ATOM   327  C CB  . PRO A 1 59  ? -2.303  3.944   -8.358  1.00 18.43 ? 38  PRO A CB  1 
ATOM   328  C CG  . PRO A 1 59  ? -3.289  4.464   -7.353  1.00 17.57 ? 38  PRO A CG  1 
ATOM   329  C CD  . PRO A 1 59  ? -4.264  5.351   -8.048  1.00 17.71 ? 38  PRO A CD  1 
ATOM   330  N N   . ASN A 1 60  ? -2.434  2.098   -10.894 1.00 18.31 ? 39  ASN A N   1 
ATOM   331  C CA  . ASN A 1 60  ? -2.378  0.655   -11.111 1.00 19.96 ? 39  ASN A CA  1 
ATOM   332  C C   . ASN A 1 60  ? -1.371  0.057   -10.144 1.00 19.21 ? 39  ASN A C   1 
ATOM   333  O O   . ASN A 1 60  ? -0.263  0.596   -9.949  1.00 21.51 ? 39  ASN A O   1 
ATOM   334  C CB  . ASN A 1 60  ? -2.051  0.371   -12.538 1.00 24.79 ? 39  ASN A CB  1 
ATOM   335  C CG  . ASN A 1 60  ? -3.304  0.396   -13.420 1.00 32.11 ? 39  ASN A CG  1 
ATOM   336  O OD1 . ASN A 1 60  ? -4.411  0.719   -12.983 1.00 37.13 ? 39  ASN A OD1 1 
ATOM   337  N ND2 . ASN A 1 60  ? -3.130  0.055   -14.623 1.00 36.77 ? 39  ASN A ND2 1 
ATOM   338  N N   . MET A 1 61  ? -1.707  -1.054  -9.517  1.00 15.65 ? 40  MET A N   1 
ATOM   339  C CA  . MET A 1 61  ? -0.754  -1.569  -8.549  1.00 14.58 ? 40  MET A CA  1 
ATOM   340  C C   . MET A 1 61  ? -0.430  -2.959  -9.084  1.00 15.85 ? 40  MET A C   1 
ATOM   341  O O   . MET A 1 61  ? -1.372  -3.690  -9.470  1.00 17.73 ? 40  MET A O   1 
ATOM   342  C CB  . MET A 1 61  ? -1.446  -1.688  -7.153  1.00 17.88 ? 40  MET A CB  1 
ATOM   343  C CG  . MET A 1 61  ? -0.678  -2.497  -6.203  1.00 18.53 ? 40  MET A CG  1 
ATOM   344  S SD  . MET A 1 61  ? -1.364  -2.408  -4.551  1.00 22.47 ? 40  MET A SD  1 
ATOM   345  C CE  . MET A 1 61  ? -2.986  -3.023  -4.835  1.00 21.81 ? 40  MET A CE  1 
ATOM   346  N N   . ILE A 1 62  ? 0.850   -3.300  -9.218  1.00 14.90 ? 41  ILE A N   1 
ATOM   347  C CA  . ILE A 1 62  ? 1.259   -4.541  -9.876  1.00 15.87 ? 41  ILE A CA  1 
ATOM   348  C C   . ILE A 1 62  ? 1.991   -5.316  -8.782  1.00 17.37 ? 41  ILE A C   1 
ATOM   349  O O   . ILE A 1 62  ? 3.004   -4.808  -8.246  1.00 19.42 ? 41  ILE A O   1 
ATOM   350  C CB  . ILE A 1 62  ? 2.195   -4.223  -11.067 1.00 17.32 ? 41  ILE A CB  1 
ATOM   351  C CG1 . ILE A 1 62  ? 1.358   -3.537  -12.154 1.00 22.40 ? 41  ILE A CG1 1 
ATOM   352  C CG2 . ILE A 1 62  ? 2.789   -5.481  -11.661 1.00 18.39 ? 41  ILE A CG2 1 
ATOM   353  C CD1 . ILE A 1 62  ? 1.619   -2.044  -12.269 1.00 31.05 ? 41  ILE A CD1 1 
ATOM   354  N N   . ILE A 1 63  ? 1.461   -6.491  -8.393  1.00 14.75 ? 42  ILE A N   1 
ATOM   355  C CA  . ILE A 1 63  ? 2.044   -7.268  -7.308  1.00 15.93 ? 42  ILE A CA  1 
ATOM   356  C C   . ILE A 1 63  ? 2.586   -8.540  -7.951  1.00 16.67 ? 42  ILE A C   1 
ATOM   357  O O   . ILE A 1 63  ? 1.820   -9.270  -8.604  1.00 16.55 ? 42  ILE A O   1 
ATOM   358  C CB  . ILE A 1 63  ? 0.975   -7.586  -6.296  1.00 13.97 ? 42  ILE A CB  1 
ATOM   359  C CG1 . ILE A 1 63  ? 0.414   -6.215  -5.774  1.00 13.45 ? 42  ILE A CG1 1 
ATOM   360  C CG2 . ILE A 1 63  ? 1.506   -8.490  -5.151  1.00 14.80 ? 42  ILE A CG2 1 
ATOM   361  C CD1 . ILE A 1 63  ? -0.575  -6.413  -4.551  1.00 16.17 ? 42  ILE A CD1 1 
ATOM   362  N N   . SER A 1 64  ? 3.837   -8.876  -7.634  1.00 14.90 ? 43  SER A N   1 
ATOM   363  C CA  . SER A 1 64  ? 4.397   -10.150 -8.136  1.00 15.41 ? 43  SER A CA  1 
ATOM   364  C C   . SER A 1 64  ? 5.239   -10.791 -7.061  1.00 15.46 ? 43  SER A C   1 
ATOM   365  O O   . SER A 1 64  ? 5.669   -10.127 -6.090  1.00 14.80 ? 43  SER A O   1 
ATOM   366  C CB  . SER A 1 64  ? 5.234   -9.842  -9.374  1.00 17.05 ? 43  SER A CB  1 
ATOM   367  O OG  . SER A 1 64  ? 6.241   -8.930  -9.050  1.00 20.74 ? 43  SER A OG  1 
ATOM   368  N N   . VAL A 1 65  ? 5.519   -12.102 -7.256  1.00 16.68 ? 44  VAL A N   1 
ATOM   369  C CA  . VAL A 1 65  ? 6.209   -12.883 -6.220  1.00 19.88 ? 44  VAL A CA  1 
ATOM   370  C C   . VAL A 1 65  ? 7.268   -13.650 -7.003  1.00 19.43 ? 44  VAL A C   1 
ATOM   371  O O   . VAL A 1 65  ? 6.943   -14.250 -8.071  1.00 21.45 ? 44  VAL A O   1 
ATOM   372  C CB  . VAL A 1 65  ? 5.283   -13.764 -5.362  1.00 19.94 ? 44  VAL A CB  1 
ATOM   373  C CG1 . VAL A 1 65  ? 6.097   -14.498 -4.295  1.00 23.22 ? 44  VAL A CG1 1 
ATOM   374  C CG2 . VAL A 1 65  ? 4.285   -12.883 -4.658  1.00 22.97 ? 44  VAL A CG2 1 
ATOM   375  N N   . ASN A 1 66  ? 8.510   -13.575 -6.553  1.00 19.15 ? 45  ASN A N   1 
ATOM   376  C CA  . ASN A 1 66  ? 9.628   -14.367 -7.163  1.00 18.50 ? 45  ASN A CA  1 
ATOM   377  C C   . ASN A 1 66  ? 10.423  -14.993 -5.999  1.00 22.12 ? 45  ASN A C   1 
ATOM   378  O O   . ASN A 1 66  ? 11.058  -14.293 -5.169  1.00 19.57 ? 45  ASN A O   1 
ATOM   379  C CB  . ASN A 1 66  ? 10.425  -13.425 -8.052  1.00 18.15 ? 45  ASN A CB  1 
ATOM   380  C CG  . ASN A 1 66  ? 11.516  -14.108 -8.835  1.00 17.72 ? 45  ASN A CG  1 
ATOM   381  O OD1 . ASN A 1 66  ? 11.892  -13.640 -10.024 1.00 21.39 ? 45  ASN A OD1 1 
ATOM   382  N ND2 . ASN A 1 66  ? 12.165  -15.042 -8.193  1.00 17.04 ? 45  ASN A ND2 1 
ATOM   383  N N   . GLY A 1 67  ? 10.341  -16.325 -5.826  1.00 25.22 ? 46  GLY A N   1 
ATOM   384  C CA  . GLY A 1 67  ? 10.931  -16.939 -4.643  1.00 24.31 ? 46  GLY A CA  1 
ATOM   385  C C   . GLY A 1 67  ? 10.309  -16.310 -3.440  1.00 22.53 ? 46  GLY A C   1 
ATOM   386  O O   . GLY A 1 67  ? 9.106   -16.310 -3.335  1.00 25.26 ? 46  GLY A O   1 
ATOM   387  N N   . ASP A 1 68  ? 11.135  -15.771 -2.529  1.00 19.65 ? 47  ASP A N   1 
ATOM   388  C CA  . ASP A 1 68  ? 10.658  -15.227 -1.202  1.00 19.78 ? 47  ASP A CA  1 
ATOM   389  C C   . ASP A 1 68  ? 10.420  -13.734 -1.277  1.00 19.31 ? 47  ASP A C   1 
ATOM   390  O O   . ASP A 1 68  ? 10.168  -13.090 -0.247  1.00 16.89 ? 47  ASP A O   1 
ATOM   391  C CB  . ASP A 1 68  ? 11.778  -15.399 -0.232  1.00 25.68 ? 47  ASP A CB  1 
ATOM   392  C CG  . ASP A 1 68  ? 11.889  -16.817 0.315   1.00 32.65 ? 47  ASP A CG  1 
ATOM   393  O OD1 . ASP A 1 68  ? 10.888  -17.606 0.286   1.00 30.65 ? 47  ASP A OD1 1 
ATOM   394  O OD2 . ASP A 1 68  ? 13.005  -17.078 0.832   1.00 41.00 ? 47  ASP A OD2 1 
ATOM   395  N N   . VAL A 1 69  ? 10.690  -13.180 -2.471  1.00 16.27 ? 48  VAL A N   1 
ATOM   396  C CA  . VAL A 1 69  ? 10.662  -11.692 -2.667  1.00 16.27 ? 48  VAL A CA  1 
ATOM   397  C C   . VAL A 1 69  ? 9.314   -11.284 -3.249  1.00 15.75 ? 48  VAL A C   1 
ATOM   398  O O   . VAL A 1 69  ? 8.952   -11.710 -4.373  1.00 17.14 ? 48  VAL A O   1 
ATOM   399  C CB  . VAL A 1 69  ? 11.824  -11.155 -3.570  1.00 17.11 ? 48  VAL A CB  1 
ATOM   400  C CG1 . VAL A 1 69  ? 11.704  -9.629  -3.657  1.00 16.04 ? 48  VAL A CG1 1 
ATOM   401  C CG2 . VAL A 1 69  ? 13.200  -11.552 -3.025  1.00 16.50 ? 48  VAL A CG2 1 
ATOM   402  N N   . ILE A 1 70  ? 8.637   -10.323 -2.619  1.00 12.19 ? 49  ILE A N   1 
ATOM   403  C CA  . ILE A 1 70  ? 7.359   -9.871  -3.145  1.00 13.49 ? 49  ILE A CA  1 
ATOM   404  C C   . ILE A 1 70  ? 7.648   -8.429  -3.654  1.00 13.35 ? 49  ILE A C   1 
ATOM   405  O O   . ILE A 1 70  ? 8.398   -7.661  -3.005  1.00 13.73 ? 49  ILE A O   1 
ATOM   406  C CB  . ILE A 1 70  ? 6.336   -9.767  -1.984  1.00 13.89 ? 49  ILE A CB  1 
ATOM   407  C CG1 . ILE A 1 70  ? 6.119   -11.158 -1.362  1.00 15.86 ? 49  ILE A CG1 1 
ATOM   408  C CG2 . ILE A 1 70  ? 4.997   -9.175  -2.485  1.00 15.33 ? 49  ILE A CG2 1 
ATOM   409  C CD1 . ILE A 1 70  ? 5.174   -11.130 -0.122  1.00 19.13 ? 49  ILE A CD1 1 
ATOM   410  N N   . THR A 1 71  ? 7.107   -8.099  -4.811  1.00 14.09 ? 50  THR A N   1 
ATOM   411  C CA  . THR A 1 71  ? 7.323   -6.724  -5.378  1.00 14.20 ? 50  THR A CA  1 
ATOM   412  C C   . THR A 1 71  ? 5.938   -6.092  -5.462  1.00 14.51 ? 50  THR A C   1 
ATOM   413  O O   . THR A 1 71  ? 4.965   -6.721  -5.971  1.00 15.05 ? 50  THR A O   1 
ATOM   414  C CB  . THR A 1 71  ? 8.024   -6.746  -6.769  1.00 14.16 ? 50  THR A CB  1 
ATOM   415  O OG1 . THR A 1 71  ? 9.352   -7.291  -6.652  1.00 17.39 ? 50  THR A OG1 1 
ATOM   416  C CG2 . THR A 1 71  ? 8.156   -5.406  -7.310  1.00 16.51 ? 50  THR A CG2 1 
ATOM   417  N N   . ILE A 1 72  ? 5.809   -4.833  -4.971  1.00 13.77 ? 51  ILE A N   1 
ATOM   418  C CA  . ILE A 1 72  ? 4.549   -4.053  -5.158  1.00 14.08 ? 51  ILE A CA  1 
ATOM   419  C C   . ILE A 1 72  ? 4.913   -2.781  -5.920  1.00 15.39 ? 51  ILE A C   1 
ATOM   420  O O   . ILE A 1 72  ? 5.649   -1.952  -5.416  1.00 15.76 ? 51  ILE A O   1 
ATOM   421  C CB  . ILE A 1 72  ? 3.830   -3.697  -3.853  1.00 15.06 ? 51  ILE A CB  1 
ATOM   422  C CG1 . ILE A 1 72  ? 3.451   -5.018  -3.160  1.00 14.55 ? 51  ILE A CG1 1 
ATOM   423  C CG2 . ILE A 1 72  ? 2.535   -2.858  -4.135  1.00 14.68 ? 51  ILE A CG2 1 
ATOM   424  C CD1 . ILE A 1 72  ? 2.868   -4.806  -1.757  1.00 16.47 ? 51  ILE A CD1 1 
ATOM   425  N N   . LYS A 1 73  ? 4.379   -2.621  -7.122  1.00 16.16 ? 52  LYS A N   1 
ATOM   426  C CA  . LYS A 1 73  ? 4.653   -1.405  -7.880  1.00 17.51 ? 52  LYS A CA  1 
ATOM   427  C C   . LYS A 1 73  ? 3.357   -0.615  -7.969  1.00 20.55 ? 52  LYS A C   1 
ATOM   428  O O   . LYS A 1 73  ? 2.267   -1.217  -8.052  1.00 22.51 ? 52  LYS A O   1 
ATOM   429  C CB  . LYS A 1 73  ? 5.091   -1.697  -9.330  1.00 20.65 ? 52  LYS A CB  1 
ATOM   430  C CG  . LYS A 1 73  ? 6.408   -2.359  -9.608  1.00 31.19 ? 52  LYS A CG  1 
ATOM   431  C CD  . LYS A 1 73  ? 6.502   -2.431  -11.168 1.00 32.12 ? 52  LYS A CD  1 
ATOM   432  C CE  . LYS A 1 73  ? 6.253   -1.098  -11.833 1.00 38.21 ? 52  LYS A CE  1 
ATOM   433  N NZ  . LYS A 1 73  ? 6.886   -0.915  -13.194 1.00 43.57 ? 52  LYS A NZ  1 
ATOM   434  N N   . SER A 1 74  ? 3.450   0.722   -7.928  1.00 18.00 ? 53  SER A N   1 
ATOM   435  C CA  . SER A 1 74  ? 2.261   1.583   -8.090  1.00 16.91 ? 53  SER A CA  1 
ATOM   436  C C   . SER A 1 74  ? 2.671   2.481   -9.281  1.00 18.68 ? 53  SER A C   1 
ATOM   437  O O   . SER A 1 74  ? 3.772   3.091   -9.239  1.00 20.66 ? 53  SER A O   1 
ATOM   438  C CB  . SER A 1 74  ? 2.055   2.474   -6.904  1.00 17.78 ? 53  SER A CB  1 
ATOM   439  O OG  . SER A 1 74  ? 0.852   3.142   -7.205  1.00 20.97 ? 53  SER A OG  1 
ATOM   440  N N   . GLU A 1 75  ? 1.810   2.568   -10.264 1.00 17.31 ? 54  GLU A N   1 
ATOM   441  C CA  . GLU A 1 75  ? 2.094   3.431   -11.379 1.00 20.08 ? 54  GLU A CA  1 
ATOM   442  C C   . GLU A 1 75  ? 0.951   4.414   -11.484 1.00 18.36 ? 54  GLU A C   1 
ATOM   443  O O   . GLU A 1 75  ? -0.193  3.944   -11.525 1.00 20.79 ? 54  GLU A O   1 
ATOM   444  C CB  . GLU A 1 75  ? 2.157   2.661   -12.718 1.00 25.49 ? 54  GLU A CB  1 
ATOM   445  C CG  . GLU A 1 75  ? 3.229   1.612   -12.818 1.00 35.20 ? 54  GLU A CG  1 
ATOM   446  C CD  . GLU A 1 75  ? 3.728   1.499   -14.265 1.00 45.34 ? 54  GLU A CD  1 
ATOM   447  O OE1 . GLU A 1 75  ? 2.891   1.611   -15.232 1.00 44.70 ? 54  GLU A OE1 1 
ATOM   448  O OE2 . GLU A 1 75  ? 4.971   1.346   -14.425 1.00 52.48 ? 54  GLU A OE2 1 
ATOM   449  N N   . SER A 1 76  ? 1.219   5.713   -11.588 1.00 17.89 ? 55  SER A N   1 
ATOM   450  C CA  . SER A 1 76  ? 0.073   6.584   -11.774 1.00 19.08 ? 55  SER A CA  1 
ATOM   451  C C   . SER A 1 76  ? 0.579   7.856   -12.343 1.00 20.01 ? 55  SER A C   1 
ATOM   452  O O   . SER A 1 76  ? 1.820   8.105   -12.472 1.00 21.47 ? 55  SER A O   1 
ATOM   453  C CB  . SER A 1 76  ? -0.678  6.882   -10.463 1.00 18.71 ? 55  SER A CB  1 
ATOM   454  O OG  . SER A 1 76  ? 0.093   7.574   -9.536  1.00 18.61 ? 55  SER A OG  1 
ATOM   455  N N   . THR A 1 77  ? -0.369  8.745   -12.583 1.00 23.62 ? 56  THR A N   1 
ATOM   456  C CA  . THR A 1 77  ? 0.041   10.124  -12.990 1.00 24.28 ? 56  THR A CA  1 
ATOM   457  C C   . THR A 1 77  ? 0.716   10.874  -11.833 1.00 24.84 ? 56  THR A C   1 
ATOM   458  O O   . THR A 1 77  ? 1.466   11.799  -12.118 1.00 33.98 ? 56  THR A O   1 
ATOM   459  C CB  . THR A 1 77  ? -1.219  10.966  -13.378 1.00 25.64 ? 56  THR A CB  1 
ATOM   460  O OG1 . THR A 1 77  ? -2.156  10.959  -12.272 1.00 31.64 ? 56  THR A OG1 1 
ATOM   461  C CG2 . THR A 1 77  ? -1.795  10.332  -14.586 1.00 26.33 ? 56  THR A CG2 1 
ATOM   462  N N   . PHE A 1 78  ? 0.434   10.528  -10.545 1.00 24.89 ? 57  PHE A N   1 
ATOM   463  C CA  . PHE A 1 78  ? 1.086   11.180  -9.366  1.00 22.94 ? 57  PHE A CA  1 
ATOM   464  C C   . PHE A 1 78  ? 2.562   10.795  -9.263  1.00 29.50 ? 57  PHE A C   1 
ATOM   465  O O   . PHE A 1 78  ? 3.507   11.632  -9.314  1.00 25.73 ? 57  PHE A O   1 
ATOM   466  C CB  . PHE A 1 78  ? 0.346   10.785  -8.047  1.00 20.57 ? 57  PHE A CB  1 
ATOM   467  C CG  . PHE A 1 78  ? 0.992   11.246  -6.805  1.00 21.94 ? 57  PHE A CG  1 
ATOM   468  C CD1 . PHE A 1 78  ? 1.542   12.524  -6.692  1.00 24.57 ? 57  PHE A CD1 1 
ATOM   469  C CD2 . PHE A 1 78  ? 1.012   10.435  -5.729  1.00 22.74 ? 57  PHE A CD2 1 
ATOM   470  C CE1 . PHE A 1 78  ? 2.072   12.949  -5.451  1.00 22.13 ? 57  PHE A CE1 1 
ATOM   471  C CE2 . PHE A 1 78  ? 1.587   10.790  -4.520  1.00 23.69 ? 57  PHE A CE2 1 
ATOM   472  C CZ  . PHE A 1 78  ? 2.093   12.077  -4.378  1.00 24.42 ? 57  PHE A CZ  1 
ATOM   473  N N   . LYS A 1 79  ? 2.793   9.503   -9.136  1.00 27.44 ? 58  LYS A N   1 
ATOM   474  C CA  . LYS A 1 79  ? 4.128   9.034   -8.806  1.00 31.03 ? 58  LYS A CA  1 
ATOM   475  C C   . LYS A 1 79  ? 4.167   7.588   -9.211  1.00 32.36 ? 58  LYS A C   1 
ATOM   476  O O   . LYS A 1 79  ? 3.127   6.866   -9.155  1.00 30.03 ? 58  LYS A O   1 
ATOM   477  C CB  . LYS A 1 79  ? 4.255   9.024   -7.316  1.00 31.93 ? 58  LYS A CB  1 
ATOM   478  C CG  . LYS A 1 79  ? 5.543   9.517   -6.771  1.00 36.65 ? 58  LYS A CG  1 
ATOM   479  C CD  . LYS A 1 79  ? 5.314   11.005  -6.701  1.00 40.88 ? 58  LYS A CD  1 
ATOM   480  C CE  . LYS A 1 79  ? 6.465   11.716  -6.027  1.00 49.63 ? 58  LYS A CE  1 
ATOM   481  N NZ  . LYS A 1 79  ? 6.554   13.075  -6.604  1.00 54.72 ? 58  LYS A NZ  1 
ATOM   482  N N   . ASN A 1 80  ? 5.338   7.143   -9.607  1.00 23.51 ? 59  ASN A N   1 
ATOM   483  C CA  . ASN A 1 80  ? 5.557   5.686   -9.773  1.00 22.21 ? 59  ASN A CA  1 
ATOM   484  C C   . ASN A 1 80  ? 6.415   5.216   -8.580  1.00 23.67 ? 59  ASN A C   1 
ATOM   485  O O   . ASN A 1 80  ? 7.412   5.911   -8.237  1.00 23.07 ? 59  ASN A O   1 
ATOM   486  C CB  . ASN A 1 80  ? 6.268   5.422   -11.080 1.00 26.21 ? 59  ASN A CB  1 
ATOM   487  C CG  . ASN A 1 80  ? 5.420   5.784   -12.240 1.00 26.44 ? 59  ASN A CG  1 
ATOM   488  O OD1 . ASN A 1 80  ? 4.201   5.771   -12.129 1.00 25.09 ? 59  ASN A OD1 1 
ATOM   489  N ND2 . ASN A 1 80  ? 6.044   6.297   -13.297 1.00 34.38 ? 59  ASN A ND2 1 
ATOM   490  N N   . THR A 1 81  ? 6.001   4.152   -7.863  1.00 17.54 ? 60  THR A N   1 
ATOM   491  C CA  . THR A 1 81  ? 6.842   3.684   -6.759  1.00 19.52 ? 60  THR A CA  1 
ATOM   492  C C   . THR A 1 81  ? 7.013   2.179   -6.952  1.00 18.16 ? 60  THR A C   1 
ATOM   493  O O   . THR A 1 81  ? 6.266   1.557   -7.701  1.00 16.53 ? 60  THR A O   1 
ATOM   494  C CB  . THR A 1 81  ? 6.157   3.873   -5.357  1.00 16.69 ? 60  THR A CB  1 
ATOM   495  O OG1 . THR A 1 81  ? 4.860   3.276   -5.376  1.00 20.78 ? 60  THR A OG1 1 
ATOM   496  C CG2 . THR A 1 81  ? 6.007   5.372   -4.900  1.00 21.27 ? 60  THR A CG2 1 
ATOM   497  N N   . GLU A 1 82  ? 8.047   1.624   -6.331  1.00 17.13 ? 61  GLU A N   1 
ATOM   498  C CA  . GLU A 1 82  ? 8.214   0.167   -6.365  1.00 18.45 ? 61  GLU A CA  1 
ATOM   499  C C   . GLU A 1 82  ? 8.937   -0.271  -5.129  1.00 16.13 ? 61  GLU A C   1 
ATOM   500  O O   . GLU A 1 82  ? 9.946   0.397   -4.761  1.00 16.91 ? 61  GLU A O   1 
ATOM   501  C CB  . GLU A 1 82  ? 8.962   -0.251  -7.634  1.00 19.59 ? 61  GLU A CB  1 
ATOM   502  C CG  . GLU A 1 82  ? 9.441   -1.673  -7.572  1.00 25.20 ? 61  GLU A CG  1 
ATOM   503  C CD  . GLU A 1 82  ? 10.208  -1.987  -8.855  1.00 38.34 ? 61  GLU A CD  1 
ATOM   504  O OE1 . GLU A 1 82  ? 10.992  -2.947  -8.839  1.00 38.12 ? 61  GLU A OE1 1 
ATOM   505  O OE2 . GLU A 1 82  ? 10.073  -1.221  -9.865  1.00 40.91 ? 61  GLU A OE2 1 
ATOM   506  N N   . ILE A 1 83  ? 8.338   -1.204  -4.371  1.00 14.51 ? 62  ILE A N   1 
ATOM   507  C CA  . ILE A 1 83  ? 9.032   -1.758  -3.312  1.00 14.01 ? 62  ILE A CA  1 
ATOM   508  C C   . ILE A 1 83  ? 9.185   -3.316  -3.535  1.00 13.28 ? 62  ILE A C   1 
ATOM   509  O O   . ILE A 1 83  ? 8.267   -4.025  -4.067  1.00 14.04 ? 62  ILE A O   1 
ATOM   510  C CB  . ILE A 1 83  ? 8.335   -1.484  -1.943  1.00 14.72 ? 62  ILE A CB  1 
ATOM   511  C CG1 . ILE A 1 83  ? 6.944   -1.966  -1.997  1.00 14.37 ? 62  ILE A CG1 1 
ATOM   512  C CG2 . ILE A 1 83  ? 8.482   -0.004  -1.621  1.00 15.04 ? 62  ILE A CG2 1 
ATOM   513  C CD1 . ILE A 1 83  ? 6.199   -1.995  -0.641  1.00 15.91 ? 62  ILE A CD1 1 
ATOM   514  N N   . SER A 1 84  ? 10.351  -3.828  -3.118  1.00 14.23 ? 63  SER A N   1 
ATOM   515  C CA  . SER A 1 84  ? 10.553  -5.276  -3.080  1.00 13.72 ? 63  SER A CA  1 
ATOM   516  C C   . SER A 1 84  ? 11.016  -5.657  -1.639  1.00 15.12 ? 63  SER A C   1 
ATOM   517  O O   . SER A 1 84  ? 11.824  -4.961  -1.018  1.00 16.60 ? 63  SER A O   1 
ATOM   518  C CB  . SER A 1 84  ? 11.613  -5.787  -4.057  1.00 18.78 ? 63  SER A CB  1 
ATOM   519  O OG  . SER A 1 84  ? 11.161  -5.529  -5.359  1.00 14.72 ? 63  SER A OG  1 
ATOM   520  N N   . PHE A 1 85  ? 10.508  -6.751  -1.170  1.00 13.98 ? 64  PHE A N   1 
ATOM   521  C CA  . PHE A 1 85  ? 10.775  -7.100  0.216   1.00 13.98 ? 64  PHE A CA  1 
ATOM   522  C C   . PHE A 1 85  ? 10.548  -8.576  0.460   1.00 14.09 ? 64  PHE A C   1 
ATOM   523  O O   . PHE A 1 85  ? 9.910   -9.308  -0.319  1.00 13.34 ? 64  PHE A O   1 
ATOM   524  C CB  . PHE A 1 85  ? 9.815   -6.226  1.112   1.00 13.88 ? 64  PHE A CB  1 
ATOM   525  C CG  . PHE A 1 85  ? 8.361   -6.406  0.786   1.00 13.53 ? 64  PHE A CG  1 
ATOM   526  C CD1 . PHE A 1 85  ? 7.752   -5.642  -0.247  1.00 13.41 ? 64  PHE A CD1 1 
ATOM   527  C CD2 . PHE A 1 85  ? 7.629   -7.403  1.460   1.00 14.03 ? 64  PHE A CD2 1 
ATOM   528  C CE1 . PHE A 1 85  ? 6.445   -5.859  -0.635  1.00 14.10 ? 64  PHE A CE1 1 
ATOM   529  C CE2 . PHE A 1 85  ? 6.264   -7.625  1.114   1.00 16.58 ? 64  PHE A CE2 1 
ATOM   530  C CZ  . PHE A 1 85  ? 5.656   -6.849  0.110   1.00 14.74 ? 64  PHE A CZ  1 
ATOM   531  N N   . ILE A 1 86  ? 10.987  -9.006  1.640   1.00 14.53 ? 65  ILE A N   1 
ATOM   532  C CA  . ILE A 1 86  ? 10.792  -10.360 2.083   1.00 14.87 ? 65  ILE A CA  1 
ATOM   533  C C   . ILE A 1 86  ? 9.936   -10.223 3.366   1.00 13.58 ? 65  ILE A C   1 
ATOM   534  O O   . ILE A 1 86  ? 10.127  -9.331  4.145   1.00 15.85 ? 65  ILE A O   1 
ATOM   535  C CB  . ILE A 1 86  ? 12.192  -10.992 2.397   1.00 14.10 ? 65  ILE A CB  1 
ATOM   536  C CG1 . ILE A 1 86  ? 12.977  -11.165 1.038   1.00 15.59 ? 65  ILE A CG1 1 
ATOM   537  C CG2 . ILE A 1 86  ? 11.931  -12.304 3.086   1.00 14.49 ? 65  ILE A CG2 1 
ATOM   538  C CD1 . ILE A 1 86  ? 14.371  -11.706 1.372   1.00 20.40 ? 65  ILE A CD1 1 
ATOM   539  N N   . LEU A 1 87  ? 8.909   -11.007 3.481   1.00 13.83 ? 66  LEU A N   1 
ATOM   540  C CA  . LEU A 1 87  ? 8.021   -10.922 4.675   1.00 13.02 ? 66  LEU A CA  1 
ATOM   541  C C   . LEU A 1 87  ? 8.789   -10.989 5.972   1.00 14.02 ? 66  LEU A C   1 
ATOM   542  O O   . LEU A 1 87  ? 9.645   -11.844 6.170   1.00 15.70 ? 66  LEU A O   1 
ATOM   543  C CB  . LEU A 1 87  ? 6.986   -12.035 4.623   1.00 14.56 ? 66  LEU A CB  1 
ATOM   544  C CG  . LEU A 1 87  ? 5.999   -11.921 3.476   1.00 15.41 ? 66  LEU A CG  1 
ATOM   545  C CD1 . LEU A 1 87  ? 5.239   -13.204 3.450   1.00 20.41 ? 66  LEU A CD1 1 
ATOM   546  C CD2 . LEU A 1 87  ? 5.081   -10.669 3.563   1.00 16.41 ? 66  LEU A CD2 1 
ATOM   547  N N   . GLY A 1 88  ? 8.420   -10.121 6.890   1.00 14.54 ? 67  GLY A N   1 
ATOM   548  C CA  . GLY A 1 88  ? 9.039   -9.966  8.208   1.00 16.45 ? 67  GLY A CA  1 
ATOM   549  C C   . GLY A 1 88  ? 10.420  -9.361  8.282   1.00 15.50 ? 67  GLY A C   1 
ATOM   550  O O   . GLY A 1 88  ? 10.965  -9.203  9.401   1.00 16.77 ? 67  GLY A O   1 
ATOM   551  N N   . GLN A 1 89  ? 11.000  -8.878  7.140   1.00 13.36 ? 68  GLN A N   1 
ATOM   552  C CA  . GLN A 1 89  ? 12.317  -8.301  7.138   1.00 16.21 ? 68  GLN A CA  1 
ATOM   553  C C   . GLN A 1 89  ? 12.224  -6.809  6.788   1.00 17.61 ? 68  GLN A C   1 
ATOM   554  O O   . GLN A 1 89  ? 11.858  -6.451  5.621   1.00 17.45 ? 68  GLN A O   1 
ATOM   555  C CB  . GLN A 1 89  ? 13.221  -8.984  6.096   1.00 15.72 ? 68  GLN A CB  1 
ATOM   556  C CG  . GLN A 1 89  ? 13.188  -10.489 6.388   1.00 19.11 ? 68  GLN A CG  1 
ATOM   557  C CD  . GLN A 1 89  ? 14.257  -11.281 5.700   1.00 20.73 ? 68  GLN A CD  1 
ATOM   558  O OE1 . GLN A 1 89  ? 15.082  -10.755 4.889   1.00 24.36 ? 68  GLN A OE1 1 
ATOM   559  N NE2 . GLN A 1 89  ? 14.253  -12.602 6.007   1.00 21.19 ? 68  GLN A NE2 1 
ATOM   560  N N   . GLU A 1 90  ? 12.639  -5.976  7.761   1.00 17.81 ? 69  GLU A N   1 
ATOM   561  C CA  . GLU A 1 90  ? 12.482  -4.496  7.652   1.00 15.35 ? 69  GLU A CA  1 
ATOM   562  C C   . GLU A 1 90  ? 13.289  -4.019  6.433   1.00 17.11 ? 69  GLU A C   1 
ATOM   563  O O   . GLU A 1 90  ? 14.435  -4.513  6.099   1.00 18.26 ? 69  GLU A O   1 
ATOM   564  C CB  . GLU A 1 90  ? 12.988  -3.864  8.966   1.00 18.70 ? 69  GLU A CB  1 
ATOM   565  C CG  . GLU A 1 90  ? 12.577  -2.419  9.145   1.00 23.71 ? 69  GLU A CG  1 
ATOM   566  C CD  . GLU A 1 90  ? 13.071  -1.873  10.451  1.00 27.82 ? 69  GLU A CD  1 
ATOM   567  O OE1 . GLU A 1 90  ? 14.284  -1.969  10.617  1.00 32.31 ? 69  GLU A OE1 1 
ATOM   568  O OE2 . GLU A 1 90  ? 12.227  -1.443  11.258  1.00 33.82 ? 69  GLU A OE2 1 
ATOM   569  N N   . PHE A 1 91  ? 12.746  -3.004  5.829   1.00 14.40 ? 70  PHE A N   1 
ATOM   570  C CA  . PHE A 1 91  ? 13.419  -2.310  4.743   1.00 14.10 ? 70  PHE A CA  1 
ATOM   571  C C   . PHE A 1 91  ? 13.201  -0.810  4.802   1.00 17.06 ? 70  PHE A C   1 
ATOM   572  O O   . PHE A 1 91  ? 12.266  -0.335  5.416   1.00 15.28 ? 70  PHE A O   1 
ATOM   573  C CB  . PHE A 1 91  ? 12.959  -2.925  3.377   1.00 12.88 ? 70  PHE A CB  1 
ATOM   574  C CG  . PHE A 1 91  ? 11.457  -2.802  3.104   1.00 14.97 ? 70  PHE A CG  1 
ATOM   575  C CD1 . PHE A 1 91  ? 10.527  -3.744  3.643   1.00 12.83 ? 70  PHE A CD1 1 
ATOM   576  C CD2 . PHE A 1 91  ? 10.975  -1.803  2.278   1.00 14.85 ? 70  PHE A CD2 1 
ATOM   577  C CE1 . PHE A 1 91  ? 9.156   -3.620  3.367   1.00 13.96 ? 70  PHE A CE1 1 
ATOM   578  C CE2 . PHE A 1 91  ? 9.611   -1.670  2.006   1.00 15.34 ? 70  PHE A CE2 1 
ATOM   579  C CZ  . PHE A 1 91  ? 8.689   -2.591  2.541   1.00 15.60 ? 70  PHE A CZ  1 
ATOM   580  N N   . ASP A 1 92  ? 13.985  -0.130  3.927   1.00 15.11 ? 71  ASP A N   1 
ATOM   581  C CA  . ASP A 1 92  ? 13.820  1.338   3.732   1.00 19.56 ? 71  ASP A CA  1 
ATOM   582  C C   . ASP A 1 92  ? 12.939  1.633   2.615   1.00 18.49 ? 71  ASP A C   1 
ATOM   583  O O   . ASP A 1 92  ? 13.053  0.982   1.610   1.00 20.72 ? 71  ASP A O   1 
ATOM   584  C CB  . ASP A 1 92  ? 15.161  1.955   3.326   1.00 21.62 ? 71  ASP A CB  1 
ATOM   585  C CG  . ASP A 1 92  ? 16.177  1.843   4.406   1.00 23.50 ? 71  ASP A CG  1 
ATOM   586  O OD1 . ASP A 1 92  ? 15.850  2.359   5.497   1.00 28.51 ? 71  ASP A OD1 1 
ATOM   587  O OD2 . ASP A 1 92  ? 17.327  1.243   4.182   1.00 26.90 ? 71  ASP A OD2 1 
ATOM   588  N N   . GLU A 1 93  ? 12.020  2.603   2.770   1.00 17.20 ? 72  GLU A N   1 
ATOM   589  C CA  . GLU A 1 93  ? 11.053  2.873   1.744   1.00 18.10 ? 72  GLU A CA  1 
ATOM   590  C C   . GLU A 1 93  ? 10.934  4.427   1.682   1.00 18.37 ? 72  GLU A C   1 
ATOM   591  O O   . GLU A 1 93  ? 10.936  5.087   2.715   1.00 19.37 ? 72  GLU A O   1 
ATOM   592  C CB  . GLU A 1 93  ? 9.676   2.290   2.095   1.00 16.06 ? 72  GLU A CB  1 
ATOM   593  C CG  . GLU A 1 93  ? 8.570   2.637   1.102   1.00 19.07 ? 72  GLU A CG  1 
ATOM   594  C CD  . GLU A 1 93  ? 7.260   2.052   1.472   1.00 17.41 ? 72  GLU A CD  1 
ATOM   595  O OE1 . GLU A 1 93  ? 7.080   1.545   2.653   1.00 18.48 ? 72  GLU A OE1 1 
ATOM   596  O OE2 . GLU A 1 93  ? 6.329   2.176   0.634   1.00 19.59 ? 72  GLU A OE2 1 
ATOM   597  N N   . VAL A 1 94  ? 11.038  4.944   0.463   1.00 19.55 ? 73  VAL A N   1 
ATOM   598  C CA  . VAL A 1 94  ? 10.608  6.341   0.228   1.00 20.18 ? 73  VAL A CA  1 
ATOM   599  C C   . VAL A 1 94  ? 9.190   6.242   -0.329  1.00 19.37 ? 73  VAL A C   1 
ATOM   600  O O   . VAL A 1 94  ? 8.916   5.773   -1.455  1.00 21.26 ? 73  VAL A O   1 
ATOM   601  C CB  . VAL A 1 94  ? 11.593  7.107   -0.732  1.00 22.74 ? 73  VAL A CB  1 
ATOM   602  C CG1 . VAL A 1 94  ? 11.100  8.531   -0.978  1.00 24.22 ? 73  VAL A CG1 1 
ATOM   603  C CG2 . VAL A 1 94  ? 12.943  7.133   -0.101  1.00 25.19 ? 73  VAL A CG2 1 
ATOM   604  N N   . THR A 1 95  ? 8.244   6.797   0.419   1.00 16.66 ? 74  THR A N   1 
ATOM   605  C CA  . THR A 1 95  ? 6.846   6.663   0.034   1.00 17.90 ? 74  THR A CA  1 
ATOM   606  C C   . THR A 1 95  ? 6.473   7.683   -1.088  1.00 17.89 ? 74  THR A C   1 
ATOM   607  O O   . THR A 1 95  ? 7.206   8.629   -1.371  1.00 20.77 ? 74  THR A O   1 
ATOM   608  C CB  . THR A 1 95  ? 5.922   6.889   1.248   1.00 16.93 ? 74  THR A CB  1 
ATOM   609  O OG1 . THR A 1 95  ? 6.094   8.224   1.766   1.00 18.30 ? 74  THR A OG1 1 
ATOM   610  C CG2 . THR A 1 95  ? 6.243   5.929   2.391   1.00 18.94 ? 74  THR A CG2 1 
ATOM   611  N N   . ALA A 1 96  ? 5.301   7.503   -1.649  1.00 16.78 ? 75  ALA A N   1 
ATOM   612  C CA  . ALA A 1 96  ? 4.835   8.312   -2.798  1.00 19.15 ? 75  ALA A CA  1 
ATOM   613  C C   . ALA A 1 96  ? 4.733   9.812   -2.353  1.00 20.04 ? 75  ALA A C   1 
ATOM   614  O O   . ALA A 1 96  ? 5.014   10.716  -3.177  1.00 21.31 ? 75  ALA A O   1 
ATOM   615  C CB  . ALA A 1 96  ? 3.484   7.838   -3.276  1.00 19.26 ? 75  ALA A CB  1 
ATOM   616  N N   . ASP A 1 97  ? 4.378   10.010  -1.083  1.00 19.24 ? 76  ASP A N   1 
ATOM   617  C CA  . ASP A 1 97  ? 4.293   11.393  -0.512  1.00 19.44 ? 76  ASP A CA  1 
ATOM   618  C C   . ASP A 1 97  ? 5.655   11.900  0.039   1.00 24.51 ? 76  ASP A C   1 
ATOM   619  O O   . ASP A 1 97  ? 5.722   12.945  0.754   1.00 25.31 ? 76  ASP A O   1 
ATOM   620  C CB  . ASP A 1 97  ? 3.240   11.472  0.628   1.00 20.18 ? 76  ASP A CB  1 
ATOM   621  C CG  . ASP A 1 97  ? 3.544   10.536  1.795   1.00 20.41 ? 76  ASP A CG  1 
ATOM   622  O OD1 . ASP A 1 97  ? 3.737   9.321   1.570   1.00 20.65 ? 76  ASP A OD1 1 
ATOM   623  O OD2 . ASP A 1 97  ? 3.568   11.000  2.964   1.00 21.11 ? 76  ASP A OD2 1 
ATOM   624  N N   . ASP A 1 98  ? 6.735   11.177  -0.282  1.00 23.98 ? 77  ASP A N   1 
ATOM   625  C CA  . ASP A 1 98  ? 8.098   11.568  0.079   1.00 25.69 ? 77  ASP A CA  1 
ATOM   626  C C   . ASP A 1 98  ? 8.469   11.483  1.554   1.00 25.07 ? 77  ASP A C   1 
ATOM   627  O O   . ASP A 1 98  ? 9.347   12.231  2.060   1.00 26.99 ? 77  ASP A O   1 
ATOM   628  C CB  . ASP A 1 98  ? 8.443   12.964  -0.518  1.00 27.14 ? 77  ASP A CB  1 
ATOM   629  C CG  . ASP A 1 98  ? 9.722   12.939  -1.245  0.50 31.08 ? 77  ASP A CG  1 
ATOM   630  O OD1 . ASP A 1 98  ? 10.052  11.848  -1.747  0.50 34.39 ? 77  ASP A OD1 1 
ATOM   631  O OD2 . ASP A 1 98  ? 10.429  13.980  -1.299  0.50 29.49 ? 77  ASP A OD2 1 
ATOM   632  N N   . ARG A 1 99  ? 7.825   10.582  2.284   1.00 19.21 ? 78  ARG A N   1 
ATOM   633  C CA  . ARG A 1 99  ? 8.391   10.270  3.566   1.00 16.98 ? 78  ARG A CA  1 
ATOM   634  C C   . ARG A 1 99  ? 9.521   9.245   3.383   1.00 20.37 ? 78  ARG A C   1 
ATOM   635  O O   . ARG A 1 99  ? 9.450   8.340   2.479   1.00 22.15 ? 78  ARG A O   1 
ATOM   636  C CB  . ARG A 1 99  ? 7.360   9.700   4.508   1.00 17.15 ? 78  ARG A CB  1 
ATOM   637  C CG  . ARG A 1 99  ? 6.428   10.718  5.161   1.00 18.89 ? 78  ARG A CG  1 
ATOM   638  C CD  . ARG A 1 99  ? 5.246   10.054  5.862   1.00 18.76 ? 78  ARG A CD  1 
ATOM   639  N NE  . ARG A 1 99  ? 4.384   9.339   4.924   1.00 18.49 ? 78  ARG A NE  1 
ATOM   640  C CZ  . ARG A 1 99  ? 4.090   8.053   4.991   1.00 16.39 ? 78  ARG A CZ  1 
ATOM   641  N NH1 . ARG A 1 99  ? 4.438   7.340   6.027   1.00 15.04 ? 78  ARG A NH1 1 
ATOM   642  N NH2 . ARG A 1 99  ? 3.375   7.496   4.042   1.00 16.66 ? 78  ARG A NH2 1 
ATOM   643  N N   . LYS A 1 100 ? 10.563  9.365   4.220   1.00 18.65 ? 79  LYS A N   1 
ATOM   644  C CA  . LYS A 1 100 ? 11.605  8.286   4.290   1.00 17.41 ? 79  LYS A CA  1 
ATOM   645  C C   . LYS A 1 100 ? 11.318  7.452   5.564   1.00 17.57 ? 79  LYS A C   1 
ATOM   646  O O   . LYS A 1 100 ? 11.418  7.971   6.715   1.00 19.59 ? 79  LYS A O   1 
ATOM   647  C CB  . LYS A 1 100 ? 13.017  8.935   4.328   1.00 18.88 ? 79  LYS A CB  1 
ATOM   648  C CG  . LYS A 1 100 ? 13.485  9.482   2.957   0.50 19.21 ? 79  LYS A CG  1 
ATOM   649  C CD  . LYS A 1 100 ? 12.839  10.778  2.514   0.50 24.97 ? 79  LYS A CD  1 
ATOM   650  C CE  . LYS A 1 100 ? 13.529  11.311  1.251   0.50 25.06 ? 79  LYS A CE  1 
ATOM   651  N NZ  . LYS A 1 100 ? 12.674  12.234  0.456   0.50 25.51 ? 79  LYS A NZ  1 
ATOM   652  N N   . VAL A 1 101 ? 10.865  6.187   5.380   1.00 16.27 ? 80  VAL A N   1 
ATOM   653  C CA  . VAL A 1 101 ? 10.313  5.367   6.519   1.00 15.34 ? 80  VAL A CA  1 
ATOM   654  C C   . VAL A 1 101 ? 11.018  4.025   6.608   1.00 16.17 ? 80  VAL A C   1 
ATOM   655  O O   . VAL A 1 101 ? 11.692  3.596   5.671   1.00 18.60 ? 80  VAL A O   1 
ATOM   656  C CB  . VAL A 1 101 ? 8.746   5.120   6.398   1.00 15.16 ? 80  VAL A CB  1 
ATOM   657  C CG1 . VAL A 1 101 ? 7.972   6.465   6.183   1.00 19.37 ? 80  VAL A CG1 1 
ATOM   658  C CG2 . VAL A 1 101 ? 8.368   4.187   5.220   1.00 18.07 ? 80  VAL A CG2 1 
ATOM   659  N N   . LYS A 1 102 ? 10.920  3.386   7.751   1.00 16.43 ? 81  LYS A N   1 
ATOM   660  C CA  . LYS A 1 102 ? 11.397  2.013   7.858   1.00 17.21 ? 81  LYS A CA  1 
ATOM   661  C C   . LYS A 1 102 ? 10.143  1.142   7.852   1.00 15.66 ? 81  LYS A C   1 
ATOM   662  O O   . LYS A 1 102 ? 9.209   1.379   8.612   1.00 15.76 ? 81  LYS A O   1 
ATOM   663  C CB  . LYS A 1 102 ? 12.082  1.829   9.198   1.00 19.65 ? 81  LYS A CB  1 
ATOM   664  C CG  . LYS A 1 102 ? 13.422  2.515   9.336   1.00 25.85 ? 81  LYS A CG  1 
ATOM   665  C CD  . LYS A 1 102 ? 14.411  2.240   8.191   1.00 30.60 ? 81  LYS A CD  1 
ATOM   666  C CE  . LYS A 1 102 ? 15.733  2.950   8.553   1.00 33.49 ? 81  LYS A CE  1 
ATOM   667  N NZ  . LYS A 1 102 ? 16.856  2.188   7.966   1.00 32.32 ? 81  LYS A NZ  1 
ATOM   668  N N   . SER A 1 103 ? 10.098  0.187   6.940   1.00 15.34 ? 82  SER A N   1 
ATOM   669  C CA  . SER A 1 103 ? 8.832   -0.560  6.719   1.00 14.75 ? 82  SER A CA  1 
ATOM   670  C C   . SER A 1 103 ? 9.006   -2.029  7.012   1.00 14.93 ? 82  SER A C   1 
ATOM   671  O O   . SER A 1 103 ? 10.046  -2.596  6.803   1.00 14.64 ? 82  SER A O   1 
ATOM   672  C CB  . SER A 1 103 ? 8.394   -0.421  5.251   1.00 15.02 ? 82  SER A CB  1 
ATOM   673  O OG  . SER A 1 103 ? 7.893   0.892   5.145   1.00 15.56 ? 82  SER A OG  1 
ATOM   674  N N   . THR A 1 104 ? 7.974   -2.661  7.547   1.00 14.26 ? 83  THR A N   1 
ATOM   675  C CA  . THR A 1 104 ? 7.984   -4.122  7.670   1.00 14.61 ? 83  THR A CA  1 
ATOM   676  C C   . THR A 1 104 ? 6.659   -4.609  7.200   1.00 15.39 ? 83  THR A C   1 
ATOM   677  O O   . THR A 1 104 ? 5.625   -4.101  7.651   1.00 16.21 ? 83  THR A O   1 
ATOM   678  C CB  . THR A 1 104 ? 8.258   -4.585  9.086   1.00 16.00 ? 83  THR A CB  1 
ATOM   679  O OG1 . THR A 1 104 ? 9.484   -3.964  9.573   1.00 15.69 ? 83  THR A OG1 1 
ATOM   680  C CG2 . THR A 1 104 ? 8.397   -6.164  9.156   1.00 17.28 ? 83  THR A CG2 1 
ATOM   681  N N   . ILE A 1 105 ? 6.697   -5.593  6.285   1.00 14.89 ? 84  ILE A N   1 
ATOM   682  C CA  . ILE A 1 105 ? 5.431   -6.220  5.779   1.00 13.54 ? 84  ILE A CA  1 
ATOM   683  C C   . ILE A 1 105 ? 5.378   -7.679  6.200   1.00 15.28 ? 84  ILE A C   1 
ATOM   684  O O   . ILE A 1 105 ? 6.387   -8.388  6.034   1.00 15.07 ? 84  ILE A O   1 
ATOM   685  C CB  . ILE A 1 105 ? 5.315   -6.086  4.258   1.00 12.90 ? 84  ILE A CB  1 
ATOM   686  C CG1 . ILE A 1 105 ? 5.215   -4.598  3.962   1.00 13.12 ? 84  ILE A CG1 1 
ATOM   687  C CG2 . ILE A 1 105 ? 4.050   -6.694  3.769   1.00 15.14 ? 84  ILE A CG2 1 
ATOM   688  C CD1 . ILE A 1 105 ? 5.403   -4.220  2.441   1.00 11.41 ? 84  ILE A CD1 1 
ATOM   689  N N   . THR A 1 106 ? 4.251   -8.047  6.855   1.00 14.55 ? 85  THR A N   1 
ATOM   690  C CA  . THR A 1 106 ? 4.008   -9.433  7.242   1.00 15.70 ? 85  THR A CA  1 
ATOM   691  C C   . THR A 1 106 ? 2.699   -9.920  6.629   1.00 16.17 ? 85  THR A C   1 
ATOM   692  O O   . THR A 1 106 ? 1.800   -9.153  6.219   1.00 16.91 ? 85  THR A O   1 
ATOM   693  C CB  . THR A 1 106 ? 3.967   -9.587  8.790   1.00 16.96 ? 85  THR A CB  1 
ATOM   694  O OG1 . THR A 1 106 ? 2.995   -8.702  9.261   1.00 18.94 ? 85  THR A OG1 1 
ATOM   695  C CG2 . THR A 1 106 ? 5.354   -9.248  9.457   1.00 18.26 ? 85  THR A CG2 1 
ATOM   696  N N   . LEU A 1 107 ? 2.533   -11.251 6.618   1.00 18.28 ? 86  LEU A N   1 
ATOM   697  C CA  . LEU A 1 107 ? 1.232   -11.807 6.251   1.00 19.75 ? 86  LEU A CA  1 
ATOM   698  C C   . LEU A 1 107 ? 0.674   -12.353 7.511   1.00 25.29 ? 86  LEU A C   1 
ATOM   699  O O   . LEU A 1 107 ? 1.215   -13.352 7.999   1.00 32.67 ? 86  LEU A O   1 
ATOM   700  C CB  . LEU A 1 107 ? 1.497   -12.945 5.291   1.00 24.01 ? 86  LEU A CB  1 
ATOM   701  C CG  . LEU A 1 107 ? 0.805   -13.111 3.949   1.00 29.85 ? 86  LEU A CG  1 
ATOM   702  C CD1 . LEU A 1 107 ? 0.863   -14.613 3.664   1.00 28.20 ? 86  LEU A CD1 1 
ATOM   703  C CD2 . LEU A 1 107 ? -0.579  -12.495 3.721   1.00 25.12 ? 86  LEU A CD2 1 
ATOM   704  N N   . ASP A 1 108 ? -0.390  -11.738 7.995   1.00 20.31 ? 87  ASP A N   1 
ATOM   705  C CA  . ASP A 1 108 ? -1.182  -12.115 9.193   1.00 24.71 ? 87  ASP A CA  1 
ATOM   706  C C   . ASP A 1 108 ? -2.571  -12.670 8.815   1.00 21.64 ? 87  ASP A C   1 
ATOM   707  O O   . ASP A 1 108 ? -3.505  -11.950 8.416   1.00 18.36 ? 87  ASP A O   1 
ATOM   708  C CB  . ASP A 1 108 ? -1.307  -10.929 10.123  1.00 31.62 ? 87  ASP A CB  1 
ATOM   709  C CG  . ASP A 1 108 ? 0.099   -10.375 10.600  1.00 48.11 ? 87  ASP A CG  1 
ATOM   710  O OD1 . ASP A 1 108 ? 1.132   -11.049 10.368  1.00 51.05 ? 87  ASP A OD1 1 
ATOM   711  O OD2 . ASP A 1 108 ? 0.172   -9.271  11.226  1.00 51.20 ? 87  ASP A OD2 1 
ATOM   712  N N   . GLY A 1 109 ? -2.732  -13.993 8.922   1.00 21.04 ? 88  GLY A N   1 
ATOM   713  C CA  . GLY A 1 109 ? -4.060  -14.522 8.562   1.00 21.01 ? 88  GLY A CA  1 
ATOM   714  C C   . GLY A 1 109 ? -4.478  -14.166 7.136   1.00 24.64 ? 88  GLY A C   1 
ATOM   715  O O   . GLY A 1 109 ? -5.638  -13.797 6.862   1.00 26.74 ? 88  GLY A O   1 
ATOM   716  N N   . GLY A 1 110 ? -3.587  -14.233 6.194   1.00 21.31 ? 89  GLY A N   1 
ATOM   717  C CA  . GLY A 1 110 ? -4.196  -13.813 4.915   1.00 18.31 ? 89  GLY A CA  1 
ATOM   718  C C   . GLY A 1 110 ? -4.209  -12.330 4.494   1.00 22.17 ? 89  GLY A C   1 
ATOM   719  O O   . GLY A 1 110 ? -4.491  -11.957 3.314   1.00 19.73 ? 89  GLY A O   1 
ATOM   720  N N   . VAL A 1 111 ? -3.877  -11.487 5.470   1.00 17.99 ? 90  VAL A N   1 
ATOM   721  C CA  . VAL A 1 111 ? -3.861  -10.006 5.262   1.00 16.72 ? 90  VAL A CA  1 
ATOM   722  C C   . VAL A 1 111 ? -2.403  -9.593  5.172   1.00 15.23 ? 90  VAL A C   1 
ATOM   723  O O   . VAL A 1 111 ? -1.615  -9.896  6.067   1.00 14.97 ? 90  VAL A O   1 
ATOM   724  C CB  . VAL A 1 111 ? -4.535  -9.285  6.440   1.00 18.24 ? 90  VAL A CB  1 
ATOM   725  C CG1 . VAL A 1 111 ? -4.475  -7.732  6.217   1.00 18.66 ? 90  VAL A CG1 1 
ATOM   726  C CG2 . VAL A 1 111 ? -6.000  -9.742  6.690   1.00 21.82 ? 90  VAL A CG2 1 
ATOM   727  N N   . LEU A 1 112 ? -1.979  -8.849  4.103   1.00 14.96 ? 91  LEU A N   1 
ATOM   728  C CA  . LEU A 1 112 ? -0.651  -8.323  4.188   1.00 14.17 ? 91  LEU A CA  1 
ATOM   729  C C   . LEU A 1 112 ? -0.670  -7.057  5.042   1.00 13.91 ? 91  LEU A C   1 
ATOM   730  O O   . LEU A 1 112 ? -1.464  -6.112  4.771   1.00 17.56 ? 91  LEU A O   1 
ATOM   731  C CB  . LEU A 1 112 ? -0.150  -7.840  2.760   1.00 16.64 ? 91  LEU A CB  1 
ATOM   732  C CG  . LEU A 1 112 ? 0.313   -8.861  1.786   1.00 18.45 ? 91  LEU A CG  1 
ATOM   733  C CD1 . LEU A 1 112 ? 0.495   -8.174  0.397   1.00 19.45 ? 91  LEU A CD1 1 
ATOM   734  C CD2 . LEU A 1 112 ? 1.688   -9.325  2.321   1.00 17.31 ? 91  LEU A CD2 1 
ATOM   735  N N   . VAL A 1 113 ? 0.181   -6.992  6.068   1.00 15.18 ? 92  VAL A N   1 
ATOM   736  C CA  . VAL A 1 113 ? 0.119   -5.882  7.011   1.00 12.94 ? 92  VAL A CA  1 
ATOM   737  C C   . VAL A 1 113 ? 1.415   -5.108  6.851   1.00 14.43 ? 92  VAL A C   1 
ATOM   738  O O   . VAL A 1 113 ? 2.462   -5.700  7.116   1.00 15.48 ? 92  VAL A O   1 
ATOM   739  C CB  . VAL A 1 113 ? 0.067   -6.448  8.446   1.00 15.18 ? 92  VAL A CB  1 
ATOM   740  C CG1 . VAL A 1 113 ? 0.091   -5.321  9.442   1.00 15.70 ? 92  VAL A CG1 1 
ATOM   741  C CG2 . VAL A 1 113 ? -1.256  -7.195  8.623   1.00 13.60 ? 92  VAL A CG2 1 
ATOM   742  N N   . HIS A 1 114 ? 1.341   -3.816  6.435   1.00 12.78 ? 93  HIS A N   1 
ATOM   743  C CA  . HIS A 1 114 ? 2.531   -3.033  6.119   1.00 13.54 ? 93  HIS A CA  1 
ATOM   744  C C   . HIS A 1 114 ? 2.642   -1.899  7.091   1.00 14.84 ? 93  HIS A C   1 
ATOM   745  O O   . HIS A 1 114 ? 1.758   -0.998  7.104   1.00 16.17 ? 93  HIS A O   1 
ATOM   746  C CB  . HIS A 1 114 ? 2.316   -2.533  4.720   1.00 13.09 ? 93  HIS A CB  1 
ATOM   747  C CG  . HIS A 1 114 ? 3.388   -1.623  4.129   1.00 14.36 ? 93  HIS A CG  1 
ATOM   748  N ND1 . HIS A 1 114 ? 3.242   -1.165  2.849   1.00 15.79 ? 93  HIS A ND1 1 
ATOM   749  C CD2 . HIS A 1 114 ? 4.594   -1.116  4.595   1.00 13.99 ? 93  HIS A CD2 1 
ATOM   750  C CE1 . HIS A 1 114 ? 4.291   -0.389  2.546   1.00 16.67 ? 93  HIS A CE1 1 
ATOM   751  N NE2 . HIS A 1 114 ? 5.140   -0.392  3.571   1.00 16.55 ? 93  HIS A NE2 1 
ATOM   752  N N   . VAL A 1 115 ? 3.651   -1.944  7.975   1.00 12.82 ? 94  VAL A N   1 
ATOM   753  C CA  . VAL A 1 115 ? 3.782   -0.895  9.003   1.00 14.55 ? 94  VAL A CA  1 
ATOM   754  C C   . VAL A 1 115 ? 4.942   0.024   8.538   1.00 14.58 ? 94  VAL A C   1 
ATOM   755  O O   . VAL A 1 115 ? 6.016   -0.499  8.253   1.00 14.76 ? 94  VAL A O   1 
ATOM   756  C CB  . VAL A 1 115 ? 4.057   -1.508  10.356  1.00 17.26 ? 94  VAL A CB  1 
ATOM   757  C CG1 . VAL A 1 115 ? 4.291   -0.421  11.375  1.00 18.69 ? 94  VAL A CG1 1 
ATOM   758  C CG2 . VAL A 1 115 ? 2.914   -2.431  10.778  1.00 20.25 ? 94  VAL A CG2 1 
ATOM   759  N N   . GLN A 1 116 ? 4.696   1.339   8.514   1.00 13.52 ? 95  GLN A N   1 
ATOM   760  C CA  . GLN A 1 116 ? 5.687   2.350   8.125   1.00 14.19 ? 95  GLN A CA  1 
ATOM   761  C C   . GLN A 1 116 ? 6.009   3.158   9.365   1.00 17.63 ? 95  GLN A C   1 
ATOM   762  O O   . GLN A 1 116 ? 5.062   3.668   10.001  1.00 16.65 ? 95  GLN A O   1 
ATOM   763  C CB  . GLN A 1 116 ? 5.132   3.299   7.097   1.00 12.89 ? 95  GLN A CB  1 
ATOM   764  C CG  . GLN A 1 116 ? 5.040   2.680   5.687   1.00 16.01 ? 95  GLN A CG  1 
ATOM   765  C CD  . GLN A 1 116 ? 4.353   3.555   4.697   1.00 16.57 ? 95  GLN A CD  1 
ATOM   766  O OE1 . GLN A 1 116 ? 3.797   4.597   5.065   1.00 16.96 ? 95  GLN A OE1 1 
ATOM   767  N NE2 . GLN A 1 116 ? 4.444   3.208   3.403   1.00 17.71 ? 95  GLN A NE2 1 
ATOM   768  N N   . LYS A 1 117 ? 7.318   3.368   9.669   1.00 16.67 ? 96  LYS A N   1 
ATOM   769  C CA  . LYS A 1 117 ? 7.722   4.100   10.942  1.00 17.22 ? 96  LYS A CA  1 
ATOM   770  C C   . LYS A 1 117 ? 8.583   5.249   10.509  1.00 19.37 ? 96  LYS A C   1 
ATOM   771  O O   . LYS A 1 117 ? 9.499   5.054   9.709   1.00 19.82 ? 96  LYS A O   1 
ATOM   772  C CB  . LYS A 1 117 ? 8.634   3.148   11.751  1.00 19.07 ? 96  LYS A CB  1 
ATOM   773  C CG  . LYS A 1 117 ? 7.922   1.907   12.274  1.00 25.18 ? 96  LYS A CG  1 
ATOM   774  C CD  . LYS A 1 117 ? 6.903   2.217   13.378  1.00 33.70 ? 96  LYS A CD  1 
ATOM   775  C CE  . LYS A 1 117 ? 6.305   0.966   14.055  1.00 31.63 ? 96  LYS A CE  1 
ATOM   776  N NZ  . LYS A 1 117 ? 5.030   1.120   14.836  1.00 34.54 ? 96  LYS A NZ  1 
ATOM   777  N N   . TRP A 1 118 ? 8.325   6.464   10.998  1.00 18.57 ? 97  TRP A N   1 
ATOM   778  C CA  . TRP A 1 118 ? 9.215   7.610   10.651  1.00 19.54 ? 97  TRP A CA  1 
ATOM   779  C C   . TRP A 1 118 ? 8.963   8.638   11.770  1.00 24.11 ? 97  TRP A C   1 
ATOM   780  O O   . TRP A 1 118 ? 7.845   8.773   12.316  1.00 23.90 ? 97  TRP A O   1 
ATOM   781  C CB  . TRP A 1 118 ? 9.011   8.118   9.212   1.00 16.99 ? 97  TRP A CB  1 
ATOM   782  C CG  . TRP A 1 118 ? 7.757   8.943   9.101   1.00 18.43 ? 97  TRP A CG  1 
ATOM   783  C CD1 . TRP A 1 118 ? 7.702   10.323  9.032   1.00 20.12 ? 97  TRP A CD1 1 
ATOM   784  C CD2 . TRP A 1 118 ? 6.365   8.494   9.228   1.00 16.89 ? 97  TRP A CD2 1 
ATOM   785  N NE1 . TRP A 1 118 ? 6.419   10.762  9.030   1.00 22.45 ? 97  TRP A NE1 1 
ATOM   786  C CE2 . TRP A 1 118 ? 5.544   9.700   9.224   1.00 19.64 ? 97  TRP A CE2 1 
ATOM   787  C CE3 . TRP A 1 118 ? 5.712   7.236   9.378   1.00 17.52 ? 97  TRP A CE3 1 
ATOM   788  C CZ2 . TRP A 1 118 ? 4.145   9.655   9.242   1.00 18.24 ? 97  TRP A CZ2 1 
ATOM   789  C CZ3 . TRP A 1 118 ? 4.313   7.235   9.411   1.00 15.91 ? 97  TRP A CZ3 1 
ATOM   790  C CH2 . TRP A 1 118 ? 3.552   8.431   9.364   1.00 17.52 ? 97  TRP A CH2 1 
ATOM   791  N N   . ASP A 1 119 ? 10.058  9.259   12.213  1.00 28.73 ? 98  ASP A N   1 
ATOM   792  C CA  . ASP A 1 119 ? 9.952   10.437  13.105  1.00 28.25 ? 98  ASP A CA  1 
ATOM   793  C C   . ASP A 1 119 ? 9.072   10.167  14.282  1.00 26.15 ? 98  ASP A C   1 
ATOM   794  O O   . ASP A 1 119 ? 8.264   11.012  14.642  1.00 31.30 ? 98  ASP A O   1 
ATOM   795  C CB  . ASP A 1 119 ? 9.388   11.653  12.333  1.00 29.44 ? 98  ASP A CB  1 
ATOM   796  C CG  . ASP A 1 119 ? 10.373  12.235  11.288  0.50 28.52 ? 98  ASP A CG  1 
ATOM   797  O OD1 . ASP A 1 119 ? 11.597  12.038  11.389  0.50 31.35 ? 98  ASP A OD1 1 
ATOM   798  O OD2 . ASP A 1 119 ? 9.905   12.870  10.346  0.50 29.21 ? 98  ASP A OD2 1 
ATOM   799  N N   . GLY A 1 120 ? 9.191   9.006   14.905  1.00 25.11 ? 99  GLY A N   1 
ATOM   800  C CA  . GLY A 1 120 ? 8.354   8.716   16.055  1.00 25.66 ? 99  GLY A CA  1 
ATOM   801  C C   . GLY A 1 120 ? 6.927   8.358   15.802  1.00 28.08 ? 99  GLY A C   1 
ATOM   802  O O   . GLY A 1 120 ? 6.178   8.095   16.749  1.00 29.33 ? 99  GLY A O   1 
ATOM   803  N N   . LYS A 1 121 ? 6.531   8.280   14.535  1.00 26.13 ? 100 LYS A N   1 
ATOM   804  C CA  . LYS A 1 121 ? 5.124   8.053   14.140  1.00 22.03 ? 100 LYS A CA  1 
ATOM   805  C C   . LYS A 1 121 ? 5.050   6.672   13.434  1.00 22.64 ? 100 LYS A C   1 
ATOM   806  O O   . LYS A 1 121 ? 6.078   6.122   13.057  1.00 21.11 ? 100 LYS A O   1 
ATOM   807  C CB  . LYS A 1 121 ? 4.753   9.108   13.144  1.00 21.24 ? 100 LYS A CB  1 
ATOM   808  C CG  . LYS A 1 121 ? 4.473   10.434  13.788  1.00 28.20 ? 100 LYS A CG  1 
ATOM   809  C CD  . LYS A 1 121 ? 4.352   11.472  12.718  1.00 30.10 ? 100 LYS A CD  1 
ATOM   810  C CE  . LYS A 1 121 ? 5.572   12.306  12.732  1.00 41.16 ? 100 LYS A CE  1 
ATOM   811  N NZ  . LYS A 1 121 ? 4.893   13.530  12.280  1.00 46.24 ? 100 LYS A NZ  1 
ATOM   812  N N   . SER A 1 122 ? 3.843   6.213   13.207  1.00 19.76 ? 101 SER A N   1 
ATOM   813  C CA  . SER A 1 122 ? 3.610   4.973   12.552  1.00 17.17 ? 101 SER A CA  1 
ATOM   814  C C   . SER A 1 122 ? 2.268   4.973   11.842  1.00 17.63 ? 101 SER A C   1 
ATOM   815  O O   . SER A 1 122 ? 1.358   5.531   12.345  1.00 18.65 ? 101 SER A O   1 
ATOM   816  C CB  . SER A 1 122 ? 3.516   3.931   13.646  1.00 21.29 ? 101 SER A CB  1 
ATOM   817  O OG  . SER A 1 122 ? 3.541   2.662   13.186  1.00 31.43 ? 101 SER A OG  1 
ATOM   818  N N   . THR A 1 123 ? 2.217   4.305   10.693  1.00 14.39 ? 102 THR A N   1 
ATOM   819  C CA  . THR A 1 123 ? 1.014   4.165   9.882   1.00 13.09 ? 102 THR A CA  1 
ATOM   820  C C   . THR A 1 123 ? 0.966   2.723   9.372   1.00 14.50 ? 102 THR A C   1 
ATOM   821  O O   . THR A 1 123 ? 1.987   2.175   8.954   1.00 13.89 ? 102 THR A O   1 
ATOM   822  C CB  . THR A 1 123 ? 1.017   5.132   8.687   1.00 15.57 ? 102 THR A CB  1 
ATOM   823  O OG1 . THR A 1 123 ? -0.237  5.050   7.998   1.00 19.85 ? 102 THR A OG1 1 
ATOM   824  C CG2 . THR A 1 123 ? 2.142   4.787   7.724   1.00 9.47  ? 102 THR A CG2 1 
ATOM   825  N N   . THR A 1 124 ? -0.212  2.112   9.413   1.00 13.88 ? 103 THR A N   1 
ATOM   826  C CA  . THR A 1 124 ? -0.379  0.744   8.982   1.00 15.18 ? 103 THR A CA  1 
ATOM   827  C C   . THR A 1 124 ? -1.335  0.641   7.801   1.00 15.84 ? 103 THR A C   1 
ATOM   828  O O   . THR A 1 124 ? -2.363  1.139   7.822   1.00 15.46 ? 103 THR A O   1 
ATOM   829  C CB  . THR A 1 124 ? -0.936  -0.129  10.115  1.00 16.31 ? 103 THR A CB  1 
ATOM   830  O OG1 . THR A 1 124 ? -0.019  -0.111  11.188  1.00 21.33 ? 103 THR A OG1 1 
ATOM   831  C CG2 . THR A 1 124 ? -1.077  -1.516  9.643   1.00 18.77 ? 103 THR A CG2 1 
ATOM   832  N N   . ILE A 1 125 ? -0.894  -0.055  6.785   1.00 14.02 ? 104 ILE A N   1 
ATOM   833  C CA  . ILE A 1 125 ? -1.646  -0.248  5.606   1.00 12.73 ? 104 ILE A CA  1 
ATOM   834  C C   . ILE A 1 125 ? -1.913  -1.739  5.504   1.00 12.11 ? 104 ILE A C   1 
ATOM   835  O O   . ILE A 1 125 ? -1.013  -2.496  5.474   1.00 13.32 ? 104 ILE A O   1 
ATOM   836  C CB  . ILE A 1 125 ? -0.822  0.190   4.398   1.00 13.37 ? 104 ILE A CB  1 
ATOM   837  C CG1 . ILE A 1 125 ? -0.409  1.646   4.519   1.00 13.98 ? 104 ILE A CG1 1 
ATOM   838  C CG2 . ILE A 1 125 ? -1.535  -0.094  3.098   1.00 16.67 ? 104 ILE A CG2 1 
ATOM   839  C CD1 . ILE A 1 125 ? 0.467   2.104   3.386   1.00 19.20 ? 104 ILE A CD1 1 
ATOM   840  N N   . LYS A 1 126 ? -3.171  -2.120  5.437   1.00 13.31 ? 105 LYS A N   1 
ATOM   841  C CA  . LYS A 1 126 ? -3.438  -3.574  5.342   1.00 13.54 ? 105 LYS A CA  1 
ATOM   842  C C   . LYS A 1 126 ? -4.050  -3.829  3.959   1.00 14.57 ? 105 LYS A C   1 
ATOM   843  O O   . LYS A 1 126 ? -4.836  -3.051  3.475   1.00 17.12 ? 105 LYS A O   1 
ATOM   844  C CB  . LYS A 1 126 ? -4.471  -3.825  6.406   1.00 14.32 ? 105 LYS A CB  1 
ATOM   845  C CG  . LYS A 1 126 ? -3.876  -3.862  7.826   1.00 18.73 ? 105 LYS A CG  1 
ATOM   846  C CD  . LYS A 1 126 ? -4.871  -4.324  8.872   1.00 23.98 ? 105 LYS A CD  1 
ATOM   847  C CE  . LYS A 1 126 ? -4.223  -4.269  10.246  1.00 27.59 ? 105 LYS A CE  1 
ATOM   848  N NZ  . LYS A 1 126 ? -5.149  -4.852  11.264  1.00 33.43 ? 105 LYS A NZ  1 
ATOM   849  N N   . ARG A 1 127 ? -3.665  -4.924  3.340   1.00 14.68 ? 106 ARG A N   1 
ATOM   850  C CA  . ARG A 1 127 ? -4.231  -5.241  2.053   1.00 14.80 ? 106 ARG A CA  1 
ATOM   851  C C   . ARG A 1 127 ? -4.880  -6.610  2.162   1.00 14.11 ? 106 ARG A C   1 
ATOM   852  O O   . ARG A 1 127 ? -4.234  -7.526  2.611   1.00 15.68 ? 106 ARG A O   1 
ATOM   853  C CB  . ARG A 1 127 ? -3.112  -5.237  1.036   1.00 15.86 ? 106 ARG A CB  1 
ATOM   854  C CG  . ARG A 1 127 ? -2.486  -3.825  0.767   1.00 17.70 ? 106 ARG A CG  1 
ATOM   855  C CD  . ARG A 1 127 ? -1.229  -3.861  -0.134  1.00 22.52 ? 106 ARG A CD  1 
ATOM   856  N NE  . ARG A 1 127 ? -0.654  -2.483  -0.406  1.00 24.58 ? 106 ARG A NE  1 
ATOM   857  C CZ  . ARG A 1 127 ? 0.301   -1.867  0.297   1.00 25.02 ? 106 ARG A CZ  1 
ATOM   858  N NH1 . ARG A 1 127 ? 0.847   -2.454  1.338   1.00 21.56 ? 106 ARG A NH1 1 
ATOM   859  N NH2 . ARG A 1 127 ? 0.761   -0.620  -0.088  1.00 28.15 ? 106 ARG A NH2 1 
ATOM   860  N N   . LYS A 1 128 ? -6.068  -6.774  1.612   1.00 16.51 ? 107 LYS A N   1 
ATOM   861  C CA  . LYS A 1 128 ? -6.703  -8.093  1.770   1.00 18.03 ? 107 LYS A CA  1 
ATOM   862  C C   . LYS A 1 128 ? -7.562  -8.355  0.609   1.00 20.75 ? 107 LYS A C   1 
ATOM   863  O O   . LYS A 1 128 ? -8.013  -7.415  -0.037  1.00 22.51 ? 107 LYS A O   1 
ATOM   864  C CB  . LYS A 1 128 ? -7.519  -8.190  3.030   1.00 21.58 ? 107 LYS A CB  1 
ATOM   865  C CG  . LYS A 1 128 ? -8.565  -7.148  3.243   0.50 22.44 ? 107 LYS A CG  1 
ATOM   866  C CD  . LYS A 1 128 ? -8.293  -6.684  4.664   0.50 26.33 ? 107 LYS A CD  1 
ATOM   867  C CE  . LYS A 1 128 ? -9.487  -6.165  5.411   0.50 31.08 ? 107 LYS A CE  1 
ATOM   868  N NZ  . LYS A 1 128 ? -9.030  -5.873  6.805   0.50 32.97 ? 107 LYS A NZ  1 
ATOM   869  N N   . ARG A 1 129 ? -7.809  -9.635  0.311   1.00 18.74 ? 108 ARG A N   1 
ATOM   870  C CA  . ARG A 1 129 ? -8.765  -9.944  -0.793  1.00 18.03 ? 108 ARG A CA  1 
ATOM   871  C C   . ARG A 1 129 ? -10.131 -10.075 -0.249  1.00 20.99 ? 108 ARG A C   1 
ATOM   872  O O   . ARG A 1 129 ? -10.364 -10.789 0.742   1.00 23.03 ? 108 ARG A O   1 
ATOM   873  C CB  . ARG A 1 129 ? -8.389  -11.268 -1.462  1.00 19.09 ? 108 ARG A CB  1 
ATOM   874  C CG  . ARG A 1 129 ? -7.082  -11.138 -2.182  1.00 18.32 ? 108 ARG A CG  1 
ATOM   875  C CD  . ARG A 1 129 ? -7.236  -10.336 -3.489  1.00 22.92 ? 108 ARG A CD  1 
ATOM   876  N NE  . ARG A 1 129 ? -8.510  -10.651 -4.114  1.00 24.32 ? 108 ARG A NE  1 
ATOM   877  C CZ  . ARG A 1 129 ? -8.729  -11.606 -4.996  1.00 22.47 ? 108 ARG A CZ  1 
ATOM   878  N NH1 . ARG A 1 129 ? -7.798  -12.447 -5.398  1.00 22.36 ? 108 ARG A NH1 1 
ATOM   879  N NH2 . ARG A 1 129 ? -9.928  -11.748 -5.482  1.00 27.59 ? 108 ARG A NH2 1 
ATOM   880  N N   . GLU A 1 130 ? -11.052 -9.371  -0.888  1.00 19.41 ? 109 GLU A N   1 
ATOM   881  C CA  . GLU A 1 130 ? -12.442 -9.462  -0.595  1.00 20.76 ? 109 GLU A CA  1 
ATOM   882  C C   . GLU A 1 130 ? -13.225 -9.645  -1.935  1.00 18.82 ? 109 GLU A C   1 
ATOM   883  O O   . GLU A 1 130 ? -13.267 -8.711  -2.753  1.00 19.84 ? 109 GLU A O   1 
ATOM   884  C CB  . GLU A 1 130 ? -12.926 -8.160  0.064   1.00 25.21 ? 109 GLU A CB  1 
ATOM   885  C CG  . GLU A 1 130 ? -14.361 -8.229  0.586   0.75 33.15 ? 109 GLU A CG  1 
ATOM   886  C CD  . GLU A 1 130 ? -14.541 -9.204  1.733   0.75 36.42 ? 109 GLU A CD  1 
ATOM   887  O OE1 . GLU A 1 130 ? -13.566 -9.396  2.480   0.75 39.15 ? 109 GLU A OE1 1 
ATOM   888  O OE2 . GLU A 1 130 ? -15.662 -9.768  1.890   0.75 39.39 ? 109 GLU A OE2 1 
ATOM   889  N N   . ASP A 1 131 ? -13.913 -10.785 -2.138  1.00 20.66 ? 110 ASP A N   1 
ATOM   890  C CA  . ASP A 1 131 ? -14.576 -11.042 -3.443  1.00 19.13 ? 110 ASP A CA  1 
ATOM   891  C C   . ASP A 1 131 ? -13.525 -10.844 -4.540  1.00 17.84 ? 110 ASP A C   1 
ATOM   892  O O   . ASP A 1 131 ? -12.404 -11.378 -4.350  1.00 17.67 ? 110 ASP A O   1 
ATOM   893  C CB  . ASP A 1 131 ? -15.876 -10.209 -3.642  1.00 19.62 ? 110 ASP A CB  1 
ATOM   894  C CG  . ASP A 1 131 ? -16.908 -10.508 -2.546  1.00 26.89 ? 110 ASP A CG  1 
ATOM   895  O OD1 . ASP A 1 131 ? -17.039 -11.658 -2.175  1.00 28.55 ? 110 ASP A OD1 1 
ATOM   896  O OD2 . ASP A 1 131 ? -17.560 -9.618  -2.035  1.00 30.52 ? 110 ASP A OD2 1 
ATOM   897  N N   . ASP A 1 132 ? -13.810 -10.156 -5.631  1.00 19.73 ? 111 ASP A N   1 
ATOM   898  C CA  . ASP A 1 132 ? -12.820 -9.950  -6.665  1.00 20.72 ? 111 ASP A CA  1 
ATOM   899  C C   . ASP A 1 132 ? -11.957 -8.713  -6.534  1.00 20.45 ? 111 ASP A C   1 
ATOM   900  O O   . ASP A 1 132 ? -11.281 -8.292  -7.467  1.00 21.87 ? 111 ASP A O   1 
ATOM   901  C CB  . ASP A 1 132 ? -13.445 -9.962  -8.036  1.00 21.34 ? 111 ASP A CB  1 
ATOM   902  C CG  . ASP A 1 132 ? -13.995 -11.374 -8.404  1.00 26.15 ? 111 ASP A CG  1 
ATOM   903  O OD1 . ASP A 1 132 ? -13.277 -12.381 -8.169  1.00 24.88 ? 111 ASP A OD1 1 
ATOM   904  O OD2 . ASP A 1 132 ? -15.089 -11.412 -8.958  1.00 23.72 ? 111 ASP A OD2 1 
ATOM   905  N N   . LYS A 1 133 ? -12.060 -8.099  -5.392  1.00 20.50 ? 112 LYS A N   1 
ATOM   906  C CA  . LYS A 1 133 ? -11.369 -6.837  -5.106  1.00 16.80 ? 112 LYS A CA  1 
ATOM   907  C C   . LYS A 1 133 ? -10.158 -7.094  -4.161  1.00 16.17 ? 112 LYS A C   1 
ATOM   908  O O   . LYS A 1 133 ? -10.052 -8.094  -3.453  1.00 18.51 ? 112 LYS A O   1 
ATOM   909  C CB  . LYS A 1 133 ? -12.361 -5.874  -4.414  1.00 18.81 ? 112 LYS A CB  1 
ATOM   910  C CG  . LYS A 1 133 ? -13.632 -5.650  -5.280  0.50 17.01 ? 112 LYS A CG  1 
ATOM   911  C CD  . LYS A 1 133 ? -14.800 -5.531  -4.340  0.50 18.92 ? 112 LYS A CD  1 
ATOM   912  C CE  . LYS A 1 133 ? -16.092 -5.208  -5.066  0.50 23.28 ? 112 LYS A CE  1 
ATOM   913  N NZ  . LYS A 1 133 ? -15.787 -4.800  -6.476  0.50 26.48 ? 112 LYS A NZ  1 
ATOM   914  N N   . LEU A 1 134 ? -9.214  -6.164  -4.231  1.00 15.36 ? 113 LEU A N   1 
ATOM   915  C CA  . LEU A 1 134 ? -8.132  -6.079  -3.235  1.00 17.02 ? 113 LEU A CA  1 
ATOM   916  C C   . LEU A 1 134 ? -8.454  -4.788  -2.440  1.00 16.21 ? 113 LEU A C   1 
ATOM   917  O O   . LEU A 1 134 ? -8.558  -3.673  -3.022  1.00 19.32 ? 113 LEU A O   1 
ATOM   918  C CB  . LEU A 1 134 ? -6.785  -6.021  -3.937  1.00 18.24 ? 113 LEU A CB  1 
ATOM   919  C CG  . LEU A 1 134 ? -5.466  -6.252  -3.143  1.00 19.39 ? 113 LEU A CG  1 
ATOM   920  C CD1 . LEU A 1 134 ? -4.386  -6.483  -4.169  1.00 20.07 ? 113 LEU A CD1 1 
ATOM   921  C CD2 . LEU A 1 134 ? -5.331  -4.891  -2.566  1.00 23.73 ? 113 LEU A CD2 1 
ATOM   922  N N   . VAL A 1 135 ? -8.708  -4.947  -1.173  1.00 17.59 ? 114 VAL A N   1 
ATOM   923  C CA  . VAL A 1 135 ? -9.092  -3.768  -0.367  1.00 15.36 ? 114 VAL A CA  1 
ATOM   924  C C   . VAL A 1 135 ? -7.818  -3.322  0.358   1.00 16.98 ? 114 VAL A C   1 
ATOM   925  O O   . VAL A 1 135 ? -7.086  -4.108  0.898   1.00 18.23 ? 114 VAL A O   1 
ATOM   926  C CB  . VAL A 1 135 ? -10.188 -4.175  0.642   1.00 18.31 ? 114 VAL A CB  1 
ATOM   927  C CG1 . VAL A 1 135 ? -10.599 -3.001  1.536   1.00 20.78 ? 114 VAL A CG1 1 
ATOM   928  C CG2 . VAL A 1 135 ? -11.399 -4.596  -0.168  1.00 18.92 ? 114 VAL A CG2 1 
ATOM   929  N N   . VAL A 1 136 ? -7.551  -2.022  0.340   1.00 14.70 ? 115 VAL A N   1 
ATOM   930  C CA  . VAL A 1 136 ? -6.379  -1.507  1.090   1.00 13.61 ? 115 VAL A CA  1 
ATOM   931  C C   . VAL A 1 136 ? -6.901  -0.551  2.170   1.00 13.31 ? 115 VAL A C   1 
ATOM   932  O O   . VAL A 1 136 ? -7.681  0.399   1.875   1.00 16.48 ? 115 VAL A O   1 
ATOM   933  C CB  . VAL A 1 136 ? -5.554  -0.666  0.038   1.00 13.49 ? 115 VAL A CB  1 
ATOM   934  C CG1 . VAL A 1 136 ? -4.358  -0.035  0.690   1.00 13.45 ? 115 VAL A CG1 1 
ATOM   935  C CG2 . VAL A 1 136 ? -5.150  -1.564  -1.127  1.00 17.02 ? 115 VAL A CG2 1 
ATOM   936  N N   . GLU A 1 137 ? -6.605  -0.842  3.458   1.00 14.53 ? 116 GLU A N   1 
ATOM   937  C CA  . GLU A 1 137 ? -7.125  -0.060  4.555   1.00 15.01 ? 116 GLU A CA  1 
ATOM   938  C C   . GLU A 1 137 ? -5.902  0.635   5.162   1.00 13.49 ? 116 GLU A C   1 
ATOM   939  O O   . GLU A 1 137 ? -4.926  -0.009  5.535   1.00 14.54 ? 116 GLU A O   1 
ATOM   940  C CB  . GLU A 1 137 ? -7.708  -0.962  5.625   1.00 16.13 ? 116 GLU A CB  1 
ATOM   941  C CG  . GLU A 1 137 ? -8.065  -0.172  6.885   0.50 18.97 ? 116 GLU A CG  1 
ATOM   942  C CD  . GLU A 1 137 ? -8.232  -0.979  8.204   0.50 23.39 ? 116 GLU A CD  1 
ATOM   943  O OE1 . GLU A 1 137 ? -7.270  -1.628  8.716   0.50 21.96 ? 116 GLU A OE1 1 
ATOM   944  O OE2 . GLU A 1 137 ? -9.348  -0.863  8.776   0.50 26.87 ? 116 GLU A OE2 1 
ATOM   945  N N   . CYS A 1 138 ? -5.916  1.954   5.138   1.00 14.73 ? 117 CYS A N   1 
ATOM   946  C CA  . CYS A 1 138 ? -4.772  2.740   5.606   1.00 15.48 ? 117 CYS A CA  1 
ATOM   947  C C   . CYS A 1 138 ? -5.208  3.350   6.954   1.00 16.10 ? 117 CYS A C   1 
ATOM   948  O O   . CYS A 1 138 ? -6.241  4.034   7.031   1.00 18.27 ? 117 CYS A O   1 
ATOM   949  C CB  . CYS A 1 138 ? -4.429  3.866   4.651   1.00 15.57 ? 117 CYS A CB  1 
ATOM   950  S SG  . CYS A 1 138 ? -4.055  3.297   2.980   1.00 20.76 ? 117 CYS A SG  1 
ATOM   951  N N   . VAL A 1 139 ? -4.419  3.154   8.009   1.00 15.71 ? 118 VAL A N   1 
ATOM   952  C CA  . VAL A 1 139 ? -4.813  3.646   9.332   1.00 17.66 ? 118 VAL A CA  1 
ATOM   953  C C   . VAL A 1 139 ? -3.704  4.544   9.927   1.00 16.72 ? 118 VAL A C   1 
ATOM   954  O O   . VAL A 1 139 ? -2.522  4.156   9.977   1.00 17.04 ? 118 VAL A O   1 
ATOM   955  C CB  . VAL A 1 139 ? -5.121  2.446   10.288  1.00 20.50 ? 118 VAL A CB  1 
ATOM   956  C CG1 . VAL A 1 139 ? -5.325  2.947   11.685  1.00 25.56 ? 118 VAL A CG1 1 
ATOM   957  C CG2 . VAL A 1 139 ? -6.338  1.686   9.857   1.00 24.11 ? 118 VAL A CG2 1 
ATOM   958  N N   . MET A 1 140 ? -4.070  5.713   10.398  1.00 18.03 ? 119 MET A N   1 
ATOM   959  C CA  . MET A 1 140 ? -3.053  6.590   11.168  1.00 16.41 ? 119 MET A CA  1 
ATOM   960  C C   . MET A 1 140 ? -3.791  7.111   12.375  1.00 18.94 ? 119 MET A C   1 
ATOM   961  O O   . MET A 1 140 ? -4.801  7.808   12.194  1.00 18.72 ? 119 MET A O   1 
ATOM   962  C CB  . MET A 1 140 ? -2.560  7.713   10.240  1.00 16.72 ? 119 MET A CB  1 
ATOM   963  C CG  . MET A 1 140 ? -1.776  8.892   10.865  1.00 21.11 ? 119 MET A CG  1 
ATOM   964  S SD  . MET A 1 140 ? -0.162  8.197   11.222  1.00 23.18 ? 119 MET A SD  1 
ATOM   965  C CE  . MET A 1 140 ? 0.641   9.571   12.071  1.00 23.05 ? 119 MET A CE  1 
ATOM   966  N N   . LYS A 1 141 ? -3.370  6.654   13.559  0.50 17.01 ? 120 LYS A N   1 
ATOM   967  C CA  . LYS A 1 141 ? -4.123  6.825   14.800  0.50 17.40 ? 120 LYS A CA  1 
ATOM   968  C C   . LYS A 1 141 ? -5.599  6.453   14.595  0.50 13.57 ? 120 LYS A C   1 
ATOM   969  O O   . LYS A 1 141 ? -5.951  5.319   14.327  0.50 18.16 ? 120 LYS A O   1 
ATOM   970  C CB  . LYS A 1 141 ? -4.021  8.261   15.233  0.50 17.01 ? 120 LYS A CB  1 
ATOM   971  C CG  . LYS A 1 141 ? -2.795  9.004   14.807  0.50 23.12 ? 120 LYS A CG  1 
ATOM   972  C CD  . LYS A 1 141 ? -1.910  9.249   15.969  0.50 26.21 ? 120 LYS A CD  1 
ATOM   973  C CE  . LYS A 1 141 ? -2.372  10.538  16.624  0.50 25.31 ? 120 LYS A CE  1 
ATOM   974  N NZ  . LYS A 1 141 ? -2.293  11.714  15.714  0.50 33.81 ? 120 LYS A NZ  1 
ATOM   975  N N   . GLY A 1 142 ? -6.482  7.396   14.678  0.50 13.25 ? 121 GLY A N   1 
ATOM   976  C CA  . GLY A 1 142 ? -7.877  7.017   14.687  0.50 12.89 ? 121 GLY A CA  1 
ATOM   977  C C   . GLY A 1 142 ? -8.497  7.149   13.327  0.50 11.48 ? 121 GLY A C   1 
ATOM   978  O O   . GLY A 1 142 ? -9.636  6.926   13.126  0.50 10.47 ? 121 GLY A O   1 
ATOM   979  N N   . VAL A 1 143 ? -7.708  7.563   12.354  1.00 15.24 ? 122 VAL A N   1 
ATOM   980  C CA  . VAL A 1 143 ? -8.341  7.860   11.022  1.00 17.58 ? 122 VAL A CA  1 
ATOM   981  C C   . VAL A 1 143 ? -8.040  6.690   10.069  1.00 21.49 ? 122 VAL A C   1 
ATOM   982  O O   . VAL A 1 143 ? -6.861  6.270   9.959   1.00 20.93 ? 122 VAL A O   1 
ATOM   983  C CB  . VAL A 1 143 ? -7.762  9.171   10.391  1.00 20.06 ? 122 VAL A CB  1 
ATOM   984  C CG1 . VAL A 1 143 ? -8.315  9.395   9.003   1.00 19.08 ? 122 VAL A CG1 1 
ATOM   985  C CG2 . VAL A 1 143 ? -8.046  10.367  11.304  1.00 22.10 ? 122 VAL A CG2 1 
ATOM   986  N N   . THR A 1 144 ? -9.061  6.203   9.370   1.00 18.29 ? 123 THR A N   1 
ATOM   987  C CA  . THR A 1 144 ? -8.947  5.071   8.417   1.00 20.71 ? 123 THR A CA  1 
ATOM   988  C C   . THR A 1 144 ? -9.429  5.532   7.040   1.00 21.07 ? 123 THR A C   1 
ATOM   989  O O   . THR A 1 144 ? -10.413 6.282   6.923   1.00 25.12 ? 123 THR A O   1 
ATOM   990  C CB  . THR A 1 144 ? -9.747  3.863   8.865   1.00 22.79 ? 123 THR A CB  1 
ATOM   991  O OG1 . THR A 1 144 ? -9.290  3.491   10.173  1.00 27.04 ? 123 THR A OG1 1 
ATOM   992  C CG2 . THR A 1 144 ? -9.589  2.623   7.842   1.00 18.26 ? 123 THR A CG2 1 
ATOM   993  N N   . SER A 1 145 ? -8.675  5.136   6.017   1.00 18.64 ? 124 SER A N   1 
ATOM   994  C CA  . SER A 1 145 ? -9.114  5.303   4.633   1.00 15.41 ? 124 SER A CA  1 
ATOM   995  C C   . SER A 1 145 ? -9.216  3.970   3.950   1.00 16.73 ? 124 SER A C   1 
ATOM   996  O O   . SER A 1 145 ? -8.380  3.076   4.174   1.00 16.59 ? 124 SER A O   1 
ATOM   997  C CB  . SER A 1 145 ? -8.133  6.210   3.887   1.00 15.63 ? 124 SER A CB  1 
ATOM   998  O OG  . SER A 1 145 ? -8.431  6.155   2.480   1.00 16.51 ? 124 SER A OG  1 
ATOM   999  N N   . THR A 1 146 ? -10.273 3.761   3.148   1.00 15.84 ? 125 THR A N   1 
ATOM   1000 C CA  . THR A 1 146 ? -10.415 2.421   2.474   1.00 16.03 ? 125 THR A CA  1 
ATOM   1001 C C   . THR A 1 146 ? -10.315 2.721   1.006   1.00 14.61 ? 125 THR A C   1 
ATOM   1002 O O   . THR A 1 146 ? -11.039 3.611   0.461   1.00 16.90 ? 125 THR A O   1 
ATOM   1003 C CB  . THR A 1 146 ? -11.775 1.828   2.770   1.00 17.57 ? 125 THR A CB  1 
ATOM   1004 O OG1 . THR A 1 146 ? -11.801 1.549   4.172   1.00 20.86 ? 125 THR A OG1 1 
ATOM   1005 C CG2 . THR A 1 146 ? -12.037 0.545   2.031   1.00 19.09 ? 125 THR A CG2 1 
ATOM   1006 N N   . ARG A 1 147 ? -9.430  1.989   0.368   1.00 14.52 ? 126 ARG A N   1 
ATOM   1007 C CA  . ARG A 1 147 ? -9.192  2.140   -1.073  1.00 12.86 ? 126 ARG A CA  1 
ATOM   1008 C C   . ARG A 1 147 ? -9.456  0.798   -1.712  1.00 15.83 ? 126 ARG A C   1 
ATOM   1009 O O   . ARG A 1 147 ? -8.901  -0.190  -1.261  1.00 18.15 ? 126 ARG A O   1 
ATOM   1010 C CB  . ARG A 1 147 ? -7.786  2.631   -1.348  1.00 15.86 ? 126 ARG A CB  1 
ATOM   1011 C CG  . ARG A 1 147 ? -7.846  4.128   -1.010  1.00 16.95 ? 126 ARG A CG  1 
ATOM   1012 C CD  . ARG A 1 147 ? -6.470  4.726   -0.877  1.00 17.34 ? 126 ARG A CD  1 
ATOM   1013 N NE  . ARG A 1 147 ? -5.675  4.802   -2.101  1.00 19.55 ? 126 ARG A NE  1 
ATOM   1014 C CZ  . ARG A 1 147 ? -5.694  5.795   -2.981  1.00 20.00 ? 126 ARG A CZ  1 
ATOM   1015 N NH1 . ARG A 1 147 ? -6.645  6.667   -2.945  1.00 22.13 ? 126 ARG A NH1 1 
ATOM   1016 N NH2 . ARG A 1 147 ? -4.815  5.807   -3.978  1.00 19.35 ? 126 ARG A NH2 1 
ATOM   1017 N N   . VAL A 1 148 ? -10.246 0.758   -2.775  1.00 13.37 ? 127 VAL A N   1 
ATOM   1018 C CA  . VAL A 1 148 ? -10.631 -0.548  -3.321  1.00 13.86 ? 127 VAL A CA  1 
ATOM   1019 C C   . VAL A 1 148 ? -10.063 -0.665  -4.727  1.00 14.95 ? 127 VAL A C   1 
ATOM   1020 O O   . VAL A 1 148 ? -10.272 0.252   -5.522  1.00 15.75 ? 127 VAL A O   1 
ATOM   1021 C CB  . VAL A 1 148 ? -12.122 -0.655  -3.390  1.00 15.67 ? 127 VAL A CB  1 
ATOM   1022 C CG1 . VAL A 1 148 ? -12.477 -1.977  -4.118  1.00 17.71 ? 127 VAL A CG1 1 
ATOM   1023 C CG2 . VAL A 1 148 ? -12.682 -0.687  -1.934  1.00 16.99 ? 127 VAL A CG2 1 
ATOM   1024 N N   . TYR A 1 149 ? -9.352  -1.763  -4.958  1.00 12.82 ? 128 TYR A N   1 
ATOM   1025 C CA  . TYR A 1 149 ? -8.851  -1.998  -6.335  1.00 13.23 ? 128 TYR A CA  1 
ATOM   1026 C C   . TYR A 1 149 ? -9.547  -3.194  -6.964  1.00 15.66 ? 128 TYR A C   1 
ATOM   1027 O O   . TYR A 1 149 ? -9.962  -4.147  -6.263  1.00 15.26 ? 128 TYR A O   1 
ATOM   1028 C CB  . TYR A 1 149 ? -7.347  -2.343  -6.291  1.00 14.12 ? 128 TYR A CB  1 
ATOM   1029 C CG  . TYR A 1 149 ? -6.457  -1.207  -5.884  1.00 14.53 ? 128 TYR A CG  1 
ATOM   1030 C CD1 . TYR A 1 149 ? -6.357  -0.742  -4.551  1.00 12.90 ? 128 TYR A CD1 1 
ATOM   1031 C CD2 . TYR A 1 149 ? -5.658  -0.610  -6.878  1.00 14.97 ? 128 TYR A CD2 1 
ATOM   1032 C CE1 . TYR A 1 149 ? -5.506  0.322   -4.225  1.00 14.59 ? 128 TYR A CE1 1 
ATOM   1033 C CE2 . TYR A 1 149 ? -4.779  0.401   -6.557  1.00 16.70 ? 128 TYR A CE2 1 
ATOM   1034 C CZ  . TYR A 1 149 ? -4.743  0.924   -5.289  1.00 16.87 ? 128 TYR A CZ  1 
ATOM   1035 O OH  . TYR A 1 149 ? -3.794  1.915   -5.035  1.00 17.87 ? 128 TYR A OH  1 
ATOM   1036 N N   . GLU A 1 150 ? -9.555  -3.198  -8.294  1.00 15.61 ? 129 GLU A N   1 
ATOM   1037 C CA  . GLU A 1 150 ? -10.108 -4.369  -9.017  1.00 17.28 ? 129 GLU A CA  1 
ATOM   1038 C C   . GLU A 1 150 ? -9.151  -4.816  -10.047 1.00 17.45 ? 129 GLU A C   1 
ATOM   1039 O O   . GLU A 1 150 ? -8.285  -4.071  -10.372 1.00 17.88 ? 129 GLU A O   1 
ATOM   1040 C CB  . GLU A 1 150 ? -11.471 -4.012  -9.678  1.00 20.46 ? 129 GLU A CB  1 
ATOM   1041 C CG  . GLU A 1 150 ? -12.538 -4.382  -8.664  0.50 22.69 ? 129 GLU A CG  1 
ATOM   1042 C CD  . GLU A 1 150 ? -13.950 -3.926  -8.996  0.50 25.33 ? 129 GLU A CD  1 
ATOM   1043 O OE1 . GLU A 1 150 ? -14.223 -3.470  -10.141 0.50 21.76 ? 129 GLU A OE1 1 
ATOM   1044 O OE2 . GLU A 1 150 ? -14.793 -4.073  -8.061  0.50 26.49 ? 129 GLU A OE2 1 
ATOM   1045 N N   . ARG A 1 151 ? -9.257  -6.074  -10.543 1.00 18.65 ? 130 ARG A N   1 
ATOM   1046 C CA  . ARG A 1 151 ? -8.337  -6.532  -11.567 1.00 19.74 ? 130 ARG A CA  1 
ATOM   1047 C C   . ARG A 1 151 ? -8.406  -5.698  -12.781 1.00 19.51 ? 130 ARG A C   1 
ATOM   1048 O O   . ARG A 1 151 ? -9.528  -5.281  -13.224 1.00 21.70 ? 130 ARG A O   1 
ATOM   1049 C CB  . ARG A 1 151 ? -8.602  -8.015  -11.908 1.00 21.01 ? 130 ARG A CB  1 
ATOM   1050 C CG  . ARG A 1 151 ? -8.076  -8.883  -10.798 1.00 23.73 ? 130 ARG A CG  1 
ATOM   1051 C CD  . ARG A 1 151 ? -7.624  -10.258 -11.240 1.00 30.53 ? 130 ARG A CD  1 
ATOM   1052 N NE  . ARG A 1 151 ? -7.464  -11.159 -10.082 1.00 26.67 ? 130 ARG A NE  1 
ATOM   1053 C CZ  . ARG A 1 151 ? -6.291  -11.386 -9.494  1.00 24.78 ? 130 ARG A CZ  1 
ATOM   1054 N NH1 . ARG A 1 151 ? -5.237  -10.753 -9.987  1.00 21.28 ? 130 ARG A NH1 1 
ATOM   1055 N NH2 . ARG A 1 151 ? -6.164  -12.249 -8.479  1.00 23.68 ? 130 ARG A NH2 1 
ATOM   1056 N N   . ALA A 1 152 ? -7.222  -5.387  -13.319 1.00 22.93 ? 131 ALA A N   1 
ATOM   1057 C CA  . ALA A 1 152 ? -7.069  -4.559  -14.511 1.00 28.77 ? 131 ALA A CA  1 
ATOM   1058 C C   . ALA A 1 152 ? -7.596  -5.303  -15.735 1.00 36.40 ? 131 ALA A C   1 
ATOM   1059 O O   . ALA A 1 152 ? -8.275  -4.758  -16.610 1.00 41.95 ? 131 ALA A O   1 
ATOM   1060 C CB  . ALA A 1 152 ? -5.632  -4.201  -14.731 1.00 33.90 ? 131 ALA A CB  1 
ATOM   1061 O OXT . ALA A 1 152 ? -7.402  -6.519  -15.811 1.00 36.96 ? 131 ALA A OXT 1 
HETATM 1062 O O1  . 57Q B 2 .   ? -1.696  2.347   -2.018  1.00 27.73 ? 201 57Q A O1  1 
HETATM 1063 C C17 . 57Q B 2 .   ? -2.414  3.331   -2.082  1.00 28.88 ? 201 57Q A C17 1 
HETATM 1064 O O2  . 57Q B 2 .   ? -3.542  3.242   -2.746  1.00 23.05 ? 201 57Q A O2  1 
HETATM 1065 C C16 . 57Q B 2 .   ? -2.031  4.644   -1.423  1.00 22.95 ? 201 57Q A C16 1 
HETATM 1066 C C15 . 57Q B 2 .   ? -0.486  4.841   -1.418  1.00 25.33 ? 201 57Q A C15 1 
HETATM 1067 N N   . 57Q B 2 .   ? -0.309  6.224   -0.921  1.00 26.03 ? 201 57Q A N   1 
HETATM 1068 C C14 . 57Q B 2 .   ? -0.063  6.605   0.371   1.00 25.68 ? 201 57Q A C14 1 
HETATM 1069 C C13 . 57Q B 2 .   ? 0.038   5.903   1.582   1.00 28.34 ? 201 57Q A C13 1 
HETATM 1070 C C12 . 57Q B 2 .   ? 0.301   6.698   2.733   1.00 22.92 ? 201 57Q A C12 1 
HETATM 1071 C C11 . 57Q B 2 .   ? 0.381   8.070   2.616   1.00 22.19 ? 201 57Q A C11 1 
HETATM 1072 C C10 . 57Q B 2 .   ? 0.290   8.753   1.415   1.00 22.82 ? 201 57Q A C10 1 
HETATM 1073 C C9  . 57Q B 2 .   ? 0.067   7.995   0.292   1.00 22.48 ? 201 57Q A C9  1 
HETATM 1074 C C8  . 57Q B 2 .   ? -0.139  8.452   -1.038  1.00 23.06 ? 201 57Q A C8  1 
HETATM 1075 C C7  . 57Q B 2 .   ? -0.322  7.263   -1.752  1.00 23.53 ? 201 57Q A C7  1 
HETATM 1076 C C4  . 57Q B 2 .   ? -0.557  7.124   -3.120  1.00 28.40 ? 201 57Q A C4  1 
HETATM 1077 C C3  . 57Q B 2 .   ? -0.691  8.220   -3.867  1.00 31.26 ? 201 57Q A C3  1 
HETATM 1078 C C2  . 57Q B 2 .   ? -0.900  8.135   -5.255  1.00 34.82 ? 201 57Q A C2  1 
HETATM 1079 C C5  . 57Q B 2 .   ? -0.700  5.903   -3.798  1.00 38.60 ? 201 57Q A C5  1 
HETATM 1080 C C6  . 57Q B 2 .   ? -0.902  5.847   -5.197  1.00 38.88 ? 201 57Q A C6  1 
HETATM 1081 C C1  . 57Q B 2 .   ? -0.926  6.997   -5.974  1.00 28.09 ? 201 57Q A C1  1 
HETATM 1082 O O   . HOH C 3 .   ? -13.168 -2.669  -11.914 1.00 33.32 ? 301 HOH A O   1 
HETATM 1083 O O   . HOH C 3 .   ? 1.388   5.684   -8.422  1.00 30.98 ? 302 HOH A O   1 
HETATM 1084 O O   . HOH C 3 .   ? -11.537 -7.647  -9.834  1.00 25.34 ? 303 HOH A O   1 
HETATM 1085 O O   . HOH C 3 .   ? -14.716 10.151  5.018   1.00 44.48 ? 304 HOH A O   1 
HETATM 1086 O O   . HOH C 3 .   ? -7.829  -14.355 5.856   1.00 32.66 ? 305 HOH A O   1 
HETATM 1087 O O   . HOH C 3 .   ? -6.114  -8.287  -14.565 1.00 31.52 ? 306 HOH A O   1 
HETATM 1088 O O   . HOH C 3 .   ? -6.266  9.860   15.175  1.00 32.63 ? 307 HOH A O   1 
HETATM 1089 O O   . HOH C 3 .   ? 8.494   13.880  12.192  1.00 53.36 ? 308 HOH A O   1 
HETATM 1090 O O   . HOH C 3 .   ? 8.642   -13.448 1.745   1.00 17.22 ? 309 HOH A O   1 
HETATM 1091 O O   . HOH C 3 .   ? -12.344 -11.633 2.717   1.00 35.23 ? 310 HOH A O   1 
HETATM 1092 O O   . HOH C 3 .   ? -6.867  14.563  -1.218  1.00 25.90 ? 311 HOH A O   1 
HETATM 1093 O O   . HOH C 3 .   ? -16.856 -9.755  -8.038  1.00 38.46 ? 312 HOH A O   1 
HETATM 1094 O O   . HOH C 3 .   ? -0.847  1.810   -5.769  1.00 26.22 ? 313 HOH A O   1 
HETATM 1095 O O   . HOH C 3 .   ? 6.395   3.122   -1.780  1.00 34.11 ? 314 HOH A O   1 
HETATM 1096 O O   . HOH C 3 .   ? -10.711 16.255  3.531   1.00 35.00 ? 315 HOH A O   1 
HETATM 1097 O O   . HOH C 3 .   ? -3.730  -13.664 -8.231  1.00 24.99 ? 316 HOH A O   1 
HETATM 1098 O O   . HOH C 3 .   ? 10.576  -7.367  -8.959  1.00 36.24 ? 317 HOH A O   1 
HETATM 1099 O O   . HOH C 3 .   ? 8.671   3.485   -2.699  1.00 42.02 ? 318 HOH A O   1 
HETATM 1100 O O   . HOH C 3 .   ? -9.147  2.899   -12.241 1.00 38.47 ? 319 HOH A O   1 
HETATM 1101 O O   . HOH C 3 .   ? -4.421  11.823  -11.251 1.00 20.40 ? 320 HOH A O   1 
HETATM 1102 O O   . HOH C 3 .   ? -9.447  10.483  -10.315 1.00 31.68 ? 321 HOH A O   1 
HETATM 1103 O O   . HOH C 3 .   ? -5.962  2.845   -13.166 1.00 38.18 ? 322 HOH A O   1 
HETATM 1104 O O   . HOH C 3 .   ? -6.761  -11.752 1.979   1.00 25.77 ? 323 HOH A O   1 
HETATM 1105 O O   . HOH C 3 .   ? 12.367  -3.519  -6.609  1.00 26.45 ? 324 HOH A O   1 
HETATM 1106 O O   . HOH C 3 .   ? 6.870   1.948   -10.266 1.00 41.87 ? 325 HOH A O   1 
HETATM 1107 O O   . HOH C 3 .   ? -1.684  -0.311  -2.210  1.00 29.30 ? 326 HOH A O   1 
HETATM 1108 O O   . HOH C 3 .   ? -5.401  8.226   -5.303  1.00 18.99 ? 327 HOH A O   1 
HETATM 1109 O O   . HOH C 3 .   ? -0.195  -4.147  3.117   1.00 17.72 ? 328 HOH A O   1 
HETATM 1110 O O   . HOH C 3 .   ? -18.932 -12.776 -3.737  1.00 27.18 ? 329 HOH A O   1 
HETATM 1111 O O   . HOH C 3 .   ? 15.279  -8.470  3.464   1.00 22.02 ? 330 HOH A O   1 
HETATM 1112 O O   . HOH C 3 .   ? 2.645   -13.280 10.530  1.00 40.56 ? 331 HOH A O   1 
HETATM 1113 O O   . HOH C 3 .   ? 12.202  3.622   -1.595  1.00 34.44 ? 332 HOH A O   1 
HETATM 1114 O O   . HOH C 3 .   ? -7.332  14.080  9.524   1.00 31.66 ? 333 HOH A O   1 
HETATM 1115 O O   . HOH C 3 .   ? 16.380  -5.018  7.930   1.00 35.04 ? 334 HOH A O   1 
HETATM 1116 O O   . HOH C 3 .   ? 2.322   1.624   0.028   1.00 38.24 ? 335 HOH A O   1 
HETATM 1117 O O   . HOH C 3 .   ? 12.470  -7.116  10.334  1.00 20.46 ? 336 HOH A O   1 
HETATM 1118 O O   . HOH C 3 .   ? 4.778   0.677   -4.506  1.00 22.45 ? 337 HOH A O   1 
HETATM 1119 O O   . HOH C 3 .   ? -13.131 6.287   7.293   1.00 32.47 ? 338 HOH A O   1 
HETATM 1120 O O   . HOH C 3 .   ? 5.674   13.375  -3.419  1.00 35.94 ? 339 HOH A O   1 
HETATM 1121 O O   . HOH C 3 .   ? 5.399   -6.315  -9.314  1.00 19.78 ? 340 HOH A O   1 
HETATM 1122 O O   . HOH C 3 .   ? -3.150  13.841  -9.943  1.00 16.40 ? 341 HOH A O   1 
HETATM 1123 O O   . HOH C 3 .   ? 13.550  -5.451  1.090   1.00 17.44 ? 342 HOH A O   1 
HETATM 1124 O O   . HOH C 3 .   ? -16.211 7.792   3.721   1.00 33.77 ? 343 HOH A O   1 
HETATM 1125 O O   . HOH C 3 .   ? 0.892   2.040   -2.989  1.00 33.22 ? 344 HOH A O   1 
HETATM 1126 O O   . HOH C 3 .   ? 0.374   22.028  3.341   1.00 31.21 ? 345 HOH A O   1 
HETATM 1127 O O   . HOH C 3 .   ? -8.598  9.707   -3.311  1.00 30.23 ? 346 HOH A O   1 
HETATM 1128 O O   . HOH C 3 .   ? 9.537   -10.077 -6.634  1.00 18.46 ? 347 HOH A O   1 
HETATM 1129 O O   . HOH C 3 .   ? 8.786   -10.077 -9.180  1.00 31.22 ? 348 HOH A O   1 
HETATM 1130 O O   . HOH C 3 .   ? 12.711  -7.018  3.021   1.00 15.82 ? 349 HOH A O   1 
HETATM 1131 O O   . HOH C 3 .   ? 9.238   -1.261  10.250  1.00 23.99 ? 350 HOH A O   1 
HETATM 1132 O O   . HOH C 3 .   ? 0.270   -1.995  13.242  1.00 30.88 ? 351 HOH A O   1 
HETATM 1133 O O   . HOH C 3 .   ? -10.872 7.663   -6.493  1.00 42.17 ? 352 HOH A O   1 
HETATM 1134 O O   . HOH C 3 .   ? -11.077 12.569  3.458   1.00 30.10 ? 353 HOH A O   1 
HETATM 1135 O O   . HOH C 3 .   ? -14.177 6.807   -4.494  1.00 26.47 ? 354 HOH A O   1 
HETATM 1136 O O   . HOH C 3 .   ? 8.272   9.747   -3.722  1.00 37.67 ? 355 HOH A O   1 
HETATM 1137 O O   . HOH C 3 .   ? -14.121 10.299  1.111   1.00 28.23 ? 356 HOH A O   1 
HETATM 1138 O O   . HOH C 3 .   ? -4.783  -9.202  -12.309 1.00 22.83 ? 357 HOH A O   1 
HETATM 1139 O O   . HOH C 3 .   ? -1.790  -9.400  -14.524 1.00 29.54 ? 358 HOH A O   1 
HETATM 1140 O O   . HOH C 3 .   ? -12.547 3.516   6.066   1.00 34.11 ? 359 HOH A O   1 
HETATM 1141 O O   . HOH C 3 .   ? 13.877  -15.724 -3.236  1.00 24.15 ? 360 HOH A O   1 
HETATM 1142 O O   . HOH C 3 .   ? -8.766  8.703   -6.966  1.00 38.32 ? 361 HOH A O   1 
HETATM 1143 O O   . HOH C 3 .   ? 4.221   9.610   -12.555 1.00 45.12 ? 362 HOH A O   1 
HETATM 1144 O O   . HOH C 3 .   ? -16.527 -14.251 -1.141  1.00 25.08 ? 363 HOH A O   1 
HETATM 1145 O O   . HOH C 3 .   ? 16.250  -5.185  4.021   1.00 31.84 ? 364 HOH A O   1 
HETATM 1146 O O   . HOH C 3 .   ? -0.855  -15.841 9.983   1.00 31.69 ? 365 HOH A O   1 
HETATM 1147 O O   . HOH C 3 .   ? 2.847   4.052   -3.524  1.00 22.30 ? 366 HOH A O   1 
HETATM 1148 O O   . HOH C 3 .   ? 4.567   -18.219 -5.622  1.00 42.56 ? 367 HOH A O   1 
HETATM 1149 O O   . HOH C 3 .   ? 16.221  0.760   10.344  1.00 87.12 ? 368 HOH A O   1 
HETATM 1150 O O   . HOH C 3 .   ? -13.455 15.250  4.299   1.00 45.62 ? 369 HOH A O   1 
HETATM 1151 O O   . HOH C 3 .   ? -13.406 2.887   -0.964  1.00 23.18 ? 370 HOH A O   1 
HETATM 1152 O O   . HOH C 3 .   ? 9.060   -6.755  5.121   1.00 13.93 ? 371 HOH A O   1 
HETATM 1153 O O   . HOH C 3 .   ? -0.987  17.539  6.844   1.00 30.31 ? 372 HOH A O   1 
HETATM 1154 O O   . HOH C 3 .   ? 4.209   -13.436 -9.422  1.00 22.50 ? 373 HOH A O   1 
HETATM 1155 O O   . HOH C 3 .   ? 4.090   -6.079  9.658   1.00 18.91 ? 374 HOH A O   1 
HETATM 1156 O O   . HOH C 3 .   ? 4.321   13.652  3.763   1.00 26.87 ? 375 HOH A O   1 
HETATM 1157 O O   . HOH C 3 .   ? 4.657   13.281  7.899   1.00 37.97 ? 376 HOH A O   1 
HETATM 1158 O O   . HOH C 3 .   ? 7.503   8.972   -10.105 1.00 36.64 ? 377 HOH A O   1 
HETATM 1159 O O   . HOH C 3 .   ? 4.539   -13.065 7.604   1.00 21.55 ? 378 HOH A O   1 
HETATM 1160 O O   . HOH C 3 .   ? -4.526  -0.760  8.746   1.00 24.15 ? 379 HOH A O   1 
HETATM 1161 O O   . HOH C 3 .   ? -12.906 5.143   4.255   1.00 43.50 ? 380 HOH A O   1 
HETATM 1162 O O   . HOH C 3 .   ? 14.317  4.812   5.847   1.00 35.78 ? 381 HOH A O   1 
HETATM 1163 O O   . HOH C 3 .   ? -4.769  -17.464 -1.562  1.00 40.50 ? 382 HOH A O   1 
HETATM 1164 O O   . HOH C 3 .   ? 2.914   6.570   -14.717 1.00 38.90 ? 383 HOH A O   1 
HETATM 1165 O O   . HOH C 3 .   ? 0.304   2.171   13.003  1.00 27.91 ? 384 HOH A O   1 
HETATM 1166 O O   . HOH C 3 .   ? 10.659  11.703  5.989   1.00 30.60 ? 385 HOH A O   1 
HETATM 1167 O O   . HOH C 3 .   ? -10.957 9.472   -0.472  1.00 21.10 ? 386 HOH A O   1 
HETATM 1168 O O   . HOH C 3 .   ? 12.605  8.803   10.812  1.00 29.91 ? 387 HOH A O   1 
HETATM 1169 O O   . HOH C 3 .   ? 4.080   4.858   -1.234  1.00 21.07 ? 388 HOH A O   1 
HETATM 1170 O O   . HOH C 3 .   ? -16.070 -8.416  -6.380  1.00 33.14 ? 389 HOH A O   1 
HETATM 1171 O O   . HOH C 3 .   ? -5.012  -15.968 -6.068  1.00 64.57 ? 390 HOH A O   1 
HETATM 1172 O O   . HOH C 3 .   ? -12.011 -7.030  3.314   1.00 91.44 ? 391 HOH A O   1 
HETATM 1173 O O   . HOH C 3 .   ? -9.790  -2.409  6.286   1.00 37.76 ? 392 HOH A O   1 
HETATM 1174 O O   . HOH C 3 .   ? 1.820   7.602   14.912  1.00 29.23 ? 393 HOH A O   1 
HETATM 1175 O O   . HOH C 3 .   ? 3.980   16.576  2.200   1.00 37.05 ? 394 HOH A O   1 
HETATM 1176 O O   . HOH C 3 .   ? -1.397  -19.946 -6.576  1.00 48.04 ? 395 HOH A O   1 
HETATM 1177 O O   . HOH C 3 .   ? -10.738 11.854  0.210   1.00 28.24 ? 396 HOH A O   1 
HETATM 1178 O O   . HOH C 3 .   ? 2.924   4.361   1.036   1.00 28.60 ? 397 HOH A O   1 
HETATM 1179 O O   . HOH C 3 .   ? 2.504   19.633  -0.526  1.00 28.01 ? 398 HOH A O   1 
HETATM 1180 O O   . HOH C 3 .   ? 9.818   3.865   -5.149  1.00 36.25 ? 399 HOH A O   1 
HETATM 1181 O O   . HOH C 3 .   ? -10.071 -1.332  -16.403 1.00 47.78 ? 400 HOH A O   1 
HETATM 1182 O O   . HOH C 3 .   ? -1.144  -16.167 6.737   1.00 26.43 ? 401 HOH A O   1 
HETATM 1183 O O   . HOH C 3 .   ? 4.085   -17.129 -3.265  1.00 64.34 ? 402 HOH A O   1 
HETATM 1184 O O   . HOH C 3 .   ? -9.995  13.418  -5.293  1.00 32.65 ? 403 HOH A O   1 
HETATM 1185 O O   . HOH C 3 .   ? 10.859  2.542   -2.315  1.00 31.03 ? 404 HOH A O   1 
HETATM 1186 O O   . HOH C 3 .   ? 3.484   19.283  5.106   1.00 46.87 ? 405 HOH A O   1 
HETATM 1187 O O   . HOH C 3 .   ? 3.331   0.504   -2.306  1.00 50.92 ? 406 HOH A O   1 
HETATM 1188 O O   . HOH C 3 .   ? 3.761   -15.640 6.581   1.00 37.19 ? 407 HOH A O   1 
HETATM 1189 O O   . HOH C 3 .   ? 5.429   -17.581 -9.022  1.00 53.45 ? 408 HOH A O   1 
HETATM 1190 O O   . HOH C 3 .   ? 8.533   9.929   -7.671  1.00 57.74 ? 409 HOH A O   1 
HETATM 1191 O O   . HOH C 3 .   ? -16.501 -6.027  0.216   1.00 40.83 ? 410 HOH A O   1 
HETATM 1192 O O   . HOH C 3 .   ? -14.452 12.446  2.773   1.00 31.22 ? 411 HOH A O   1 
HETATM 1193 O O   . HOH C 3 .   ? 7.000   -5.090  -10.884 1.00 43.43 ? 412 HOH A O   1 
HETATM 1194 O O   . HOH C 3 .   ? -15.128 2.326   1.046   1.00 47.92 ? 413 HOH A O   1 
# 
loop_
_pdbx_poly_seq_scheme.asym_id 
_pdbx_poly_seq_scheme.entity_id 
_pdbx_poly_seq_scheme.seq_id 
_pdbx_poly_seq_scheme.mon_id 
_pdbx_poly_seq_scheme.ndb_seq_num 
_pdbx_poly_seq_scheme.pdb_seq_num 
_pdbx_poly_seq_scheme.auth_seq_num 
_pdbx_poly_seq_scheme.pdb_mon_id 
_pdbx_poly_seq_scheme.auth_mon_id 
_pdbx_poly_seq_scheme.pdb_strand_id 
_pdbx_poly_seq_scheme.pdb_ins_code 
_pdbx_poly_seq_scheme.hetero 
A 1 1   MET 1   -20 ?   ?   ?   A . n 
A 1 2   GLY 2   -19 ?   ?   ?   A . n 
A 1 3   SER 3   -18 ?   ?   ?   A . n 
A 1 4   SER 4   -17 ?   ?   ?   A . n 
A 1 5   HIS 5   -16 ?   ?   ?   A . n 
A 1 6   HIS 6   -15 ?   ?   ?   A . n 
A 1 7   HIS 7   -14 ?   ?   ?   A . n 
A 1 8   HIS 8   -13 ?   ?   ?   A . n 
A 1 9   HIS 9   -12 ?   ?   ?   A . n 
A 1 10  HIS 10  -11 ?   ?   ?   A . n 
A 1 11  SER 11  -10 ?   ?   ?   A . n 
A 1 12  SER 12  -9  ?   ?   ?   A . n 
A 1 13  GLY 13  -8  ?   ?   ?   A . n 
A 1 14  LEU 14  -7  ?   ?   ?   A . n 
A 1 15  VAL 15  -6  ?   ?   ?   A . n 
A 1 16  PRO 16  -5  ?   ?   ?   A . n 
A 1 17  ARG 17  -4  -4  ARG ARG A . n 
A 1 18  GLY 18  -3  -3  GLY GLY A . n 
A 1 19  SER 19  -2  -2  SER SER A . n 
A 1 20  HIS 20  -1  -1  HIS HIS A . n 
A 1 21  MET 21  0   0   MET MET A . n 
A 1 22  CYS 22  1   1   CYS CYS A . n 
A 1 23  ASP 23  2   2   ASP ASP A . n 
A 1 24  ALA 24  3   3   ALA ALA A . n 
A 1 25  PHE 25  4   4   PHE PHE A . n 
A 1 26  VAL 26  5   5   VAL VAL A . n 
A 1 27  GLY 27  6   6   GLY GLY A . n 
A 1 28  THR 28  7   7   THR THR A . n 
A 1 29  TRP 29  8   8   TRP TRP A . n 
A 1 30  LYS 30  9   9   LYS LYS A . n 
A 1 31  LEU 31  10  10  LEU LEU A . n 
A 1 32  VAL 32  11  11  VAL VAL A . n 
A 1 33  SER 33  12  12  SER SER A . n 
A 1 34  SER 34  13  13  SER SER A . n 
A 1 35  GLU 35  14  14  GLU GLU A . n 
A 1 36  ASN 36  15  15  ASN ASN A . n 
A 1 37  PHE 37  16  16  PHE PHE A . n 
A 1 38  ASP 38  17  17  ASP ASP A . n 
A 1 39  ASP 39  18  18  ASP ASP A . n 
A 1 40  TYR 40  19  19  TYR TYR A . n 
A 1 41  MET 41  20  20  MET MET A . n 
A 1 42  LYS 42  21  21  LYS LYS A . n 
A 1 43  GLU 43  22  22  GLU GLU A . n 
A 1 44  VAL 44  23  23  VAL VAL A . n 
A 1 45  GLY 45  24  24  GLY GLY A . n 
A 1 46  VAL 46  25  25  VAL VAL A . n 
A 1 47  GLY 47  26  26  GLY GLY A . n 
A 1 48  PHE 48  27  27  PHE PHE A . n 
A 1 49  ALA 49  28  28  ALA ALA A . n 
A 1 50  THR 50  29  29  THR THR A . n 
A 1 51  ARG 51  30  30  ARG ARG A . n 
A 1 52  LYS 52  31  31  LYS LYS A . n 
A 1 53  VAL 53  32  32  VAL VAL A . n 
A 1 54  ALA 54  33  33  ALA ALA A . n 
A 1 55  GLY 55  34  34  GLY GLY A . n 
A 1 56  MET 56  35  35  MET MET A . n 
A 1 57  ALA 57  36  36  ALA ALA A . n 
A 1 58  LYS 58  37  37  LYS LYS A . n 
A 1 59  PRO 59  38  38  PRO PRO A . n 
A 1 60  ASN 60  39  39  ASN ASN A . n 
A 1 61  MET 61  40  40  MET MET A . n 
A 1 62  ILE 62  41  41  ILE ILE A . n 
A 1 63  ILE 63  42  42  ILE ILE A . n 
A 1 64  SER 64  43  43  SER SER A . n 
A 1 65  VAL 65  44  44  VAL VAL A . n 
A 1 66  ASN 66  45  45  ASN ASN A . n 
A 1 67  GLY 67  46  46  GLY GLY A . n 
A 1 68  ASP 68  47  47  ASP ASP A . n 
A 1 69  VAL 69  48  48  VAL VAL A . n 
A 1 70  ILE 70  49  49  ILE ILE A . n 
A 1 71  THR 71  50  50  THR THR A . n 
A 1 72  ILE 72  51  51  ILE ILE A . n 
A 1 73  LYS 73  52  52  LYS LYS A . n 
A 1 74  SER 74  53  53  SER SER A . n 
A 1 75  GLU 75  54  54  GLU GLU A . n 
A 1 76  SER 76  55  55  SER SER A . n 
A 1 77  THR 77  56  56  THR THR A . n 
A 1 78  PHE 78  57  57  PHE PHE A . n 
A 1 79  LYS 79  58  58  LYS LYS A . n 
A 1 80  ASN 80  59  59  ASN ASN A . n 
A 1 81  THR 81  60  60  THR THR A . n 
A 1 82  GLU 82  61  61  GLU GLU A . n 
A 1 83  ILE 83  62  62  ILE ILE A . n 
A 1 84  SER 84  63  63  SER SER A . n 
A 1 85  PHE 85  64  64  PHE PHE A . n 
A 1 86  ILE 86  65  65  ILE ILE A . n 
A 1 87  LEU 87  66  66  LEU LEU A . n 
A 1 88  GLY 88  67  67  GLY GLY A . n 
A 1 89  GLN 89  68  68  GLN GLN A . n 
A 1 90  GLU 90  69  69  GLU GLU A . n 
A 1 91  PHE 91  70  70  PHE PHE A . n 
A 1 92  ASP 92  71  71  ASP ASP A . n 
A 1 93  GLU 93  72  72  GLU GLU A . n 
A 1 94  VAL 94  73  73  VAL VAL A . n 
A 1 95  THR 95  74  74  THR THR A . n 
A 1 96  ALA 96  75  75  ALA ALA A . n 
A 1 97  ASP 97  76  76  ASP ASP A . n 
A 1 98  ASP 98  77  77  ASP ASP A . n 
A 1 99  ARG 99  78  78  ARG ARG A . n 
A 1 100 LYS 100 79  79  LYS LYS A . n 
A 1 101 VAL 101 80  80  VAL VAL A . n 
A 1 102 LYS 102 81  81  LYS LYS A . n 
A 1 103 SER 103 82  82  SER SER A . n 
A 1 104 THR 104 83  83  THR THR A . n 
A 1 105 ILE 105 84  84  ILE ILE A . n 
A 1 106 THR 106 85  85  THR THR A . n 
A 1 107 LEU 107 86  86  LEU LEU A . n 
A 1 108 ASP 108 87  87  ASP ASP A . n 
A 1 109 GLY 109 88  88  GLY GLY A . n 
A 1 110 GLY 110 89  89  GLY GLY A . n 
A 1 111 VAL 111 90  90  VAL VAL A . n 
A 1 112 LEU 112 91  91  LEU LEU A . n 
A 1 113 VAL 113 92  92  VAL VAL A . n 
A 1 114 HIS 114 93  93  HIS HIS A . n 
A 1 115 VAL 115 94  94  VAL VAL A . n 
A 1 116 GLN 116 95  95  GLN GLN A . n 
A 1 117 LYS 117 96  96  LYS LYS A . n 
A 1 118 TRP 118 97  97  TRP TRP A . n 
A 1 119 ASP 119 98  98  ASP ASP A . n 
A 1 120 GLY 120 99  99  GLY GLY A . n 
A 1 121 LYS 121 100 100 LYS LYS A . n 
A 1 122 SER 122 101 101 SER SER A . n 
A 1 123 THR 123 102 102 THR THR A . n 
A 1 124 THR 124 103 103 THR THR A . n 
A 1 125 ILE 125 104 104 ILE ILE A . n 
A 1 126 LYS 126 105 105 LYS LYS A . n 
A 1 127 ARG 127 106 106 ARG ARG A . n 
A 1 128 LYS 128 107 107 LYS LYS A . n 
A 1 129 ARG 129 108 108 ARG ARG A . n 
A 1 130 GLU 130 109 109 GLU GLU A . n 
A 1 131 ASP 131 110 110 ASP ASP A . n 
A 1 132 ASP 132 111 111 ASP ASP A . n 
A 1 133 LYS 133 112 112 LYS LYS A . n 
A 1 134 LEU 134 113 113 LEU LEU A . n 
A 1 135 VAL 135 114 114 VAL VAL A . n 
A 1 136 VAL 136 115 115 VAL VAL A . n 
A 1 137 GLU 137 116 116 GLU GLU A . n 
A 1 138 CYS 138 117 117 CYS CYS A . n 
A 1 139 VAL 139 118 118 VAL VAL A . n 
A 1 140 MET 140 119 119 MET MET A . n 
A 1 141 LYS 141 120 120 LYS LYS A . n 
A 1 142 GLY 142 121 121 GLY GLY A . n 
A 1 143 VAL 143 122 122 VAL VAL A . n 
A 1 144 THR 144 123 123 THR THR A . n 
A 1 145 SER 145 124 124 SER SER A . n 
A 1 146 THR 146 125 125 THR THR A . n 
A 1 147 ARG 147 126 126 ARG ARG A . n 
A 1 148 VAL 148 127 127 VAL VAL A . n 
A 1 149 TYR 149 128 128 TYR TYR A . n 
A 1 150 GLU 150 129 129 GLU GLU A . n 
A 1 151 ARG 151 130 130 ARG ARG A . n 
A 1 152 ALA 152 131 131 ALA ALA A . n 
# 
loop_
_pdbx_nonpoly_scheme.asym_id 
_pdbx_nonpoly_scheme.entity_id 
_pdbx_nonpoly_scheme.mon_id 
_pdbx_nonpoly_scheme.ndb_seq_num 
_pdbx_nonpoly_scheme.pdb_seq_num 
_pdbx_nonpoly_scheme.auth_seq_num 
_pdbx_nonpoly_scheme.pdb_mon_id 
_pdbx_nonpoly_scheme.auth_mon_id 
_pdbx_nonpoly_scheme.pdb_strand_id 
_pdbx_nonpoly_scheme.pdb_ins_code 
B 2 57Q 1   201 1   57Q 57Q A . 
C 3 HOH 1   301 82  HOH HOH A . 
C 3 HOH 2   302 113 HOH HOH A . 
C 3 HOH 3   303 71  HOH HOH A . 
C 3 HOH 4   304 93  HOH HOH A . 
C 3 HOH 5   305 46  HOH HOH A . 
C 3 HOH 6   306 92  HOH HOH A . 
C 3 HOH 7   307 8   HOH HOH A . 
C 3 HOH 8   308 74  HOH HOH A . 
C 3 HOH 9   309 20  HOH HOH A . 
C 3 HOH 10  310 57  HOH HOH A . 
C 3 HOH 11  311 32  HOH HOH A . 
C 3 HOH 12  312 84  HOH HOH A . 
C 3 HOH 13  313 28  HOH HOH A . 
C 3 HOH 14  314 62  HOH HOH A . 
C 3 HOH 15  315 66  HOH HOH A . 
C 3 HOH 16  316 47  HOH HOH A . 
C 3 HOH 17  317 101 HOH HOH A . 
C 3 HOH 18  318 86  HOH HOH A . 
C 3 HOH 19  319 110 HOH HOH A . 
C 3 HOH 20  320 13  HOH HOH A . 
C 3 HOH 21  321 73  HOH HOH A . 
C 3 HOH 22  322 94  HOH HOH A . 
C 3 HOH 23  323 41  HOH HOH A . 
C 3 HOH 24  324 21  HOH HOH A . 
C 3 HOH 25  325 51  HOH HOH A . 
C 3 HOH 26  326 77  HOH HOH A . 
C 3 HOH 27  327 5   HOH HOH A . 
C 3 HOH 28  328 1   HOH HOH A . 
C 3 HOH 29  329 40  HOH HOH A . 
C 3 HOH 30  330 17  HOH HOH A . 
C 3 HOH 31  331 102 HOH HOH A . 
C 3 HOH 32  332 37  HOH HOH A . 
C 3 HOH 33  333 42  HOH HOH A . 
C 3 HOH 34  334 68  HOH HOH A . 
C 3 HOH 35  335 95  HOH HOH A . 
C 3 HOH 36  336 22  HOH HOH A . 
C 3 HOH 37  337 7   HOH HOH A . 
C 3 HOH 38  338 72  HOH HOH A . 
C 3 HOH 39  339 96  HOH HOH A . 
C 3 HOH 40  340 18  HOH HOH A . 
C 3 HOH 41  341 4   HOH HOH A . 
C 3 HOH 42  342 23  HOH HOH A . 
C 3 HOH 43  343 111 HOH HOH A . 
C 3 HOH 44  344 99  HOH HOH A . 
C 3 HOH 45  345 56  HOH HOH A . 
C 3 HOH 46  346 24  HOH HOH A . 
C 3 HOH 47  347 11  HOH HOH A . 
C 3 HOH 48  348 97  HOH HOH A . 
C 3 HOH 49  349 3   HOH HOH A . 
C 3 HOH 50  350 10  HOH HOH A . 
C 3 HOH 51  351 60  HOH HOH A . 
C 3 HOH 52  352 33  HOH HOH A . 
C 3 HOH 53  353 81  HOH HOH A . 
C 3 HOH 54  354 52  HOH HOH A . 
C 3 HOH 55  355 90  HOH HOH A . 
C 3 HOH 56  356 55  HOH HOH A . 
C 3 HOH 57  357 19  HOH HOH A . 
C 3 HOH 58  358 26  HOH HOH A . 
C 3 HOH 59  359 44  HOH HOH A . 
C 3 HOH 60  360 27  HOH HOH A . 
C 3 HOH 61  361 106 HOH HOH A . 
C 3 HOH 62  362 78  HOH HOH A . 
C 3 HOH 63  363 16  HOH HOH A . 
C 3 HOH 64  364 38  HOH HOH A . 
C 3 HOH 65  365 48  HOH HOH A . 
C 3 HOH 66  366 50  HOH HOH A . 
C 3 HOH 67  367 105 HOH HOH A . 
C 3 HOH 68  368 104 HOH HOH A . 
C 3 HOH 69  369 65  HOH HOH A . 
C 3 HOH 70  370 12  HOH HOH A . 
C 3 HOH 71  371 9   HOH HOH A . 
C 3 HOH 72  372 64  HOH HOH A . 
C 3 HOH 73  373 54  HOH HOH A . 
C 3 HOH 74  374 6   HOH HOH A . 
C 3 HOH 75  375 67  HOH HOH A . 
C 3 HOH 76  376 88  HOH HOH A . 
C 3 HOH 77  377 83  HOH HOH A . 
C 3 HOH 78  378 15  HOH HOH A . 
C 3 HOH 79  379 31  HOH HOH A . 
C 3 HOH 80  380 79  HOH HOH A . 
C 3 HOH 81  381 49  HOH HOH A . 
C 3 HOH 82  382 61  HOH HOH A . 
C 3 HOH 83  383 59  HOH HOH A . 
C 3 HOH 84  384 58  HOH HOH A . 
C 3 HOH 85  385 87  HOH HOH A . 
C 3 HOH 86  386 14  HOH HOH A . 
C 3 HOH 87  387 45  HOH HOH A . 
C 3 HOH 88  388 30  HOH HOH A . 
C 3 HOH 89  389 25  HOH HOH A . 
C 3 HOH 90  390 53  HOH HOH A . 
C 3 HOH 91  391 109 HOH HOH A . 
C 3 HOH 92  392 34  HOH HOH A . 
C 3 HOH 93  393 35  HOH HOH A . 
C 3 HOH 94  394 70  HOH HOH A . 
C 3 HOH 95  395 89  HOH HOH A . 
C 3 HOH 96  396 2   HOH HOH A . 
C 3 HOH 97  397 43  HOH HOH A . 
C 3 HOH 98  398 36  HOH HOH A . 
C 3 HOH 99  399 76  HOH HOH A . 
C 3 HOH 100 400 107 HOH HOH A . 
C 3 HOH 101 401 80  HOH HOH A . 
C 3 HOH 102 402 91  HOH HOH A . 
C 3 HOH 103 403 39  HOH HOH A . 
C 3 HOH 104 404 85  HOH HOH A . 
C 3 HOH 105 405 108 HOH HOH A . 
C 3 HOH 106 406 103 HOH HOH A . 
C 3 HOH 107 407 63  HOH HOH A . 
C 3 HOH 108 408 29  HOH HOH A . 
C 3 HOH 109 409 98  HOH HOH A . 
C 3 HOH 110 410 112 HOH HOH A . 
C 3 HOH 111 411 100 HOH HOH A . 
C 3 HOH 112 412 75  HOH HOH A . 
C 3 HOH 113 413 69  HOH HOH A . 
# 
_pdbx_struct_assembly.id                   1 
_pdbx_struct_assembly.details              author_defined_assembly 
_pdbx_struct_assembly.method_details       ? 
_pdbx_struct_assembly.oligomeric_details   monomeric 
_pdbx_struct_assembly.oligomeric_count     1 
# 
_pdbx_struct_assembly_gen.assembly_id       1 
_pdbx_struct_assembly_gen.oper_expression   1 
_pdbx_struct_assembly_gen.asym_id_list      A,B,C 
# 
loop_
_pdbx_struct_assembly_prop.biol_id 
_pdbx_struct_assembly_prop.type 
_pdbx_struct_assembly_prop.value 
_pdbx_struct_assembly_prop.details 
1 'ABSA (A^2)' 0    ? 
1 MORE         0    ? 
1 'SSA (A^2)'  7310 ? 
# 
_pdbx_struct_oper_list.id                   1 
_pdbx_struct_oper_list.type                 'identity operation' 
_pdbx_struct_oper_list.name                 1_555 
_pdbx_struct_oper_list.symmetry_operation   x,y,z 
_pdbx_struct_oper_list.matrix[1][1]         1.0000000000 
_pdbx_struct_oper_list.matrix[1][2]         0.0000000000 
_pdbx_struct_oper_list.matrix[1][3]         0.0000000000 
_pdbx_struct_oper_list.vector[1]            0.0000000000 
_pdbx_struct_oper_list.matrix[2][1]         0.0000000000 
_pdbx_struct_oper_list.matrix[2][2]         1.0000000000 
_pdbx_struct_oper_list.matrix[2][3]         0.0000000000 
_pdbx_struct_oper_list.vector[2]            0.0000000000 
_pdbx_struct_oper_list.matrix[3][1]         0.0000000000 
_pdbx_struct_oper_list.matrix[3][2]         0.0000000000 
_pdbx_struct_oper_list.matrix[3][3]         1.0000000000 
_pdbx_struct_oper_list.vector[3]            0.0000000000 
# 
loop_
_pdbx_audit_revision_history.ordinal 
_pdbx_audit_revision_history.data_content_type 
_pdbx_audit_revision_history.major_revision 
_pdbx_audit_revision_history.minor_revision 
_pdbx_audit_revision_history.revision_date 
1 'Structure model' 1 0 2016-06-22 
2 'Structure model' 1 1 2020-02-19 
3 'Structure model' 1 2 2023-11-08 
# 
_pdbx_audit_revision_details.ordinal             1 
_pdbx_audit_revision_details.revision_ordinal    1 
_pdbx_audit_revision_details.data_content_type   'Structure model' 
_pdbx_audit_revision_details.provider            repository 
_pdbx_audit_revision_details.type                'Initial release' 
_pdbx_audit_revision_details.description         ? 
_pdbx_audit_revision_details.details             ? 
# 
loop_
_pdbx_audit_revision_group.ordinal 
_pdbx_audit_revision_group.revision_ordinal 
_pdbx_audit_revision_group.data_content_type 
_pdbx_audit_revision_group.group 
1 2 'Structure model' 'Data collection'        
2 2 'Structure model' 'Derived calculations'   
3 3 'Structure model' 'Data collection'        
4 3 'Structure model' 'Database references'    
5 3 'Structure model' 'Refinement description' 
# 
loop_
_pdbx_audit_revision_category.ordinal 
_pdbx_audit_revision_category.revision_ordinal 
_pdbx_audit_revision_category.data_content_type 
_pdbx_audit_revision_category.category 
1 2 'Structure model' diffrn_source                 
2 2 'Structure model' pdbx_struct_oper_list         
3 3 'Structure model' chem_comp_atom                
4 3 'Structure model' chem_comp_bond                
5 3 'Structure model' database_2                    
6 3 'Structure model' pdbx_initial_refinement_model 
# 
loop_
_pdbx_audit_revision_item.ordinal 
_pdbx_audit_revision_item.revision_ordinal 
_pdbx_audit_revision_item.data_content_type 
_pdbx_audit_revision_item.item 
1 2 'Structure model' '_diffrn_source.pdbx_synchrotron_site'      
2 2 'Structure model' '_pdbx_struct_oper_list.symmetry_operation' 
3 3 'Structure model' '_database_2.pdbx_DOI'                      
4 3 'Structure model' '_database_2.pdbx_database_accession'       
# 
loop_
_software.citation_id 
_software.classification 
_software.compiler_name 
_software.compiler_version 
_software.contact_author 
_software.contact_author_email 
_software.date 
_software.description 
_software.dependencies 
_software.hardware 
_software.language 
_software.location 
_software.mods 
_software.name 
_software.os 
_software.os_version 
_software.type 
_software.version 
_software.pdbx_ordinal 
? refinement        ? ? ? ? ? ? ? ? ? ? ? REFMAC      ? ? ? 5.6.0117 1 
? 'data scaling'    ? ? ? ? ? ? ? ? ? ? ? SCALEPACK   ? ? ? .        2 
? phasing           ? ? ? ? ? ? ? ? ? ? ? MOLREP      ? ? ? 10.2.35  3 
? 'data extraction' ? ? ? ? ? ? ? ? ? ? ? PDB_EXTRACT ? ? ? 3.15     4 
# 
_pdbx_validate_close_contact.id               1 
_pdbx_validate_close_contact.PDB_model_num    1 
_pdbx_validate_close_contact.auth_atom_id_1   O 
_pdbx_validate_close_contact.auth_asym_id_1   A 
_pdbx_validate_close_contact.auth_comp_id_1   HOH 
_pdbx_validate_close_contact.auth_seq_id_1    332 
_pdbx_validate_close_contact.PDB_ins_code_1   ? 
_pdbx_validate_close_contact.label_alt_id_1   ? 
_pdbx_validate_close_contact.auth_atom_id_2   O 
_pdbx_validate_close_contact.auth_asym_id_2   A 
_pdbx_validate_close_contact.auth_comp_id_2   HOH 
_pdbx_validate_close_contact.auth_seq_id_2    404 
_pdbx_validate_close_contact.PDB_ins_code_2   ? 
_pdbx_validate_close_contact.label_alt_id_2   ? 
_pdbx_validate_close_contact.dist             1.87 
# 
_pdbx_validate_symm_contact.id                1 
_pdbx_validate_symm_contact.PDB_model_num     1 
_pdbx_validate_symm_contact.auth_atom_id_1    O 
_pdbx_validate_symm_contact.auth_asym_id_1    A 
_pdbx_validate_symm_contact.auth_comp_id_1    HOH 
_pdbx_validate_symm_contact.auth_seq_id_1     312 
_pdbx_validate_symm_contact.PDB_ins_code_1    ? 
_pdbx_validate_symm_contact.label_alt_id_1    ? 
_pdbx_validate_symm_contact.site_symmetry_1   1_555 
_pdbx_validate_symm_contact.auth_atom_id_2    O 
_pdbx_validate_symm_contact.auth_asym_id_2    A 
_pdbx_validate_symm_contact.auth_comp_id_2    HOH 
_pdbx_validate_symm_contact.auth_seq_id_2     345 
_pdbx_validate_symm_contact.PDB_ins_code_2    ? 
_pdbx_validate_symm_contact.label_alt_id_2    ? 
_pdbx_validate_symm_contact.site_symmetry_2   2_554 
_pdbx_validate_symm_contact.dist              1.87 
# 
loop_
_pdbx_validate_rmsd_bond.id 
_pdbx_validate_rmsd_bond.PDB_model_num 
_pdbx_validate_rmsd_bond.auth_atom_id_1 
_pdbx_validate_rmsd_bond.auth_asym_id_1 
_pdbx_validate_rmsd_bond.auth_comp_id_1 
_pdbx_validate_rmsd_bond.auth_seq_id_1 
_pdbx_validate_rmsd_bond.PDB_ins_code_1 
_pdbx_validate_rmsd_bond.label_alt_id_1 
_pdbx_validate_rmsd_bond.auth_atom_id_2 
_pdbx_validate_rmsd_bond.auth_asym_id_2 
_pdbx_validate_rmsd_bond.auth_comp_id_2 
_pdbx_validate_rmsd_bond.auth_seq_id_2 
_pdbx_validate_rmsd_bond.PDB_ins_code_2 
_pdbx_validate_rmsd_bond.label_alt_id_2 
_pdbx_validate_rmsd_bond.bond_value 
_pdbx_validate_rmsd_bond.bond_target_value 
_pdbx_validate_rmsd_bond.bond_deviation 
_pdbx_validate_rmsd_bond.bond_standard_deviation 
_pdbx_validate_rmsd_bond.linker_flag 
1 1 CG  A HIS -1 ? ? CD2 A HIS -1 ? ? 1.429 1.354 0.075 0.009 N 
2 1 CG  A TYR 19 ? ? CD2 A TYR 19 ? ? 1.483 1.387 0.096 0.013 N 
3 1 CE1 A TYR 19 ? ? CZ  A TYR 19 ? ? 1.471 1.381 0.090 0.013 N 
# 
loop_
_pdbx_validate_rmsd_angle.id 
_pdbx_validate_rmsd_angle.PDB_model_num 
_pdbx_validate_rmsd_angle.auth_atom_id_1 
_pdbx_validate_rmsd_angle.auth_asym_id_1 
_pdbx_validate_rmsd_angle.auth_comp_id_1 
_pdbx_validate_rmsd_angle.auth_seq_id_1 
_pdbx_validate_rmsd_angle.PDB_ins_code_1 
_pdbx_validate_rmsd_angle.label_alt_id_1 
_pdbx_validate_rmsd_angle.auth_atom_id_2 
_pdbx_validate_rmsd_angle.auth_asym_id_2 
_pdbx_validate_rmsd_angle.auth_comp_id_2 
_pdbx_validate_rmsd_angle.auth_seq_id_2 
_pdbx_validate_rmsd_angle.PDB_ins_code_2 
_pdbx_validate_rmsd_angle.label_alt_id_2 
_pdbx_validate_rmsd_angle.auth_atom_id_3 
_pdbx_validate_rmsd_angle.auth_asym_id_3 
_pdbx_validate_rmsd_angle.auth_comp_id_3 
_pdbx_validate_rmsd_angle.auth_seq_id_3 
_pdbx_validate_rmsd_angle.PDB_ins_code_3 
_pdbx_validate_rmsd_angle.label_alt_id_3 
_pdbx_validate_rmsd_angle.angle_value 
_pdbx_validate_rmsd_angle.angle_target_value 
_pdbx_validate_rmsd_angle.angle_deviation 
_pdbx_validate_rmsd_angle.angle_standard_deviation 
_pdbx_validate_rmsd_angle.linker_flag 
1 1 CA A CYS 1   ? ? CB A CYS 1   ? ? SG  A CYS 1   ? ? 121.03 114.20 6.83   1.10 N 
2 1 CB A ASP 2   ? ? CG A ASP 2   ? ? OD1 A ASP 2   ? ? 124.84 118.30 6.54   0.90 N 
3 1 C  A GLY 88  ? ? N  A GLY 89  ? ? CA  A GLY 89  ? ? 109.24 122.30 -13.06 2.10 Y 
4 1 CD A LYS 100 ? ? CE A LYS 100 ? ? NZ  A LYS 100 ? ? 94.94  111.70 -16.76 2.30 N 
5 1 NE A ARG 108 ? ? CZ A ARG 108 ? ? NH1 A ARG 108 ? ? 123.36 120.30 3.06   0.50 N 
6 1 CB A LEU 113 ? ? CG A LEU 113 ? ? CD2 A LEU 113 ? ? 98.03  111.00 -12.97 1.70 N 
7 1 NE A ARG 130 ? ? CZ A ARG 130 ? ? NH1 A ARG 130 ? ? 117.06 120.30 -3.24  0.50 N 
# 
loop_
_pdbx_validate_torsion.id 
_pdbx_validate_torsion.PDB_model_num 
_pdbx_validate_torsion.auth_comp_id 
_pdbx_validate_torsion.auth_asym_id 
_pdbx_validate_torsion.auth_seq_id 
_pdbx_validate_torsion.PDB_ins_code 
_pdbx_validate_torsion.label_alt_id 
_pdbx_validate_torsion.phi 
_pdbx_validate_torsion.psi 
1 1 CYS A 1   ? ? -39.55 -31.63  
2 1 ASP A 110 ? ? 52.22  -134.78 
3 1 LYS A 120 ? ? 47.06  -113.14 
# 
loop_
_pdbx_unobs_or_zero_occ_residues.id 
_pdbx_unobs_or_zero_occ_residues.PDB_model_num 
_pdbx_unobs_or_zero_occ_residues.polymer_flag 
_pdbx_unobs_or_zero_occ_residues.occupancy_flag 
_pdbx_unobs_or_zero_occ_residues.auth_asym_id 
_pdbx_unobs_or_zero_occ_residues.auth_comp_id 
_pdbx_unobs_or_zero_occ_residues.auth_seq_id 
_pdbx_unobs_or_zero_occ_residues.PDB_ins_code 
_pdbx_unobs_or_zero_occ_residues.label_asym_id 
_pdbx_unobs_or_zero_occ_residues.label_comp_id 
_pdbx_unobs_or_zero_occ_residues.label_seq_id 
1  1 Y 1 A MET -20 ? A MET 1  
2  1 Y 1 A GLY -19 ? A GLY 2  
3  1 Y 1 A SER -18 ? A SER 3  
4  1 Y 1 A SER -17 ? A SER 4  
5  1 Y 1 A HIS -16 ? A HIS 5  
6  1 Y 1 A HIS -15 ? A HIS 6  
7  1 Y 1 A HIS -14 ? A HIS 7  
8  1 Y 1 A HIS -13 ? A HIS 8  
9  1 Y 1 A HIS -12 ? A HIS 9  
10 1 Y 1 A HIS -11 ? A HIS 10 
11 1 Y 1 A SER -10 ? A SER 11 
12 1 Y 1 A SER -9  ? A SER 12 
13 1 Y 1 A GLY -8  ? A GLY 13 
14 1 Y 1 A LEU -7  ? A LEU 14 
15 1 Y 1 A VAL -6  ? A VAL 15 
16 1 Y 1 A PRO -5  ? A PRO 16 
# 
loop_
_chem_comp_atom.comp_id 
_chem_comp_atom.atom_id 
_chem_comp_atom.type_symbol 
_chem_comp_atom.pdbx_aromatic_flag 
_chem_comp_atom.pdbx_stereo_config 
_chem_comp_atom.pdbx_ordinal 
57Q O1   O N N 1   
57Q C17  C N N 2   
57Q O2   O N N 3   
57Q C16  C N N 4   
57Q C15  C N N 5   
57Q N    N Y N 6   
57Q C14  C Y N 7   
57Q C13  C Y N 8   
57Q C12  C Y N 9   
57Q C11  C Y N 10  
57Q C10  C Y N 11  
57Q C9   C Y N 12  
57Q C8   C Y N 13  
57Q C7   C Y N 14  
57Q C4   C Y N 15  
57Q C3   C Y N 16  
57Q C2   C Y N 17  
57Q C5   C Y N 18  
57Q C6   C Y N 19  
57Q C1   C Y N 20  
57Q H1   H N N 21  
57Q H2   H N N 22  
57Q H3   H N N 23  
57Q H4   H N N 24  
57Q H5   H N N 25  
57Q H6   H N N 26  
57Q H7   H N N 27  
57Q H8   H N N 28  
57Q H9   H N N 29  
57Q H10  H N N 30  
57Q H11  H N N 31  
57Q H12  H N N 32  
57Q H13  H N N 33  
57Q H14  H N N 34  
57Q H15  H N N 35  
ALA N    N N N 36  
ALA CA   C N S 37  
ALA C    C N N 38  
ALA O    O N N 39  
ALA CB   C N N 40  
ALA OXT  O N N 41  
ALA H    H N N 42  
ALA H2   H N N 43  
ALA HA   H N N 44  
ALA HB1  H N N 45  
ALA HB2  H N N 46  
ALA HB3  H N N 47  
ALA HXT  H N N 48  
ARG N    N N N 49  
ARG CA   C N S 50  
ARG C    C N N 51  
ARG O    O N N 52  
ARG CB   C N N 53  
ARG CG   C N N 54  
ARG CD   C N N 55  
ARG NE   N N N 56  
ARG CZ   C N N 57  
ARG NH1  N N N 58  
ARG NH2  N N N 59  
ARG OXT  O N N 60  
ARG H    H N N 61  
ARG H2   H N N 62  
ARG HA   H N N 63  
ARG HB2  H N N 64  
ARG HB3  H N N 65  
ARG HG2  H N N 66  
ARG HG3  H N N 67  
ARG HD2  H N N 68  
ARG HD3  H N N 69  
ARG HE   H N N 70  
ARG HH11 H N N 71  
ARG HH12 H N N 72  
ARG HH21 H N N 73  
ARG HH22 H N N 74  
ARG HXT  H N N 75  
ASN N    N N N 76  
ASN CA   C N S 77  
ASN C    C N N 78  
ASN O    O N N 79  
ASN CB   C N N 80  
ASN CG   C N N 81  
ASN OD1  O N N 82  
ASN ND2  N N N 83  
ASN OXT  O N N 84  
ASN H    H N N 85  
ASN H2   H N N 86  
ASN HA   H N N 87  
ASN HB2  H N N 88  
ASN HB3  H N N 89  
ASN HD21 H N N 90  
ASN HD22 H N N 91  
ASN HXT  H N N 92  
ASP N    N N N 93  
ASP CA   C N S 94  
ASP C    C N N 95  
ASP O    O N N 96  
ASP CB   C N N 97  
ASP CG   C N N 98  
ASP OD1  O N N 99  
ASP OD2  O N N 100 
ASP OXT  O N N 101 
ASP H    H N N 102 
ASP H2   H N N 103 
ASP HA   H N N 104 
ASP HB2  H N N 105 
ASP HB3  H N N 106 
ASP HD2  H N N 107 
ASP HXT  H N N 108 
CYS N    N N N 109 
CYS CA   C N R 110 
CYS C    C N N 111 
CYS O    O N N 112 
CYS CB   C N N 113 
CYS SG   S N N 114 
CYS OXT  O N N 115 
CYS H    H N N 116 
CYS H2   H N N 117 
CYS HA   H N N 118 
CYS HB2  H N N 119 
CYS HB3  H N N 120 
CYS HG   H N N 121 
CYS HXT  H N N 122 
GLN N    N N N 123 
GLN CA   C N S 124 
GLN C    C N N 125 
GLN O    O N N 126 
GLN CB   C N N 127 
GLN CG   C N N 128 
GLN CD   C N N 129 
GLN OE1  O N N 130 
GLN NE2  N N N 131 
GLN OXT  O N N 132 
GLN H    H N N 133 
GLN H2   H N N 134 
GLN HA   H N N 135 
GLN HB2  H N N 136 
GLN HB3  H N N 137 
GLN HG2  H N N 138 
GLN HG3  H N N 139 
GLN HE21 H N N 140 
GLN HE22 H N N 141 
GLN HXT  H N N 142 
GLU N    N N N 143 
GLU CA   C N S 144 
GLU C    C N N 145 
GLU O    O N N 146 
GLU CB   C N N 147 
GLU CG   C N N 148 
GLU CD   C N N 149 
GLU OE1  O N N 150 
GLU OE2  O N N 151 
GLU OXT  O N N 152 
GLU H    H N N 153 
GLU H2   H N N 154 
GLU HA   H N N 155 
GLU HB2  H N N 156 
GLU HB3  H N N 157 
GLU HG2  H N N 158 
GLU HG3  H N N 159 
GLU HE2  H N N 160 
GLU HXT  H N N 161 
GLY N    N N N 162 
GLY CA   C N N 163 
GLY C    C N N 164 
GLY O    O N N 165 
GLY OXT  O N N 166 
GLY H    H N N 167 
GLY H2   H N N 168 
GLY HA2  H N N 169 
GLY HA3  H N N 170 
GLY HXT  H N N 171 
HIS N    N N N 172 
HIS CA   C N S 173 
HIS C    C N N 174 
HIS O    O N N 175 
HIS CB   C N N 176 
HIS CG   C Y N 177 
HIS ND1  N Y N 178 
HIS CD2  C Y N 179 
HIS CE1  C Y N 180 
HIS NE2  N Y N 181 
HIS OXT  O N N 182 
HIS H    H N N 183 
HIS H2   H N N 184 
HIS HA   H N N 185 
HIS HB2  H N N 186 
HIS HB3  H N N 187 
HIS HD1  H N N 188 
HIS HD2  H N N 189 
HIS HE1  H N N 190 
HIS HE2  H N N 191 
HIS HXT  H N N 192 
HOH O    O N N 193 
HOH H1   H N N 194 
HOH H2   H N N 195 
ILE N    N N N 196 
ILE CA   C N S 197 
ILE C    C N N 198 
ILE O    O N N 199 
ILE CB   C N S 200 
ILE CG1  C N N 201 
ILE CG2  C N N 202 
ILE CD1  C N N 203 
ILE OXT  O N N 204 
ILE H    H N N 205 
ILE H2   H N N 206 
ILE HA   H N N 207 
ILE HB   H N N 208 
ILE HG12 H N N 209 
ILE HG13 H N N 210 
ILE HG21 H N N 211 
ILE HG22 H N N 212 
ILE HG23 H N N 213 
ILE HD11 H N N 214 
ILE HD12 H N N 215 
ILE HD13 H N N 216 
ILE HXT  H N N 217 
LEU N    N N N 218 
LEU CA   C N S 219 
LEU C    C N N 220 
LEU O    O N N 221 
LEU CB   C N N 222 
LEU CG   C N N 223 
LEU CD1  C N N 224 
LEU CD2  C N N 225 
LEU OXT  O N N 226 
LEU H    H N N 227 
LEU H2   H N N 228 
LEU HA   H N N 229 
LEU HB2  H N N 230 
LEU HB3  H N N 231 
LEU HG   H N N 232 
LEU HD11 H N N 233 
LEU HD12 H N N 234 
LEU HD13 H N N 235 
LEU HD21 H N N 236 
LEU HD22 H N N 237 
LEU HD23 H N N 238 
LEU HXT  H N N 239 
LYS N    N N N 240 
LYS CA   C N S 241 
LYS C    C N N 242 
LYS O    O N N 243 
LYS CB   C N N 244 
LYS CG   C N N 245 
LYS CD   C N N 246 
LYS CE   C N N 247 
LYS NZ   N N N 248 
LYS OXT  O N N 249 
LYS H    H N N 250 
LYS H2   H N N 251 
LYS HA   H N N 252 
LYS HB2  H N N 253 
LYS HB3  H N N 254 
LYS HG2  H N N 255 
LYS HG3  H N N 256 
LYS HD2  H N N 257 
LYS HD3  H N N 258 
LYS HE2  H N N 259 
LYS HE3  H N N 260 
LYS HZ1  H N N 261 
LYS HZ2  H N N 262 
LYS HZ3  H N N 263 
LYS HXT  H N N 264 
MET N    N N N 265 
MET CA   C N S 266 
MET C    C N N 267 
MET O    O N N 268 
MET CB   C N N 269 
MET CG   C N N 270 
MET SD   S N N 271 
MET CE   C N N 272 
MET OXT  O N N 273 
MET H    H N N 274 
MET H2   H N N 275 
MET HA   H N N 276 
MET HB2  H N N 277 
MET HB3  H N N 278 
MET HG2  H N N 279 
MET HG3  H N N 280 
MET HE1  H N N 281 
MET HE2  H N N 282 
MET HE3  H N N 283 
MET HXT  H N N 284 
PHE N    N N N 285 
PHE CA   C N S 286 
PHE C    C N N 287 
PHE O    O N N 288 
PHE CB   C N N 289 
PHE CG   C Y N 290 
PHE CD1  C Y N 291 
PHE CD2  C Y N 292 
PHE CE1  C Y N 293 
PHE CE2  C Y N 294 
PHE CZ   C Y N 295 
PHE OXT  O N N 296 
PHE H    H N N 297 
PHE H2   H N N 298 
PHE HA   H N N 299 
PHE HB2  H N N 300 
PHE HB3  H N N 301 
PHE HD1  H N N 302 
PHE HD2  H N N 303 
PHE HE1  H N N 304 
PHE HE2  H N N 305 
PHE HZ   H N N 306 
PHE HXT  H N N 307 
PRO N    N N N 308 
PRO CA   C N S 309 
PRO C    C N N 310 
PRO O    O N N 311 
PRO CB   C N N 312 
PRO CG   C N N 313 
PRO CD   C N N 314 
PRO OXT  O N N 315 
PRO H    H N N 316 
PRO HA   H N N 317 
PRO HB2  H N N 318 
PRO HB3  H N N 319 
PRO HG2  H N N 320 
PRO HG3  H N N 321 
PRO HD2  H N N 322 
PRO HD3  H N N 323 
PRO HXT  H N N 324 
SER N    N N N 325 
SER CA   C N S 326 
SER C    C N N 327 
SER O    O N N 328 
SER CB   C N N 329 
SER OG   O N N 330 
SER OXT  O N N 331 
SER H    H N N 332 
SER H2   H N N 333 
SER HA   H N N 334 
SER HB2  H N N 335 
SER HB3  H N N 336 
SER HG   H N N 337 
SER HXT  H N N 338 
THR N    N N N 339 
THR CA   C N S 340 
THR C    C N N 341 
THR O    O N N 342 
THR CB   C N R 343 
THR OG1  O N N 344 
THR CG2  C N N 345 
THR OXT  O N N 346 
THR H    H N N 347 
THR H2   H N N 348 
THR HA   H N N 349 
THR HB   H N N 350 
THR HG1  H N N 351 
THR HG21 H N N 352 
THR HG22 H N N 353 
THR HG23 H N N 354 
THR HXT  H N N 355 
TRP N    N N N 356 
TRP CA   C N S 357 
TRP C    C N N 358 
TRP O    O N N 359 
TRP CB   C N N 360 
TRP CG   C Y N 361 
TRP CD1  C Y N 362 
TRP CD2  C Y N 363 
TRP NE1  N Y N 364 
TRP CE2  C Y N 365 
TRP CE3  C Y N 366 
TRP CZ2  C Y N 367 
TRP CZ3  C Y N 368 
TRP CH2  C Y N 369 
TRP OXT  O N N 370 
TRP H    H N N 371 
TRP H2   H N N 372 
TRP HA   H N N 373 
TRP HB2  H N N 374 
TRP HB3  H N N 375 
TRP HD1  H N N 376 
TRP HE1  H N N 377 
TRP HE3  H N N 378 
TRP HZ2  H N N 379 
TRP HZ3  H N N 380 
TRP HH2  H N N 381 
TRP HXT  H N N 382 
TYR N    N N N 383 
TYR CA   C N S 384 
TYR C    C N N 385 
TYR O    O N N 386 
TYR CB   C N N 387 
TYR CG   C Y N 388 
TYR CD1  C Y N 389 
TYR CD2  C Y N 390 
TYR CE1  C Y N 391 
TYR CE2  C Y N 392 
TYR CZ   C Y N 393 
TYR OH   O N N 394 
TYR OXT  O N N 395 
TYR H    H N N 396 
TYR H2   H N N 397 
TYR HA   H N N 398 
TYR HB2  H N N 399 
TYR HB3  H N N 400 
TYR HD1  H N N 401 
TYR HD2  H N N 402 
TYR HE1  H N N 403 
TYR HE2  H N N 404 
TYR HH   H N N 405 
TYR HXT  H N N 406 
VAL N    N N N 407 
VAL CA   C N S 408 
VAL C    C N N 409 
VAL O    O N N 410 
VAL CB   C N N 411 
VAL CG1  C N N 412 
VAL CG2  C N N 413 
VAL OXT  O N N 414 
VAL H    H N N 415 
VAL H2   H N N 416 
VAL HA   H N N 417 
VAL HB   H N N 418 
VAL HG11 H N N 419 
VAL HG12 H N N 420 
VAL HG13 H N N 421 
VAL HG21 H N N 422 
VAL HG22 H N N 423 
VAL HG23 H N N 424 
VAL HXT  H N N 425 
# 
loop_
_chem_comp_bond.comp_id 
_chem_comp_bond.atom_id_1 
_chem_comp_bond.atom_id_2 
_chem_comp_bond.value_order 
_chem_comp_bond.pdbx_aromatic_flag 
_chem_comp_bond.pdbx_stereo_config 
_chem_comp_bond.pdbx_ordinal 
57Q O1  C17  doub N N 1   
57Q O2  C17  sing N N 2   
57Q C17 C16  sing N N 3   
57Q C6  C5   doub Y N 4   
57Q C6  C1   sing Y N 5   
57Q C16 C15  sing N N 6   
57Q C5  C4   sing Y N 7   
57Q C1  C2   doub Y N 8   
57Q C15 N    sing N N 9   
57Q C2  C3   sing Y N 10  
57Q C4  C3   doub Y N 11  
57Q C4  C7   sing N N 12  
57Q N   C7   sing Y N 13  
57Q N   C14  sing Y N 14  
57Q C7  C8   doub Y N 15  
57Q C13 C14  doub Y N 16  
57Q C13 C12  sing Y N 17  
57Q C14 C9   sing Y N 18  
57Q C8  C9   sing Y N 19  
57Q C12 C11  doub Y N 20  
57Q C9  C10  doub Y N 21  
57Q C11 C10  sing Y N 22  
57Q O2  H1   sing N N 23  
57Q C16 H2   sing N N 24  
57Q C16 H3   sing N N 25  
57Q C15 H4   sing N N 26  
57Q C15 H5   sing N N 27  
57Q C13 H6   sing N N 28  
57Q C12 H7   sing N N 29  
57Q C11 H8   sing N N 30  
57Q C10 H9   sing N N 31  
57Q C8  H10  sing N N 32  
57Q C3  H11  sing N N 33  
57Q C2  H12  sing N N 34  
57Q C5  H13  sing N N 35  
57Q C6  H14  sing N N 36  
57Q C1  H15  sing N N 37  
ALA N   CA   sing N N 38  
ALA N   H    sing N N 39  
ALA N   H2   sing N N 40  
ALA CA  C    sing N N 41  
ALA CA  CB   sing N N 42  
ALA CA  HA   sing N N 43  
ALA C   O    doub N N 44  
ALA C   OXT  sing N N 45  
ALA CB  HB1  sing N N 46  
ALA CB  HB2  sing N N 47  
ALA CB  HB3  sing N N 48  
ALA OXT HXT  sing N N 49  
ARG N   CA   sing N N 50  
ARG N   H    sing N N 51  
ARG N   H2   sing N N 52  
ARG CA  C    sing N N 53  
ARG CA  CB   sing N N 54  
ARG CA  HA   sing N N 55  
ARG C   O    doub N N 56  
ARG C   OXT  sing N N 57  
ARG CB  CG   sing N N 58  
ARG CB  HB2  sing N N 59  
ARG CB  HB3  sing N N 60  
ARG CG  CD   sing N N 61  
ARG CG  HG2  sing N N 62  
ARG CG  HG3  sing N N 63  
ARG CD  NE   sing N N 64  
ARG CD  HD2  sing N N 65  
ARG CD  HD3  sing N N 66  
ARG NE  CZ   sing N N 67  
ARG NE  HE   sing N N 68  
ARG CZ  NH1  sing N N 69  
ARG CZ  NH2  doub N N 70  
ARG NH1 HH11 sing N N 71  
ARG NH1 HH12 sing N N 72  
ARG NH2 HH21 sing N N 73  
ARG NH2 HH22 sing N N 74  
ARG OXT HXT  sing N N 75  
ASN N   CA   sing N N 76  
ASN N   H    sing N N 77  
ASN N   H2   sing N N 78  
ASN CA  C    sing N N 79  
ASN CA  CB   sing N N 80  
ASN CA  HA   sing N N 81  
ASN C   O    doub N N 82  
ASN C   OXT  sing N N 83  
ASN CB  CG   sing N N 84  
ASN CB  HB2  sing N N 85  
ASN CB  HB3  sing N N 86  
ASN CG  OD1  doub N N 87  
ASN CG  ND2  sing N N 88  
ASN ND2 HD21 sing N N 89  
ASN ND2 HD22 sing N N 90  
ASN OXT HXT  sing N N 91  
ASP N   CA   sing N N 92  
ASP N   H    sing N N 93  
ASP N   H2   sing N N 94  
ASP CA  C    sing N N 95  
ASP CA  CB   sing N N 96  
ASP CA  HA   sing N N 97  
ASP C   O    doub N N 98  
ASP C   OXT  sing N N 99  
ASP CB  CG   sing N N 100 
ASP CB  HB2  sing N N 101 
ASP CB  HB3  sing N N 102 
ASP CG  OD1  doub N N 103 
ASP CG  OD2  sing N N 104 
ASP OD2 HD2  sing N N 105 
ASP OXT HXT  sing N N 106 
CYS N   CA   sing N N 107 
CYS N   H    sing N N 108 
CYS N   H2   sing N N 109 
CYS CA  C    sing N N 110 
CYS CA  CB   sing N N 111 
CYS CA  HA   sing N N 112 
CYS C   O    doub N N 113 
CYS C   OXT  sing N N 114 
CYS CB  SG   sing N N 115 
CYS CB  HB2  sing N N 116 
CYS CB  HB3  sing N N 117 
CYS SG  HG   sing N N 118 
CYS OXT HXT  sing N N 119 
GLN N   CA   sing N N 120 
GLN N   H    sing N N 121 
GLN N   H2   sing N N 122 
GLN CA  C    sing N N 123 
GLN CA  CB   sing N N 124 
GLN CA  HA   sing N N 125 
GLN C   O    doub N N 126 
GLN C   OXT  sing N N 127 
GLN CB  CG   sing N N 128 
GLN CB  HB2  sing N N 129 
GLN CB  HB3  sing N N 130 
GLN CG  CD   sing N N 131 
GLN CG  HG2  sing N N 132 
GLN CG  HG3  sing N N 133 
GLN CD  OE1  doub N N 134 
GLN CD  NE2  sing N N 135 
GLN NE2 HE21 sing N N 136 
GLN NE2 HE22 sing N N 137 
GLN OXT HXT  sing N N 138 
GLU N   CA   sing N N 139 
GLU N   H    sing N N 140 
GLU N   H2   sing N N 141 
GLU CA  C    sing N N 142 
GLU CA  CB   sing N N 143 
GLU CA  HA   sing N N 144 
GLU C   O    doub N N 145 
GLU C   OXT  sing N N 146 
GLU CB  CG   sing N N 147 
GLU CB  HB2  sing N N 148 
GLU CB  HB3  sing N N 149 
GLU CG  CD   sing N N 150 
GLU CG  HG2  sing N N 151 
GLU CG  HG3  sing N N 152 
GLU CD  OE1  doub N N 153 
GLU CD  OE2  sing N N 154 
GLU OE2 HE2  sing N N 155 
GLU OXT HXT  sing N N 156 
GLY N   CA   sing N N 157 
GLY N   H    sing N N 158 
GLY N   H2   sing N N 159 
GLY CA  C    sing N N 160 
GLY CA  HA2  sing N N 161 
GLY CA  HA3  sing N N 162 
GLY C   O    doub N N 163 
GLY C   OXT  sing N N 164 
GLY OXT HXT  sing N N 165 
HIS N   CA   sing N N 166 
HIS N   H    sing N N 167 
HIS N   H2   sing N N 168 
HIS CA  C    sing N N 169 
HIS CA  CB   sing N N 170 
HIS CA  HA   sing N N 171 
HIS C   O    doub N N 172 
HIS C   OXT  sing N N 173 
HIS CB  CG   sing N N 174 
HIS CB  HB2  sing N N 175 
HIS CB  HB3  sing N N 176 
HIS CG  ND1  sing Y N 177 
HIS CG  CD2  doub Y N 178 
HIS ND1 CE1  doub Y N 179 
HIS ND1 HD1  sing N N 180 
HIS CD2 NE2  sing Y N 181 
HIS CD2 HD2  sing N N 182 
HIS CE1 NE2  sing Y N 183 
HIS CE1 HE1  sing N N 184 
HIS NE2 HE2  sing N N 185 
HIS OXT HXT  sing N N 186 
HOH O   H1   sing N N 187 
HOH O   H2   sing N N 188 
ILE N   CA   sing N N 189 
ILE N   H    sing N N 190 
ILE N   H2   sing N N 191 
ILE CA  C    sing N N 192 
ILE CA  CB   sing N N 193 
ILE CA  HA   sing N N 194 
ILE C   O    doub N N 195 
ILE C   OXT  sing N N 196 
ILE CB  CG1  sing N N 197 
ILE CB  CG2  sing N N 198 
ILE CB  HB   sing N N 199 
ILE CG1 CD1  sing N N 200 
ILE CG1 HG12 sing N N 201 
ILE CG1 HG13 sing N N 202 
ILE CG2 HG21 sing N N 203 
ILE CG2 HG22 sing N N 204 
ILE CG2 HG23 sing N N 205 
ILE CD1 HD11 sing N N 206 
ILE CD1 HD12 sing N N 207 
ILE CD1 HD13 sing N N 208 
ILE OXT HXT  sing N N 209 
LEU N   CA   sing N N 210 
LEU N   H    sing N N 211 
LEU N   H2   sing N N 212 
LEU CA  C    sing N N 213 
LEU CA  CB   sing N N 214 
LEU CA  HA   sing N N 215 
LEU C   O    doub N N 216 
LEU C   OXT  sing N N 217 
LEU CB  CG   sing N N 218 
LEU CB  HB2  sing N N 219 
LEU CB  HB3  sing N N 220 
LEU CG  CD1  sing N N 221 
LEU CG  CD2  sing N N 222 
LEU CG  HG   sing N N 223 
LEU CD1 HD11 sing N N 224 
LEU CD1 HD12 sing N N 225 
LEU CD1 HD13 sing N N 226 
LEU CD2 HD21 sing N N 227 
LEU CD2 HD22 sing N N 228 
LEU CD2 HD23 sing N N 229 
LEU OXT HXT  sing N N 230 
LYS N   CA   sing N N 231 
LYS N   H    sing N N 232 
LYS N   H2   sing N N 233 
LYS CA  C    sing N N 234 
LYS CA  CB   sing N N 235 
LYS CA  HA   sing N N 236 
LYS C   O    doub N N 237 
LYS C   OXT  sing N N 238 
LYS CB  CG   sing N N 239 
LYS CB  HB2  sing N N 240 
LYS CB  HB3  sing N N 241 
LYS CG  CD   sing N N 242 
LYS CG  HG2  sing N N 243 
LYS CG  HG3  sing N N 244 
LYS CD  CE   sing N N 245 
LYS CD  HD2  sing N N 246 
LYS CD  HD3  sing N N 247 
LYS CE  NZ   sing N N 248 
LYS CE  HE2  sing N N 249 
LYS CE  HE3  sing N N 250 
LYS NZ  HZ1  sing N N 251 
LYS NZ  HZ2  sing N N 252 
LYS NZ  HZ3  sing N N 253 
LYS OXT HXT  sing N N 254 
MET N   CA   sing N N 255 
MET N   H    sing N N 256 
MET N   H2   sing N N 257 
MET CA  C    sing N N 258 
MET CA  CB   sing N N 259 
MET CA  HA   sing N N 260 
MET C   O    doub N N 261 
MET C   OXT  sing N N 262 
MET CB  CG   sing N N 263 
MET CB  HB2  sing N N 264 
MET CB  HB3  sing N N 265 
MET CG  SD   sing N N 266 
MET CG  HG2  sing N N 267 
MET CG  HG3  sing N N 268 
MET SD  CE   sing N N 269 
MET CE  HE1  sing N N 270 
MET CE  HE2  sing N N 271 
MET CE  HE3  sing N N 272 
MET OXT HXT  sing N N 273 
PHE N   CA   sing N N 274 
PHE N   H    sing N N 275 
PHE N   H2   sing N N 276 
PHE CA  C    sing N N 277 
PHE CA  CB   sing N N 278 
PHE CA  HA   sing N N 279 
PHE C   O    doub N N 280 
PHE C   OXT  sing N N 281 
PHE CB  CG   sing N N 282 
PHE CB  HB2  sing N N 283 
PHE CB  HB3  sing N N 284 
PHE CG  CD1  doub Y N 285 
PHE CG  CD2  sing Y N 286 
PHE CD1 CE1  sing Y N 287 
PHE CD1 HD1  sing N N 288 
PHE CD2 CE2  doub Y N 289 
PHE CD2 HD2  sing N N 290 
PHE CE1 CZ   doub Y N 291 
PHE CE1 HE1  sing N N 292 
PHE CE2 CZ   sing Y N 293 
PHE CE2 HE2  sing N N 294 
PHE CZ  HZ   sing N N 295 
PHE OXT HXT  sing N N 296 
PRO N   CA   sing N N 297 
PRO N   CD   sing N N 298 
PRO N   H    sing N N 299 
PRO CA  C    sing N N 300 
PRO CA  CB   sing N N 301 
PRO CA  HA   sing N N 302 
PRO C   O    doub N N 303 
PRO C   OXT  sing N N 304 
PRO CB  CG   sing N N 305 
PRO CB  HB2  sing N N 306 
PRO CB  HB3  sing N N 307 
PRO CG  CD   sing N N 308 
PRO CG  HG2  sing N N 309 
PRO CG  HG3  sing N N 310 
PRO CD  HD2  sing N N 311 
PRO CD  HD3  sing N N 312 
PRO OXT HXT  sing N N 313 
SER N   CA   sing N N 314 
SER N   H    sing N N 315 
SER N   H2   sing N N 316 
SER CA  C    sing N N 317 
SER CA  CB   sing N N 318 
SER CA  HA   sing N N 319 
SER C   O    doub N N 320 
SER C   OXT  sing N N 321 
SER CB  OG   sing N N 322 
SER CB  HB2  sing N N 323 
SER CB  HB3  sing N N 324 
SER OG  HG   sing N N 325 
SER OXT HXT  sing N N 326 
THR N   CA   sing N N 327 
THR N   H    sing N N 328 
THR N   H2   sing N N 329 
THR CA  C    sing N N 330 
THR CA  CB   sing N N 331 
THR CA  HA   sing N N 332 
THR C   O    doub N N 333 
THR C   OXT  sing N N 334 
THR CB  OG1  sing N N 335 
THR CB  CG2  sing N N 336 
THR CB  HB   sing N N 337 
THR OG1 HG1  sing N N 338 
THR CG2 HG21 sing N N 339 
THR CG2 HG22 sing N N 340 
THR CG2 HG23 sing N N 341 
THR OXT HXT  sing N N 342 
TRP N   CA   sing N N 343 
TRP N   H    sing N N 344 
TRP N   H2   sing N N 345 
TRP CA  C    sing N N 346 
TRP CA  CB   sing N N 347 
TRP CA  HA   sing N N 348 
TRP C   O    doub N N 349 
TRP C   OXT  sing N N 350 
TRP CB  CG   sing N N 351 
TRP CB  HB2  sing N N 352 
TRP CB  HB3  sing N N 353 
TRP CG  CD1  doub Y N 354 
TRP CG  CD2  sing Y N 355 
TRP CD1 NE1  sing Y N 356 
TRP CD1 HD1  sing N N 357 
TRP CD2 CE2  doub Y N 358 
TRP CD2 CE3  sing Y N 359 
TRP NE1 CE2  sing Y N 360 
TRP NE1 HE1  sing N N 361 
TRP CE2 CZ2  sing Y N 362 
TRP CE3 CZ3  doub Y N 363 
TRP CE3 HE3  sing N N 364 
TRP CZ2 CH2  doub Y N 365 
TRP CZ2 HZ2  sing N N 366 
TRP CZ3 CH2  sing Y N 367 
TRP CZ3 HZ3  sing N N 368 
TRP CH2 HH2  sing N N 369 
TRP OXT HXT  sing N N 370 
TYR N   CA   sing N N 371 
TYR N   H    sing N N 372 
TYR N   H2   sing N N 373 
TYR CA  C    sing N N 374 
TYR CA  CB   sing N N 375 
TYR CA  HA   sing N N 376 
TYR C   O    doub N N 377 
TYR C   OXT  sing N N 378 
TYR CB  CG   sing N N 379 
TYR CB  HB2  sing N N 380 
TYR CB  HB3  sing N N 381 
TYR CG  CD1  doub Y N 382 
TYR CG  CD2  sing Y N 383 
TYR CD1 CE1  sing Y N 384 
TYR CD1 HD1  sing N N 385 
TYR CD2 CE2  doub Y N 386 
TYR CD2 HD2  sing N N 387 
TYR CE1 CZ   doub Y N 388 
TYR CE1 HE1  sing N N 389 
TYR CE2 CZ   sing Y N 390 
TYR CE2 HE2  sing N N 391 
TYR CZ  OH   sing N N 392 
TYR OH  HH   sing N N 393 
TYR OXT HXT  sing N N 394 
VAL N   CA   sing N N 395 
VAL N   H    sing N N 396 
VAL N   H2   sing N N 397 
VAL CA  C    sing N N 398 
VAL CA  CB   sing N N 399 
VAL CA  HA   sing N N 400 
VAL C   O    doub N N 401 
VAL C   OXT  sing N N 402 
VAL CB  CG1  sing N N 403 
VAL CB  CG2  sing N N 404 
VAL CB  HB   sing N N 405 
VAL CG1 HG11 sing N N 406 
VAL CG1 HG12 sing N N 407 
VAL CG1 HG13 sing N N 408 
VAL CG2 HG21 sing N N 409 
VAL CG2 HG22 sing N N 410 
VAL CG2 HG23 sing N N 411 
VAL OXT HXT  sing N N 412 
# 
loop_
_pdbx_entity_nonpoly.entity_id 
_pdbx_entity_nonpoly.name 
_pdbx_entity_nonpoly.comp_id 
2 '3-(2-phenyl-1H-indol-1-yl)propanoic acid' 57Q 
3 water                                      HOH 
# 
_pdbx_initial_refinement_model.id               1 
_pdbx_initial_refinement_model.entity_id_list   ? 
_pdbx_initial_refinement_model.type             'experimental model' 
_pdbx_initial_refinement_model.source_name      PDB 
_pdbx_initial_refinement_model.accession_code   2HNX 
_pdbx_initial_refinement_model.details          ? 
# 
